data_6EZT
#
_entry.id   6EZT
#
_cell.length_a   89.420
_cell.length_b   129.240
_cell.length_c   98.360
_cell.angle_alpha   90.000
_cell.angle_beta   112.200
_cell.angle_gamma   90.000
#
_symmetry.space_group_name_H-M   'P 1 21 1'
#
loop_
_entity.id
_entity.type
_entity.pdbx_description
1 polymer 'Beta-N-acetylglucosaminidase Nag2'
2 non-polymer 'TETRAETHYLENE GLYCOL'
3 non-polymer DI(HYDROXYETHYL)ETHER
4 water water
#
_entity_poly.entity_id   1
_entity_poly.type   'polypeptide(L)'
_entity_poly.pdbx_seq_one_letter_code
;SEYRVDLVVLSEQKQNCRFGLTFHNLSDQDLNSWGLTFAFDRYILPDSVSNGQLTQIGSFCTLKPEGIVLAANHHYYCEF
SIGSNPFRYYSDGFNEAMIDFVVDGQPQRAQVDVTPIVLASPYRERSDIPASLTHAQPLLPKPNHIEVSDHSFTFDEQAG
VAIYTDLANSAKAWLLEELQRIHQFTLSSSNSGKIIFKSNPTLDEGAYKLKVSEESIKIEAGSSSGFTHACATLLQLLKR
DEATKTMEAVCCSIIDSPRFRYRGMMLDCARHFHSVEQVKRLINLLAHYKLNTFHWHLTDDEGWRVEIKSLPQLTEIGAW
RGIDETIEPQYTHLSQRYGGFYTQEEIRDVIAFAEQRGITIIPEIDVPGHCRAAIKSLPHLLIEAEDTTEYRSIQHYNDN
VINPALPGSYEFIDKVLEEIAALFPAPYVHIGAAEVPNGVWSKSPACQALMEQLGYTDYKELQGHFLRHAEDKLRKLGKR
MLGWEEAQHGNKVSKDTVIYSWLSEEAALNCARQGFDVVLQPAQTTYLDMTQDYAPEEPGVDWANPLPLEKAYNYEPLAE
VPADDPIRKRIWGIQTALWCEIINNPSRMDYMIFPRLTAMAEACWTEKQHRDWTDYLSRLKGHLPLLDLQGVNYRKPWKR
SRSHHHHHH
;
_entity_poly.pdbx_strand_id   A,B
#
loop_
_chem_comp.id
_chem_comp.type
_chem_comp.name
_chem_comp.formula
PEG non-polymer DI(HYDROXYETHYL)ETHER 'C4 H10 O3'
PG4 non-polymer 'TETRAETHYLENE GLYCOL' 'C8 H18 O5'
#
# COMPACT_ATOMS: atom_id res chain seq x y z
N SER A 1 6.14 33.70 -4.45
CA SER A 1 4.92 33.59 -5.34
C SER A 1 5.07 33.93 -6.84
N GLU A 2 6.27 34.28 -7.29
CA GLU A 2 6.53 34.51 -8.72
C GLU A 2 6.51 33.20 -9.49
N TYR A 3 6.94 32.12 -8.83
CA TYR A 3 7.13 30.81 -9.46
C TYR A 3 6.32 29.74 -8.72
N ARG A 4 5.67 28.86 -9.48
CA ARG A 4 4.78 27.86 -8.92
C ARG A 4 4.92 26.58 -9.71
N VAL A 5 4.84 25.45 -9.01
CA VAL A 5 4.89 24.12 -9.61
C VAL A 5 3.71 23.30 -9.09
N ASP A 6 2.97 22.70 -10.02
CA ASP A 6 1.80 21.89 -9.71
C ASP A 6 2.06 20.45 -10.10
N LEU A 7 1.84 19.55 -9.14
CA LEU A 7 2.00 18.13 -9.35
C LEU A 7 0.63 17.48 -9.28
N VAL A 8 0.31 16.64 -10.26
CA VAL A 8 -0.99 16.00 -10.37
C VAL A 8 -0.79 14.52 -10.69
N VAL A 9 -1.59 13.66 -10.08
CA VAL A 9 -1.60 12.23 -10.40
C VAL A 9 -2.46 12.03 -11.64
N LEU A 10 -1.89 11.38 -12.66
CA LEU A 10 -2.55 11.17 -13.95
C LEU A 10 -3.10 9.75 -14.12
N SER A 11 -2.42 8.78 -13.55
CA SER A 11 -2.83 7.38 -13.67
C SER A 11 -2.20 6.58 -12.53
N GLU A 12 -2.98 5.63 -11.99
CA GLU A 12 -2.52 4.73 -10.96
C GLU A 12 -2.95 3.32 -11.33
N GLN A 13 -1.97 2.44 -11.53
CA GLN A 13 -2.20 1.06 -11.91
C GLN A 13 -1.31 0.20 -11.05
N LYS A 14 -1.43 -1.12 -11.17
CA LYS A 14 -0.63 -2.04 -10.37
C LYS A 14 0.83 -1.62 -10.33
N GLN A 15 1.26 -1.11 -9.19
CA GLN A 15 2.67 -0.79 -8.94
C GLN A 15 3.24 0.31 -9.86
N ASN A 16 2.37 1.19 -10.35
CA ASN A 16 2.83 2.29 -11.19
C ASN A 16 1.98 3.52 -11.00
N CYS A 17 2.63 4.66 -10.76
CA CYS A 17 1.96 5.95 -10.74
C CYS A 17 2.61 6.88 -11.75
N ARG A 18 1.78 7.52 -12.57
CA ARG A 18 2.21 8.57 -13.50
C ARG A 18 1.77 9.96 -13.01
N PHE A 19 2.67 10.94 -13.15
CA PHE A 19 2.45 12.31 -12.66
C PHE A 19 2.56 13.35 -13.78
N GLY A 20 1.82 14.44 -13.62
CA GLY A 20 1.92 15.62 -14.49
C GLY A 20 2.53 16.77 -13.71
N LEU A 21 3.72 17.20 -14.10
CA LEU A 21 4.40 18.34 -13.49
C LEU A 21 4.17 19.54 -14.38
N THR A 22 3.65 20.64 -13.82
CA THR A 22 3.48 21.88 -14.58
C THR A 22 4.11 23.06 -13.83
N PHE A 23 5.20 23.59 -14.40
CA PHE A 23 5.89 24.75 -13.83
C PHE A 23 5.44 26.05 -14.50
N HIS A 24 5.08 27.03 -13.68
CA HIS A 24 4.56 28.29 -14.17
C HIS A 24 5.53 29.43 -13.84
N ASN A 25 6.05 30.09 -14.88
CA ASN A 25 6.69 31.38 -14.71
C ASN A 25 5.59 32.44 -14.64
N LEU A 26 5.31 32.93 -13.44
CA LEU A 26 4.34 34.01 -13.27
C LEU A 26 5.02 35.38 -13.11
N SER A 27 6.33 35.44 -13.34
CA SER A 27 7.08 36.71 -13.33
C SER A 27 6.77 37.49 -14.61
N ASP A 28 7.17 38.76 -14.62
CA ASP A 28 6.93 39.67 -15.77
C ASP A 28 8.02 39.62 -16.87
N GLN A 29 9.04 38.80 -16.64
CA GLN A 29 10.21 38.74 -17.51
C GLN A 29 10.57 37.27 -17.73
N ASP A 30 11.27 37.00 -18.82
CA ASP A 30 11.56 35.63 -19.23
C ASP A 30 12.59 34.95 -18.35
N LEU A 31 12.63 33.61 -18.44
CA LEU A 31 13.63 32.79 -17.78
C LEU A 31 14.51 32.16 -18.84
N ASN A 32 15.83 32.32 -18.67
CA ASN A 32 16.84 31.83 -19.60
C ASN A 32 17.82 30.93 -18.87
N SER A 33 18.21 29.83 -19.54
CA SER A 33 19.14 28.84 -18.97
C SER A 33 18.64 28.38 -17.59
N TRP A 34 17.35 28.10 -17.54
CA TRP A 34 16.64 27.90 -16.30
C TRP A 34 16.63 26.40 -15.97
N GLY A 35 16.57 26.09 -14.68
CA GLY A 35 16.51 24.70 -14.22
C GLY A 35 15.70 24.58 -12.94
N LEU A 36 14.92 23.50 -12.84
CA LEU A 36 14.05 23.25 -11.69
C LEU A 36 14.66 22.23 -10.77
N THR A 37 14.56 22.48 -9.47
CA THR A 37 15.08 21.60 -8.42
C THR A 37 13.97 21.34 -7.39
N PHE A 38 13.80 20.09 -6.99
CA PHE A 38 12.83 19.75 -5.94
C PHE A 38 13.20 18.54 -5.08
N ALA A 39 12.53 18.44 -3.94
CA ALA A 39 12.73 17.38 -2.97
C ALA A 39 11.61 16.37 -3.13
N PHE A 40 11.98 15.11 -3.42
CA PHE A 40 11.02 14.02 -3.63
C PHE A 40 11.56 12.70 -3.11
N ASP A 41 10.75 12.00 -2.31
CA ASP A 41 11.18 10.78 -1.60
C ASP A 41 11.12 9.47 -2.41
N ARG A 42 10.57 9.51 -3.62
CA ARG A 42 10.34 8.31 -4.39
C ARG A 42 11.32 8.21 -5.54
N TYR A 43 11.64 6.99 -5.94
CA TYR A 43 12.50 6.76 -7.09
C TYR A 43 11.76 7.11 -8.39
N ILE A 44 12.21 8.16 -9.06
CA ILE A 44 11.67 8.50 -10.38
C ILE A 44 12.32 7.60 -11.42
N LEU A 45 11.49 6.94 -12.25
CA LEU A 45 12.00 6.03 -13.25
C LEU A 45 12.60 6.85 -14.40
N PRO A 46 13.93 6.75 -14.65
CA PRO A 46 14.61 7.62 -15.65
C PRO A 46 14.07 7.52 -17.08
N ASP A 47 13.71 6.29 -17.47
CA ASP A 47 13.02 6.02 -18.73
C ASP A 47 11.60 6.60 -18.85
N SER A 48 11.09 7.19 -17.76
CA SER A 48 9.73 7.75 -17.71
C SER A 48 9.68 9.27 -17.89
N VAL A 49 10.80 9.97 -17.71
CA VAL A 49 10.80 11.44 -17.86
C VAL A 49 10.64 11.77 -19.34
N SER A 50 9.64 12.60 -19.65
CA SER A 50 9.17 12.80 -21.03
C SER A 50 9.64 14.08 -21.72
N ASN A 51 9.90 15.14 -20.96
CA ASN A 51 10.31 16.45 -21.50
C ASN A 51 11.37 17.08 -20.61
N GLY A 52 12.54 16.46 -20.56
CA GLY A 52 13.68 16.99 -19.80
C GLY A 52 14.61 15.89 -19.33
N GLN A 53 15.68 16.31 -18.67
CA GLN A 53 16.66 15.39 -18.10
C GLN A 53 16.60 15.50 -16.59
N LEU A 54 16.29 14.39 -15.93
CA LEU A 54 16.14 14.37 -14.47
C LEU A 54 17.24 13.58 -13.77
N THR A 55 17.89 14.23 -12.81
CA THR A 55 18.92 13.64 -11.98
C THR A 55 18.37 13.52 -10.57
N GLN A 56 18.64 12.40 -9.90
CA GLN A 56 18.13 12.16 -8.54
C GLN A 56 19.22 11.63 -7.62
N ILE A 57 19.51 12.41 -6.59
CA ILE A 57 20.47 12.04 -5.55
C ILE A 57 19.71 12.06 -4.23
N GLY A 58 19.27 10.88 -3.80
CA GLY A 58 18.42 10.78 -2.61
C GLY A 58 17.07 11.40 -2.88
N SER A 59 16.69 12.36 -2.03
CA SER A 59 15.48 13.14 -2.20
C SER A 59 15.68 14.30 -3.20
N PHE A 60 16.94 14.66 -3.46
CA PHE A 60 17.28 15.84 -4.26
C PHE A 60 17.18 15.58 -5.78
N CYS A 61 16.16 16.16 -6.40
CA CYS A 61 15.93 16.02 -7.83
C CYS A 61 16.16 17.33 -8.56
N THR A 62 16.94 17.31 -9.64
CA THR A 62 17.10 18.47 -10.51
C THR A 62 16.58 18.09 -11.90
N LEU A 63 15.67 18.89 -12.43
CA LEU A 63 15.11 18.70 -13.77
C LEU A 63 15.69 19.76 -14.70
N LYS A 64 16.41 19.31 -15.72
CA LYS A 64 16.93 20.21 -16.75
C LYS A 64 15.93 20.20 -17.91
N PRO A 65 15.30 21.36 -18.21
CA PRO A 65 14.36 21.44 -19.33
C PRO A 65 15.05 21.33 -20.68
N GLU A 66 14.28 20.95 -21.70
CA GLU A 66 14.78 20.80 -23.06
C GLU A 66 15.25 22.13 -23.67
N GLY A 67 14.38 23.14 -23.55
CA GLY A 67 14.62 24.46 -24.11
C GLY A 67 15.33 25.39 -23.15
N ILE A 68 16.19 26.22 -23.72
CA ILE A 68 16.93 27.25 -22.97
C ILE A 68 16.02 28.36 -22.38
N VAL A 69 14.84 28.57 -22.97
CA VAL A 69 13.96 29.70 -22.60
C VAL A 69 12.50 29.31 -22.27
N LEU A 70 11.99 29.89 -21.18
CA LEU A 70 10.55 29.88 -20.88
C LEU A 70 10.09 31.32 -20.69
N ALA A 71 9.15 31.75 -21.53
CA ALA A 71 8.64 33.13 -21.53
C ALA A 71 7.91 33.51 -20.25
N ALA A 72 7.71 34.82 -20.05
CA ALA A 72 6.90 35.31 -18.94
C ALA A 72 5.45 34.92 -19.18
N ASN A 73 4.75 34.57 -18.09
CA ASN A 73 3.38 34.05 -18.12
C ASN A 73 3.19 32.72 -18.89
N HIS A 74 4.27 31.95 -19.04
CA HIS A 74 4.22 30.66 -19.75
C HIS A 74 4.46 29.52 -18.78
N HIS A 75 4.13 28.32 -19.26
CA HIS A 75 4.21 27.12 -18.46
C HIS A 75 5.03 26.06 -19.16
N TYR A 76 5.76 25.30 -18.36
CA TYR A 76 6.55 24.16 -18.82
C TYR A 76 5.92 22.93 -18.18
N TYR A 77 5.69 21.89 -18.98
CA TYR A 77 5.02 20.66 -18.54
C TYR A 77 5.92 19.45 -18.77
N CYS A 78 6.02 18.59 -17.75
CA CYS A 78 6.80 17.36 -17.84
C CYS A 78 6.11 16.21 -17.12
N GLU A 79 6.16 15.02 -17.72
CA GLU A 79 5.61 13.81 -17.12
C GLU A 79 6.75 12.93 -16.60
N PHE A 80 6.48 12.22 -15.51
CA PHE A 80 7.34 11.14 -15.02
C PHE A 80 6.46 10.09 -14.35
N SER A 81 7.06 8.94 -14.02
CA SER A 81 6.38 7.84 -13.35
C SER A 81 7.27 7.28 -12.26
N ILE A 82 6.66 6.50 -11.37
CA ILE A 82 7.35 5.81 -10.29
C ILE A 82 6.75 4.42 -10.09
N GLY A 83 7.48 3.55 -9.37
CA GLY A 83 6.99 2.25 -8.95
C GLY A 83 6.38 2.41 -7.58
N SER A 84 5.04 2.44 -7.52
CA SER A 84 4.33 2.75 -6.29
C SER A 84 2.85 2.41 -6.39
N ASN A 85 2.29 2.00 -5.25
CA ASN A 85 0.85 2.03 -5.05
C ASN A 85 0.38 3.48 -4.91
N PRO A 86 -0.93 3.75 -5.00
CA PRO A 86 -1.42 5.13 -5.00
C PRO A 86 -0.96 5.99 -3.81
N PHE A 87 -0.66 7.26 -4.07
CA PHE A 87 -0.43 8.26 -3.03
C PHE A 87 -1.70 8.52 -2.25
N ARG A 88 -1.59 8.49 -0.92
CA ARG A 88 -2.71 8.76 -0.01
C ARG A 88 -2.60 10.06 0.76
N TYR A 89 -1.41 10.65 0.82
CA TYR A 89 -1.15 11.80 1.65
C TYR A 89 -0.56 12.94 0.84
N TYR A 90 -0.84 14.18 1.26
CA TYR A 90 -0.27 15.36 0.60
C TYR A 90 1.25 15.46 0.82
N SER A 91 1.74 14.89 1.92
CA SER A 91 3.17 14.86 2.19
C SER A 91 3.96 14.02 1.18
N ASP A 92 3.29 13.07 0.52
CA ASP A 92 3.90 12.31 -0.60
C ASP A 92 4.27 13.19 -1.80
N GLY A 93 3.70 14.40 -1.88
CA GLY A 93 4.11 15.39 -2.90
C GLY A 93 5.49 15.96 -2.65
N PHE A 94 5.90 16.89 -3.50
CA PHE A 94 7.20 17.56 -3.35
C PHE A 94 7.20 18.38 -2.07
N ASN A 95 8.25 18.25 -1.25
CA ASN A 95 8.36 19.06 -0.03
C ASN A 95 8.67 20.51 -0.37
N GLU A 96 9.64 20.73 -1.25
CA GLU A 96 10.05 22.06 -1.66
C GLU A 96 10.54 22.08 -3.09
N ALA A 97 10.64 23.31 -3.62
CA ALA A 97 11.08 23.53 -4.99
C ALA A 97 11.80 24.85 -5.17
N MET A 98 12.63 24.91 -6.20
CA MET A 98 13.32 26.13 -6.52
C MET A 98 13.79 26.13 -7.96
N ILE A 99 14.25 27.27 -8.41
CA ILE A 99 14.84 27.39 -9.73
C ILE A 99 16.18 28.11 -9.67
N ASP A 100 16.98 27.83 -10.70
CA ASP A 100 18.23 28.52 -10.94
C ASP A 100 18.12 29.10 -12.35
N PHE A 101 18.62 30.32 -12.53
CA PHE A 101 18.58 31.00 -13.83
C PHE A 101 19.63 32.09 -13.90
N VAL A 102 19.87 32.59 -15.12
CA VAL A 102 20.86 33.66 -15.35
C VAL A 102 20.15 34.97 -15.74
N VAL A 103 20.29 35.98 -14.90
CA VAL A 103 19.85 37.34 -15.20
C VAL A 103 21.09 38.08 -15.69
N ASP A 104 21.05 38.53 -16.95
CA ASP A 104 22.22 39.12 -17.64
C ASP A 104 23.37 38.11 -17.63
N GLY A 105 24.49 38.40 -16.95
CA GLY A 105 25.63 37.48 -16.88
C GLY A 105 25.88 36.86 -15.53
N GLN A 106 24.90 36.95 -14.61
CA GLN A 106 25.07 36.46 -13.24
C GLN A 106 24.00 35.43 -12.89
N PRO A 107 24.40 34.33 -12.20
CA PRO A 107 23.44 33.30 -11.81
C PRO A 107 22.57 33.73 -10.63
N GLN A 108 21.30 33.31 -10.65
CA GLN A 108 20.32 33.67 -9.62
C GLN A 108 19.55 32.44 -9.16
N ARG A 109 18.81 32.60 -8.07
CA ARG A 109 17.98 31.53 -7.53
C ARG A 109 16.70 32.09 -6.95
N ALA A 110 15.62 31.34 -7.07
CA ALA A 110 14.30 31.72 -6.54
C ALA A 110 13.60 30.50 -5.95
N GLN A 111 12.94 30.71 -4.80
CA GLN A 111 12.03 29.71 -4.25
C GLN A 111 10.82 29.55 -5.16
N VAL A 112 10.29 28.33 -5.25
CA VAL A 112 9.08 28.02 -6.02
C VAL A 112 7.97 27.59 -5.07
N ASP A 113 6.76 28.12 -5.28
CA ASP A 113 5.58 27.70 -4.51
C ASP A 113 5.21 26.29 -4.96
N VAL A 114 5.09 25.38 -4.00
CA VAL A 114 4.66 24.02 -4.30
C VAL A 114 3.20 23.86 -3.92
N THR A 115 2.35 23.73 -4.92
CA THR A 115 0.94 23.45 -4.69
C THR A 115 0.83 22.06 -4.08
N PRO A 116 -0.11 21.86 -3.15
CA PRO A 116 -0.33 20.50 -2.69
C PRO A 116 -0.72 19.61 -3.85
N ILE A 117 -0.15 18.41 -3.87
CA ILE A 117 -0.42 17.44 -4.92
C ILE A 117 -1.92 17.15 -5.06
N VAL A 118 -2.39 17.05 -6.30
CA VAL A 118 -3.75 16.65 -6.59
C VAL A 118 -3.80 15.12 -6.56
N LEU A 119 -4.33 14.58 -5.47
CA LEU A 119 -4.40 13.14 -5.27
C LEU A 119 -5.58 12.57 -6.04
N ALA A 120 -5.39 11.38 -6.60
CA ALA A 120 -6.48 10.64 -7.22
C ALA A 120 -7.22 9.78 -6.19
N SER A 121 -6.50 9.10 -5.29
CA SER A 121 -7.12 8.04 -4.47
C SER A 121 -6.88 8.16 -2.96
N PRO A 122 -7.31 9.28 -2.36
CA PRO A 122 -7.21 9.37 -0.90
C PRO A 122 -8.15 8.38 -0.23
N TYR A 123 -7.85 8.04 1.02
CA TYR A 123 -8.72 7.18 1.79
C TYR A 123 -10.06 7.89 2.06
N ARG A 124 -11.16 7.14 1.97
CA ARG A 124 -12.48 7.66 2.39
C ARG A 124 -12.64 7.48 3.90
N GLU A 125 -12.25 6.31 4.39
CA GLU A 125 -12.35 5.99 5.83
C GLU A 125 -11.46 6.84 6.76
N ARG A 126 -11.82 6.81 8.04
CA ARG A 126 -11.16 7.56 9.11
C ARG A 126 -11.14 6.73 10.39
N SER A 127 -10.02 6.76 11.11
CA SER A 127 -9.94 6.12 12.42
C SER A 127 -10.76 6.96 13.41
N ASP A 128 -11.49 6.27 14.27
CA ASP A 128 -12.43 6.88 15.17
C ASP A 128 -12.02 6.47 16.58
N ILE A 129 -11.88 7.46 17.46
CA ILE A 129 -11.61 7.21 18.86
C ILE A 129 -12.95 7.38 19.57
N PRO A 130 -13.42 6.36 20.30
CA PRO A 130 -14.70 6.53 21.03
C PRO A 130 -14.63 7.63 22.07
N ALA A 131 -15.77 8.19 22.44
CA ALA A 131 -15.82 9.12 23.59
C ALA A 131 -15.35 8.37 24.84
N SER A 132 -14.68 9.09 25.73
CA SER A 132 -14.03 8.45 26.90
C SER A 132 -14.28 9.22 28.18
N LEU A 133 -14.51 8.46 29.24
CA LEU A 133 -14.48 9.02 30.59
C LEU A 133 -13.03 9.32 30.98
N THR A 134 -12.86 10.30 31.86
CA THR A 134 -11.58 10.64 32.45
C THR A 134 -11.32 9.71 33.66
N HIS A 135 -10.27 8.89 33.59
CA HIS A 135 -9.86 8.03 34.70
C HIS A 135 -9.29 8.91 35.82
N ALA A 136 -9.66 8.59 37.06
CA ALA A 136 -9.18 9.32 38.25
C ALA A 136 -7.64 9.24 38.44
N GLN A 137 -7.08 8.04 38.34
CA GLN A 137 -5.63 7.81 38.22
C GLN A 137 -5.16 7.64 36.76
N PRO A 138 -4.79 8.76 36.09
CA PRO A 138 -4.32 8.71 34.71
C PRO A 138 -2.84 8.32 34.63
N LEU A 139 -2.59 7.02 34.73
CA LEU A 139 -1.24 6.51 34.85
C LEU A 139 -0.82 5.78 33.57
N LEU A 140 0.24 6.30 32.92
CA LEU A 140 0.83 5.66 31.75
C LEU A 140 2.34 5.50 31.94
N PRO A 141 2.88 4.29 31.81
CA PRO A 141 2.13 3.06 31.61
C PRO A 141 1.34 2.66 32.85
N LYS A 142 0.25 1.92 32.65
CA LYS A 142 -0.57 1.43 33.77
C LYS A 142 0.26 0.49 34.64
N PRO A 143 0.27 0.74 35.96
CA PRO A 143 0.99 -0.18 36.85
C PRO A 143 0.39 -1.57 36.85
N ASN A 144 1.25 -2.58 36.99
CA ASN A 144 0.83 -3.97 36.98
C ASN A 144 -0.01 -4.40 38.20
N HIS A 145 0.06 -3.64 39.28
CA HIS A 145 -0.85 -3.81 40.40
C HIS A 145 -1.07 -2.50 41.13
N ILE A 146 -2.32 -2.06 41.19
CA ILE A 146 -2.73 -0.88 41.95
C ILE A 146 -4.10 -1.11 42.61
N GLU A 147 -4.19 -0.73 43.89
CA GLU A 147 -5.41 -0.87 44.70
C GLU A 147 -5.70 0.51 45.29
N VAL A 148 -6.96 0.95 45.25
CA VAL A 148 -7.33 2.31 45.67
C VAL A 148 -8.25 2.29 46.90
N SER A 149 -8.18 3.35 47.70
CA SER A 149 -9.07 3.59 48.83
C SER A 149 -9.75 4.95 48.65
N ASP A 150 -10.82 5.21 49.43
CA ASP A 150 -11.64 6.42 49.26
CA ASP A 150 -11.64 6.42 49.28
C ASP A 150 -10.90 7.67 49.71
N HIS A 151 -10.18 7.58 50.82
CA HIS A 151 -9.45 8.73 51.35
C HIS A 151 -8.30 9.18 50.44
N SER A 152 -7.89 10.44 50.61
CA SER A 152 -6.78 11.02 49.85
C SER A 152 -5.85 11.83 50.76
N PHE A 153 -4.60 11.98 50.33
CA PHE A 153 -3.59 12.72 51.09
C PHE A 153 -3.35 14.08 50.47
N THR A 154 -3.49 15.14 51.27
CA THR A 154 -3.24 16.51 50.83
C THR A 154 -2.01 17.04 51.57
N PHE A 155 -1.12 17.71 50.84
CA PHE A 155 0.09 18.28 51.43
C PHE A 155 0.54 19.54 50.69
N ASP A 156 1.25 20.39 51.43
CA ASP A 156 1.74 21.66 50.93
C ASP A 156 3.25 21.58 50.69
N GLU A 157 3.86 22.71 50.37
CA GLU A 157 5.30 22.81 50.11
C GLU A 157 6.24 22.47 51.31
N GLN A 158 5.70 22.32 52.53
CA GLN A 158 6.49 21.94 53.71
C GLN A 158 6.25 20.49 54.20
N ALA A 159 5.75 19.62 53.33
CA ALA A 159 5.59 18.20 53.70
C ALA A 159 6.93 17.52 53.96
N GLY A 160 7.97 17.97 53.26
CA GLY A 160 9.33 17.49 53.48
C GLY A 160 9.59 16.16 52.80
N VAL A 161 10.78 15.99 52.25
CA VAL A 161 11.14 14.75 51.58
C VAL A 161 12.27 14.08 52.36
N ALA A 162 11.98 12.87 52.83
CA ALA A 162 12.92 12.09 53.61
C ALA A 162 13.45 10.96 52.74
N ILE A 163 14.76 10.76 52.82
CA ILE A 163 15.44 9.76 52.03
C ILE A 163 16.33 8.95 52.97
N TYR A 164 16.18 7.62 52.94
CA TYR A 164 16.93 6.71 53.81
C TYR A 164 17.71 5.69 53.01
N THR A 165 18.01 6.02 51.74
CA THR A 165 18.90 5.25 50.88
C THR A 165 19.63 6.19 49.95
N ASP A 166 20.93 5.96 49.74
CA ASP A 166 21.68 6.70 48.71
C ASP A 166 21.22 6.32 47.28
N LEU A 167 20.64 5.14 47.14
CA LEU A 167 19.99 4.71 45.90
C LEU A 167 18.87 5.60 45.37
N ALA A 168 18.15 6.27 46.26
CA ALA A 168 17.03 7.13 45.86
C ALA A 168 17.42 8.59 45.59
N ASN A 169 18.70 8.97 45.76
CA ASN A 169 19.14 10.37 45.59
C ASN A 169 18.79 10.93 44.23
N SER A 170 19.19 10.20 43.20
CA SER A 170 18.95 10.57 41.80
C SER A 170 17.44 10.78 41.52
N ALA A 171 16.63 9.78 41.86
CA ALA A 171 15.18 9.84 41.66
C ALA A 171 14.51 10.98 42.45
N LYS A 172 14.98 11.23 43.66
CA LYS A 172 14.47 12.30 44.52
C LYS A 172 14.68 13.67 43.90
N ALA A 173 15.90 13.94 43.45
CA ALA A 173 16.25 15.20 42.77
C ALA A 173 15.36 15.49 41.56
N TRP A 174 15.11 14.44 40.77
CA TRP A 174 14.25 14.51 39.57
C TRP A 174 12.78 14.81 39.90
N LEU A 175 12.23 14.14 40.91
CA LEU A 175 10.87 14.43 41.38
C LEU A 175 10.71 15.90 41.75
N LEU A 176 11.64 16.41 42.56
CA LEU A 176 11.63 17.81 42.99
C LEU A 176 11.80 18.76 41.81
N GLU A 177 12.66 18.35 40.87
CA GLU A 177 12.94 19.14 39.68
C GLU A 177 11.69 19.33 38.81
N GLU A 178 10.98 18.23 38.56
CA GLU A 178 9.80 18.23 37.70
C GLU A 178 8.62 18.94 38.34
N LEU A 179 8.42 18.72 39.64
CA LEU A 179 7.37 19.42 40.39
C LEU A 179 7.54 20.92 40.33
N GLN A 180 8.79 21.37 40.39
CA GLN A 180 9.13 22.78 40.22
C GLN A 180 8.79 23.24 38.80
N ARG A 181 9.38 22.57 37.81
CA ARG A 181 9.24 22.94 36.39
C ARG A 181 7.79 22.95 35.92
N ILE A 182 7.08 21.87 36.21
CA ILE A 182 5.73 21.67 35.69
C ILE A 182 4.69 22.48 36.48
N HIS A 183 4.69 22.32 37.80
CA HIS A 183 3.67 22.89 38.68
C HIS A 183 4.10 24.13 39.50
N GLN A 184 5.38 24.52 39.42
CA GLN A 184 5.96 25.59 40.27
C GLN A 184 5.81 25.28 41.79
N PHE A 185 5.97 24.01 42.12
CA PHE A 185 5.69 23.50 43.45
C PHE A 185 6.99 23.01 44.08
N THR A 186 7.45 23.72 45.12
CA THR A 186 8.77 23.47 45.71
C THR A 186 8.67 22.59 46.96
N LEU A 187 9.31 21.42 46.90
CA LEU A 187 9.49 20.55 48.07
C LEU A 187 10.95 20.59 48.54
N SER A 188 11.14 20.42 49.85
CA SER A 188 12.47 20.48 50.48
C SER A 188 12.82 19.20 51.25
N SER A 189 14.13 19.02 51.46
CA SER A 189 14.66 17.91 52.25
C SER A 189 14.27 18.07 53.71
N SER A 190 13.84 16.97 54.32
CA SER A 190 13.54 16.93 55.73
C SER A 190 13.69 15.51 56.21
N ASN A 191 14.48 15.35 57.25
CA ASN A 191 14.60 14.06 57.92
C ASN A 191 13.26 13.61 58.51
N SER A 192 12.37 14.57 58.82
CA SER A 192 11.05 14.28 59.39
C SER A 192 9.89 14.44 58.39
N GLY A 193 10.16 14.27 57.09
CA GLY A 193 9.15 14.51 56.04
C GLY A 193 8.08 13.45 55.89
N LYS A 194 6.97 13.82 55.25
CA LYS A 194 5.81 12.92 55.03
C LYS A 194 6.02 12.03 53.80
N ILE A 195 6.69 12.57 52.79
CA ILE A 195 7.13 11.79 51.63
C ILE A 195 8.45 11.11 51.99
N ILE A 196 8.47 9.78 51.90
CA ILE A 196 9.58 8.93 52.38
C ILE A 196 10.11 8.00 51.29
N PHE A 197 11.42 8.00 51.08
CA PHE A 197 12.10 7.03 50.23
C PHE A 197 12.83 6.02 51.11
N LYS A 198 12.52 4.74 50.96
CA LYS A 198 13.05 3.68 51.81
C LYS A 198 13.56 2.53 50.94
N SER A 199 14.68 1.93 51.34
CA SER A 199 15.24 0.79 50.61
C SER A 199 14.55 -0.51 50.98
N ASN A 200 14.23 -1.30 49.96
CA ASN A 200 13.70 -2.65 50.11
C ASN A 200 14.49 -3.57 49.18
N PRO A 201 15.52 -4.26 49.71
CA PRO A 201 16.35 -5.14 48.87
C PRO A 201 15.66 -6.36 48.23
N THR A 202 14.47 -6.75 48.69
CA THR A 202 13.75 -7.88 48.07
C THR A 202 13.19 -7.56 46.66
N LEU A 203 13.03 -6.28 46.33
CA LEU A 203 12.46 -5.85 45.05
C LEU A 203 13.49 -5.89 43.92
N ASP A 204 13.12 -6.49 42.80
CA ASP A 204 14.03 -6.67 41.66
C ASP A 204 14.29 -5.35 40.94
N GLU A 205 15.23 -5.38 39.99
CA GLU A 205 15.60 -4.23 39.17
C GLU A 205 14.38 -3.56 38.53
N GLY A 206 14.18 -2.28 38.83
CA GLY A 206 13.06 -1.52 38.29
C GLY A 206 11.75 -1.62 39.05
N ALA A 207 11.63 -2.59 39.94
CA ALA A 207 10.40 -2.77 40.70
C ALA A 207 10.34 -1.74 41.82
N TYR A 208 9.14 -1.33 42.18
CA TYR A 208 8.93 -0.39 43.28
C TYR A 208 7.60 -0.60 43.97
N LYS A 209 7.50 -0.01 45.16
CA LYS A 209 6.27 0.02 45.94
C LYS A 209 5.97 1.47 46.27
N LEU A 210 4.73 1.87 46.03
CA LEU A 210 4.26 3.23 46.30
C LEU A 210 2.99 3.09 47.11
N LYS A 211 3.06 3.48 48.39
CA LYS A 211 1.89 3.50 49.24
C LYS A 211 1.59 4.93 49.68
N VAL A 212 0.35 5.36 49.45
CA VAL A 212 -0.14 6.66 49.87
C VAL A 212 -1.16 6.44 50.97
N SER A 213 -0.93 7.09 52.11
CA SER A 213 -1.78 7.03 53.29
C SER A 213 -2.32 8.43 53.53
N GLU A 214 -3.17 8.58 54.54
CA GLU A 214 -3.87 9.85 54.78
C GLU A 214 -2.94 10.97 55.20
N GLU A 215 -1.80 10.62 55.80
CA GLU A 215 -0.79 11.60 56.23
C GLU A 215 0.67 11.30 55.81
N SER A 216 0.86 10.40 54.83
CA SER A 216 2.20 10.12 54.30
C SER A 216 2.20 9.41 52.94
N ILE A 217 3.30 9.57 52.21
CA ILE A 217 3.61 8.77 51.01
C ILE A 217 4.93 8.02 51.26
N LYS A 218 4.92 6.70 51.15
CA LYS A 218 6.15 5.91 51.27
C LYS A 218 6.49 5.19 49.95
N ILE A 219 7.70 5.44 49.45
CA ILE A 219 8.23 4.79 48.26
C ILE A 219 9.32 3.79 48.67
N GLU A 220 9.25 2.58 48.12
CA GLU A 220 10.18 1.50 48.40
C GLU A 220 10.74 0.97 47.08
N ALA A 221 12.04 0.71 47.04
CA ALA A 221 12.68 0.14 45.85
C ALA A 221 14.00 -0.54 46.19
N GLY A 222 14.39 -1.50 45.36
CA GLY A 222 15.66 -2.22 45.50
C GLY A 222 16.78 -1.66 44.65
N SER A 223 16.46 -0.70 43.78
CA SER A 223 17.42 -0.14 42.84
C SER A 223 17.11 1.32 42.55
N SER A 224 18.09 2.03 41.99
CA SER A 224 17.94 3.43 41.60
C SER A 224 16.83 3.61 40.56
N SER A 225 16.76 2.69 39.60
CA SER A 225 15.74 2.71 38.55
C SER A 225 14.32 2.59 39.10
N GLY A 226 14.12 1.67 40.06
CA GLY A 226 12.85 1.51 40.75
C GLY A 226 12.32 2.79 41.37
N PHE A 227 13.22 3.53 42.04
CA PHE A 227 12.86 4.81 42.66
C PHE A 227 12.42 5.85 41.63
N THR A 228 13.09 5.87 40.47
CA THR A 228 12.74 6.78 39.36
C THR A 228 11.35 6.45 38.84
N HIS A 229 11.10 5.17 38.62
CA HIS A 229 9.81 4.68 38.14
C HIS A 229 8.66 5.08 39.06
N ALA A 230 8.89 4.90 40.36
CA ALA A 230 7.95 5.32 41.40
C ALA A 230 7.66 6.81 41.31
N CYS A 231 8.70 7.59 41.05
CA CYS A 231 8.56 9.04 40.92
C CYS A 231 7.79 9.44 39.66
N ALA A 232 7.97 8.69 38.58
CA ALA A 232 7.23 8.90 37.34
C ALA A 232 5.74 8.65 37.56
N THR A 233 5.42 7.54 38.21
CA THR A 233 4.05 7.25 38.64
C THR A 233 3.49 8.35 39.53
N LEU A 234 4.31 8.81 40.47
CA LEU A 234 3.88 9.84 41.40
C LEU A 234 3.54 11.14 40.67
N LEU A 235 4.38 11.57 39.74
CA LEU A 235 4.12 12.79 38.94
C LEU A 235 2.76 12.79 38.23
N GLN A 236 2.37 11.63 37.70
CA GLN A 236 1.07 11.45 37.06
C GLN A 236 -0.07 11.35 38.07
N LEU A 237 0.18 10.67 39.19
CA LEU A 237 -0.84 10.47 40.23
C LEU A 237 -1.28 11.75 40.96
N LEU A 238 -0.40 12.75 41.04
CA LEU A 238 -0.71 13.98 41.75
C LEU A 238 -1.66 14.89 41.00
N LYS A 239 -2.56 15.50 41.76
CA LYS A 239 -3.47 16.53 41.27
C LYS A 239 -3.18 17.77 42.06
N ARG A 240 -3.01 18.89 41.36
CA ARG A 240 -2.76 20.15 42.01
C ARG A 240 -3.99 21.04 41.94
N ASP A 241 -4.31 21.65 43.09
CA ASP A 241 -5.37 22.67 43.17
C ASP A 241 -4.72 24.03 42.94
N GLU A 242 -5.33 24.83 42.04
CA GLU A 242 -4.83 26.17 41.70
C GLU A 242 -5.18 27.20 42.77
N ALA A 243 -6.39 27.11 43.32
CA ALA A 243 -6.88 28.06 44.35
C ALA A 243 -6.02 28.04 45.61
N THR A 244 -5.67 26.84 46.04
CA THR A 244 -4.67 26.62 47.09
C THR A 244 -3.30 26.47 46.40
N LYS A 245 -2.22 26.43 47.17
CA LYS A 245 -0.92 25.94 46.68
C LYS A 245 -0.62 24.56 47.24
N THR A 246 -1.48 23.59 46.91
CA THR A 246 -1.40 22.23 47.44
C THR A 246 -1.44 21.16 46.35
N MET A 247 -1.12 19.95 46.77
CA MET A 247 -1.14 18.77 45.94
C MET A 247 -1.96 17.71 46.65
N GLU A 248 -2.60 16.84 45.88
CA GLU A 248 -3.40 15.75 46.41
C GLU A 248 -3.01 14.45 45.70
N ALA A 249 -3.01 13.35 46.45
CA ALA A 249 -2.86 12.00 45.89
C ALA A 249 -3.82 11.07 46.59
N VAL A 250 -4.54 10.30 45.80
CA VAL A 250 -5.49 9.32 46.32
C VAL A 250 -4.71 8.24 47.08
N CYS A 251 -5.29 7.75 48.18
CA CYS A 251 -4.68 6.65 48.94
C CYS A 251 -4.70 5.38 48.10
N CYS A 252 -3.57 4.69 48.05
CA CYS A 252 -3.41 3.51 47.22
C CYS A 252 -2.17 2.74 47.59
N SER A 253 -2.15 1.46 47.22
CA SER A 253 -0.95 0.63 47.29
C SER A 253 -0.60 0.19 45.88
N ILE A 254 0.57 0.63 45.42
CA ILE A 254 1.05 0.32 44.09
C ILE A 254 2.25 -0.61 44.22
N ILE A 255 2.18 -1.76 43.56
CA ILE A 255 3.28 -2.71 43.46
C ILE A 255 3.47 -2.91 41.98
N ASP A 256 4.70 -2.73 41.50
CA ASP A 256 4.92 -2.57 40.08
C ASP A 256 6.32 -2.95 39.68
N SER A 257 6.44 -3.57 38.51
CA SER A 257 7.73 -3.97 37.98
C SER A 257 7.64 -4.03 36.45
N PRO A 258 8.77 -3.73 35.77
CA PRO A 258 8.78 -3.70 34.31
C PRO A 258 8.63 -5.09 33.69
N ARG A 259 7.82 -5.18 32.64
CA ARG A 259 7.65 -6.43 31.91
C ARG A 259 8.89 -6.79 31.08
N PHE A 260 9.53 -5.79 30.47
CA PHE A 260 10.79 -6.00 29.75
C PHE A 260 11.93 -5.18 30.34
N ARG A 261 13.15 -5.67 30.17
CA ARG A 261 14.33 -4.98 30.70
C ARG A 261 14.68 -3.78 29.84
N TYR A 262 14.75 -3.97 28.51
CA TYR A 262 15.03 -2.90 27.56
C TYR A 262 13.72 -2.23 27.14
N ARG A 263 13.62 -0.92 27.38
CA ARG A 263 12.43 -0.15 26.99
C ARG A 263 12.93 1.17 26.37
N GLY A 264 12.96 1.18 25.04
CA GLY A 264 13.70 2.17 24.28
C GLY A 264 12.91 3.06 23.32
N MET A 265 13.51 4.20 23.01
CA MET A 265 13.05 5.06 21.96
C MET A 265 14.28 5.49 21.16
N MET A 266 14.18 5.46 19.83
CA MET A 266 15.25 5.86 18.95
C MET A 266 14.84 7.13 18.23
N LEU A 267 15.73 8.13 18.23
CA LEU A 267 15.51 9.39 17.52
C LEU A 267 16.55 9.56 16.42
N ASP A 268 16.06 9.72 15.20
CA ASP A 268 16.88 9.98 14.03
C ASP A 268 17.29 11.44 14.03
N CYS A 269 18.57 11.69 14.30
CA CYS A 269 19.14 13.03 14.25
C CYS A 269 19.95 13.31 12.98
N ALA A 270 20.15 12.29 12.16
CA ALA A 270 20.95 12.42 10.95
C ALA A 270 20.15 13.10 9.86
N ARG A 271 18.91 12.64 9.67
CA ARG A 271 18.03 13.18 8.63
C ARG A 271 17.67 14.63 8.82
N HIS A 272 17.42 15.01 10.07
CA HIS A 272 17.26 16.40 10.46
C HIS A 272 17.87 16.55 11.83
N PHE A 273 18.58 17.65 12.02
CA PHE A 273 19.26 17.92 13.26
C PHE A 273 18.27 18.54 14.22
N HIS A 274 18.21 18.00 15.44
CA HIS A 274 17.43 18.59 16.53
C HIS A 274 18.41 19.05 17.58
N SER A 275 18.11 20.20 18.19
CA SER A 275 18.99 20.84 19.16
C SER A 275 19.18 19.98 20.42
N VAL A 276 20.23 20.29 21.17
CA VAL A 276 20.52 19.64 22.46
C VAL A 276 19.32 19.77 23.39
N GLU A 277 18.73 20.96 23.40
CA GLU A 277 17.60 21.30 24.26
C GLU A 277 16.38 20.43 23.92
N GLN A 278 16.15 20.24 22.62
CA GLN A 278 15.09 19.36 22.14
C GLN A 278 15.30 17.90 22.51
N VAL A 279 16.56 17.45 22.43
CA VAL A 279 16.92 16.09 22.79
C VAL A 279 16.74 15.87 24.29
N LYS A 280 17.26 16.80 25.08
CA LYS A 280 17.06 16.79 26.54
C LYS A 280 15.57 16.74 26.89
N ARG A 281 14.79 17.63 26.27
CA ARG A 281 13.33 17.69 26.53
C ARG A 281 12.66 16.35 26.26
N LEU A 282 12.99 15.74 25.12
CA LEU A 282 12.48 14.42 24.78
C LEU A 282 12.94 13.35 25.77
N ILE A 283 14.24 13.33 26.09
CA ILE A 283 14.76 12.33 27.04
C ILE A 283 14.01 12.34 28.37
N ASN A 284 13.78 13.53 28.92
CA ASN A 284 13.00 13.69 30.14
C ASN A 284 11.55 13.18 29.99
N LEU A 285 10.93 13.47 28.85
CA LEU A 285 9.60 12.95 28.54
C LEU A 285 9.58 11.42 28.51
N LEU A 286 10.64 10.81 27.98
CA LEU A 286 10.75 9.34 27.94
C LEU A 286 10.72 8.72 29.32
N ALA A 287 11.43 9.35 30.27
CA ALA A 287 11.46 8.89 31.65
C ALA A 287 10.09 8.95 32.33
N HIS A 288 9.24 9.90 31.94
CA HIS A 288 7.85 9.94 32.46
C HIS A 288 7.05 8.65 32.20
N TYR A 289 7.35 7.97 31.10
CA TYR A 289 6.68 6.71 30.75
C TYR A 289 7.59 5.50 31.02
N LYS A 290 8.57 5.71 31.90
CA LYS A 290 9.44 4.66 32.42
C LYS A 290 10.29 3.92 31.40
N LEU A 291 10.61 4.60 30.31
CA LEU A 291 11.56 4.07 29.35
C LEU A 291 12.94 4.29 29.96
N ASN A 292 13.87 3.37 29.69
CA ASN A 292 15.24 3.43 30.25
C ASN A 292 16.38 3.59 29.23
N THR A 293 16.06 3.61 27.93
CA THR A 293 17.08 3.68 26.89
C THR A 293 16.71 4.71 25.82
N PHE A 294 17.67 5.58 25.51
CA PHE A 294 17.59 6.49 24.39
C PHE A 294 18.64 6.03 23.38
N HIS A 295 18.18 5.68 22.19
CA HIS A 295 19.03 5.21 21.10
C HIS A 295 19.24 6.39 20.15
N TRP A 296 20.47 6.93 20.12
CA TRP A 296 20.78 8.15 19.40
C TRP A 296 21.30 7.83 18.00
N HIS A 297 20.42 7.94 17.01
CA HIS A 297 20.80 7.70 15.61
C HIS A 297 21.54 8.93 15.05
N LEU A 298 22.87 8.95 15.22
CA LEU A 298 23.70 10.15 14.97
C LEU A 298 24.26 10.31 13.56
N THR A 299 24.09 9.28 12.71
CA THR A 299 24.85 9.14 11.47
C THR A 299 23.98 8.51 10.39
N ASP A 300 24.08 9.03 9.18
CA ASP A 300 23.38 8.44 8.03
C ASP A 300 23.89 9.09 6.73
N ASP A 301 23.21 8.81 5.61
CA ASP A 301 23.54 9.43 4.34
C ASP A 301 23.43 10.96 4.35
N GLU A 302 22.46 11.48 5.09
CA GLU A 302 22.09 12.90 5.00
C GLU A 302 22.72 13.78 6.08
N GLY A 303 23.49 13.19 7.00
CA GLY A 303 24.16 13.97 8.04
C GLY A 303 25.01 13.14 9.00
N TRP A 304 26.05 13.78 9.54
CA TRP A 304 26.89 13.23 10.59
C TRP A 304 26.88 14.21 11.75
N ARG A 305 26.34 13.79 12.90
CA ARG A 305 26.01 14.69 14.01
C ARG A 305 26.88 14.59 15.26
N VAL A 306 27.91 13.75 15.22
CA VAL A 306 28.76 13.51 16.38
C VAL A 306 30.20 13.94 16.09
N GLU A 307 30.73 14.78 16.98
CA GLU A 307 32.10 15.30 16.85
C GLU A 307 33.12 14.21 17.12
N ILE A 308 33.98 13.98 16.14
CA ILE A 308 35.14 13.12 16.27
C ILE A 308 36.35 14.05 16.17
N LYS A 309 37.03 14.28 17.29
CA LYS A 309 38.13 15.26 17.35
C LYS A 309 39.30 14.95 16.41
N SER A 310 39.61 13.66 16.22
CA SER A 310 40.67 13.23 15.30
C SER A 310 40.27 13.37 13.84
N LEU A 311 38.97 13.42 13.55
CA LEU A 311 38.48 13.58 12.19
C LEU A 311 37.47 14.71 12.19
N PRO A 312 37.95 15.96 12.29
CA PRO A 312 37.04 17.11 12.35
C PRO A 312 36.21 17.34 11.08
N GLN A 313 36.64 16.80 9.94
CA GLN A 313 35.93 16.96 8.67
C GLN A 313 34.52 16.37 8.74
N LEU A 314 34.35 15.29 9.50
CA LEU A 314 33.05 14.65 9.72
C LEU A 314 31.97 15.61 10.20
N THR A 315 32.33 16.57 11.08
CA THR A 315 31.40 17.63 11.49
C THR A 315 31.49 18.89 10.61
N GLU A 316 32.70 19.26 10.20
CA GLU A 316 32.90 20.47 9.40
C GLU A 316 32.28 20.38 8.00
N ILE A 317 32.41 19.23 7.35
CA ILE A 317 31.74 18.93 6.09
C ILE A 317 30.44 18.14 6.32
N GLY A 318 30.51 17.06 7.08
CA GLY A 318 29.42 16.08 7.15
C GLY A 318 28.20 16.43 7.99
N ALA A 319 28.33 17.42 8.87
CA ALA A 319 27.19 17.97 9.62
C ALA A 319 26.36 18.99 8.85
N TRP A 320 26.75 19.33 7.61
CA TRP A 320 26.08 20.36 6.81
C TRP A 320 25.82 19.89 5.41
N ARG A 321 24.67 20.30 4.88
CA ARG A 321 24.31 20.01 3.51
C ARG A 321 23.66 21.24 2.90
N GLY A 322 23.80 21.36 1.59
CA GLY A 322 23.36 22.55 0.91
C GLY A 322 23.94 22.62 -0.47
N ILE A 323 23.42 23.56 -1.25
CA ILE A 323 23.86 23.79 -2.62
C ILE A 323 25.34 24.16 -2.65
N ASP A 324 25.75 25.03 -1.72
CA ASP A 324 27.15 25.43 -1.60
C ASP A 324 27.98 24.49 -0.72
N GLU A 325 27.33 23.57 -0.01
CA GLU A 325 28.05 22.48 0.68
C GLU A 325 28.43 21.37 -0.26
N THR A 326 29.30 20.51 0.22
CA THR A 326 29.75 19.33 -0.50
C THR A 326 28.59 18.34 -0.67
N ILE A 327 27.87 18.10 0.44
CA ILE A 327 26.70 17.23 0.42
C ILE A 327 25.49 18.03 -0.08
N GLU A 328 24.77 17.44 -1.03
CA GLU A 328 23.54 18.04 -1.58
C GLU A 328 22.47 18.11 -0.51
N PRO A 329 21.59 19.12 -0.57
CA PRO A 329 20.52 19.16 0.43
C PRO A 329 19.54 17.99 0.28
N GLN A 330 18.78 17.73 1.33
CA GLN A 330 17.86 16.58 1.36
C GLN A 330 16.59 16.92 2.11
N TYR A 331 15.47 16.55 1.52
CA TYR A 331 14.13 16.66 2.13
C TYR A 331 13.58 18.09 2.25
N THR A 332 14.26 18.94 3.01
CA THR A 332 13.83 20.31 3.28
C THR A 332 15.03 21.26 3.27
N HIS A 333 14.77 22.55 3.44
CA HIS A 333 15.79 23.62 3.48
C HIS A 333 16.69 23.57 2.24
N LEU A 334 16.08 23.45 1.06
CA LEU A 334 16.84 23.41 -0.20
C LEU A 334 17.68 24.68 -0.45
N SER A 335 17.12 25.84 -0.11
CA SER A 335 17.71 27.15 -0.37
C SER A 335 18.93 27.49 0.47
N GLN A 336 18.99 26.97 1.70
CA GLN A 336 20.09 27.32 2.58
C GLN A 336 20.97 26.15 2.97
N ARG A 337 22.03 26.50 3.68
CA ARG A 337 22.93 25.57 4.34
C ARG A 337 22.25 24.97 5.56
N TYR A 338 21.86 23.70 5.48
CA TYR A 338 21.16 23.05 6.59
C TYR A 338 22.06 22.07 7.34
N GLY A 339 21.99 22.10 8.67
CA GLY A 339 22.74 21.14 9.46
C GLY A 339 22.86 21.40 10.94
N GLY A 340 23.92 20.83 11.51
CA GLY A 340 24.22 20.95 12.93
C GLY A 340 24.88 19.70 13.45
N PHE A 341 25.54 19.80 14.60
CA PHE A 341 26.09 18.63 15.29
C PHE A 341 26.15 18.84 16.79
N TYR A 342 26.42 17.74 17.50
CA TYR A 342 26.60 17.77 18.93
C TYR A 342 28.11 17.70 19.15
N THR A 343 28.62 18.65 19.93
CA THR A 343 30.02 18.60 20.35
C THR A 343 30.13 17.55 21.43
N GLN A 344 31.33 17.06 21.67
CA GLN A 344 31.53 16.09 22.73
C GLN A 344 31.27 16.67 24.13
N GLU A 345 31.44 17.99 24.31
CA GLU A 345 31.09 18.63 25.59
C GLU A 345 29.58 18.58 25.79
N GLU A 346 28.84 18.98 24.75
CA GLU A 346 27.38 18.85 24.72
C GLU A 346 26.94 17.38 24.94
N ILE A 347 27.53 16.45 24.20
CA ILE A 347 27.16 15.03 24.37
C ILE A 347 27.30 14.55 25.81
N ARG A 348 28.39 14.91 26.48
CA ARG A 348 28.58 14.56 27.90
C ARG A 348 27.49 15.18 28.76
N ASP A 349 27.12 16.42 28.44
CA ASP A 349 26.04 17.10 29.15
C ASP A 349 24.70 16.37 29.02
N VAL A 350 24.42 15.85 27.82
CA VAL A 350 23.21 15.06 27.56
C VAL A 350 23.27 13.68 28.24
N ILE A 351 24.45 13.07 28.27
CA ILE A 351 24.63 11.79 28.97
C ILE A 351 24.31 11.91 30.44
N ALA A 352 24.87 12.92 31.11
CA ALA A 352 24.65 13.12 32.55
C ALA A 352 23.18 13.47 32.85
N PHE A 353 22.58 14.27 31.97
CA PHE A 353 21.15 14.62 32.05
C PHE A 353 20.29 13.36 31.94
N ALA A 354 20.61 12.52 30.98
CA ALA A 354 19.93 11.25 30.78
C ALA A 354 20.09 10.33 31.99
N GLU A 355 21.30 10.29 32.55
CA GLU A 355 21.63 9.47 33.73
C GLU A 355 20.75 9.81 34.96
N GLN A 356 20.44 11.09 35.13
CA GLN A 356 19.60 11.55 36.24
C GLN A 356 18.13 11.06 36.19
N ARG A 357 17.69 10.60 35.01
CA ARG A 357 16.36 10.02 34.82
C ARG A 357 16.36 8.52 34.59
N GLY A 358 17.48 7.86 34.85
CA GLY A 358 17.63 6.44 34.58
C GLY A 358 17.72 6.05 33.11
N ILE A 359 18.07 7.01 32.25
CA ILE A 359 18.15 6.76 30.82
C ILE A 359 19.60 6.47 30.43
N THR A 360 19.82 5.29 29.85
CA THR A 360 21.07 4.99 29.17
C THR A 360 20.96 5.46 27.72
N ILE A 361 22.03 6.06 27.21
CA ILE A 361 22.10 6.44 25.81
C ILE A 361 22.96 5.42 25.06
N ILE A 362 22.44 4.95 23.93
CA ILE A 362 23.16 4.05 23.02
C ILE A 362 23.43 4.83 21.74
N PRO A 363 24.70 4.95 21.34
CA PRO A 363 25.04 5.62 20.10
C PRO A 363 25.05 4.66 18.93
N GLU A 364 24.71 5.18 17.75
CA GLU A 364 24.76 4.40 16.52
C GLU A 364 25.69 5.07 15.49
N ILE A 365 26.66 4.29 15.01
CA ILE A 365 27.50 4.66 13.88
C ILE A 365 27.22 3.68 12.76
N ASP A 366 26.79 4.17 11.59
CA ASP A 366 26.36 3.31 10.49
C ASP A 366 27.47 2.97 9.48
N VAL A 367 27.73 1.67 9.35
CA VAL A 367 28.59 1.11 8.30
C VAL A 367 28.04 -0.27 7.90
N PRO A 368 28.38 -0.78 6.72
CA PRO A 368 29.13 -0.07 5.67
C PRO A 368 28.25 0.85 4.84
N GLY A 369 26.95 0.59 4.81
CA GLY A 369 25.99 1.45 4.11
C GLY A 369 25.61 2.64 4.97
N HIS A 370 24.73 3.48 4.45
CA HIS A 370 24.29 4.71 5.13
C HIS A 370 25.47 5.55 5.60
N CYS A 371 26.47 5.70 4.73
CA CYS A 371 27.71 6.34 5.09
C CYS A 371 28.09 7.51 4.16
N ARG A 372 27.13 8.03 3.41
CA ARG A 372 27.41 9.09 2.42
C ARG A 372 28.05 10.33 3.03
N ALA A 373 27.54 10.76 4.18
CA ALA A 373 28.07 11.95 4.85
C ALA A 373 29.54 11.78 5.26
N ALA A 374 29.89 10.60 5.76
CA ALA A 374 31.27 10.27 6.13
C ALA A 374 32.19 10.29 4.90
N ILE A 375 31.72 9.65 3.84
CA ILE A 375 32.46 9.53 2.59
C ILE A 375 32.76 10.89 1.95
N LYS A 376 31.80 11.80 2.01
CA LYS A 376 31.97 13.12 1.43
C LYS A 376 32.86 14.02 2.28
N SER A 377 32.93 13.73 3.57
CA SER A 377 33.82 14.43 4.50
C SER A 377 35.29 13.94 4.44
N LEU A 378 35.51 12.67 4.08
CA LEU A 378 36.83 12.06 4.04
C LEU A 378 37.12 11.34 2.71
N PRO A 379 37.03 12.08 1.58
CA PRO A 379 37.30 11.44 0.28
C PRO A 379 38.70 10.82 0.16
N HIS A 380 39.70 11.49 0.71
CA HIS A 380 41.07 10.96 0.80
C HIS A 380 41.23 9.59 1.49
N LEU A 381 40.47 9.35 2.57
CA LEU A 381 40.45 8.01 3.20
C LEU A 381 39.54 7.00 2.48
N LEU A 382 38.35 7.44 2.10
CA LEU A 382 37.21 6.54 1.87
C LEU A 382 36.80 6.25 0.44
N ILE A 383 37.25 7.06 -0.50
CA ILE A 383 36.94 6.88 -1.91
C ILE A 383 38.06 6.07 -2.59
N GLU A 384 37.65 5.27 -3.57
CA GLU A 384 38.55 4.61 -4.50
C GLU A 384 38.28 5.20 -5.87
N ALA A 385 39.23 5.98 -6.39
CA ALA A 385 39.10 6.57 -7.73
C ALA A 385 38.79 5.53 -8.83
N GLU A 386 39.40 4.35 -8.74
CA GLU A 386 39.32 3.34 -9.81
C GLU A 386 37.98 2.59 -9.89
N ASP A 387 37.23 2.56 -8.78
CA ASP A 387 35.99 1.75 -8.71
C ASP A 387 34.93 2.34 -9.61
N THR A 388 34.41 1.52 -10.53
CA THR A 388 33.35 1.91 -11.46
C THR A 388 32.01 1.21 -11.18
N THR A 389 31.88 0.58 -10.02
CA THR A 389 30.71 -0.24 -9.71
C THR A 389 29.43 0.59 -9.73
N GLU A 390 28.42 0.10 -10.45
CA GLU A 390 27.11 0.74 -10.50
C GLU A 390 26.12 0.08 -9.54
N TYR A 391 25.74 0.80 -8.49
CA TYR A 391 24.73 0.34 -7.56
C TYR A 391 23.77 1.46 -7.20
N ARG A 392 22.62 1.07 -6.63
CA ARG A 392 21.66 2.05 -6.11
C ARG A 392 21.10 1.60 -4.78
N SER A 393 21.26 2.43 -3.75
CA SER A 393 20.68 2.16 -2.44
C SER A 393 19.17 2.36 -2.44
N ILE A 394 18.52 1.76 -1.46
CA ILE A 394 17.07 1.90 -1.24
C ILE A 394 16.64 3.37 -1.09
N GLN A 395 17.60 4.21 -0.73
CA GLN A 395 17.42 5.64 -0.63
C GLN A 395 17.98 6.43 -1.83
N HIS A 396 18.17 5.77 -2.97
CA HIS A 396 18.54 6.44 -4.24
C HIS A 396 19.91 7.12 -4.22
N TYR A 397 20.88 6.48 -3.57
CA TYR A 397 22.29 6.87 -3.62
C TYR A 397 23.12 5.83 -4.38
N ASN A 398 24.10 6.31 -5.14
CA ASN A 398 25.03 5.42 -5.87
C ASN A 398 26.48 5.51 -5.38
N ASP A 399 26.72 6.29 -4.32
CA ASP A 399 28.07 6.66 -3.90
C ASP A 399 28.25 6.71 -2.36
N ASN A 400 27.47 5.90 -1.64
CA ASN A 400 27.34 6.02 -0.19
C ASN A 400 27.80 4.82 0.66
N VAL A 401 28.38 3.81 0.02
CA VAL A 401 28.80 2.61 0.73
C VAL A 401 30.32 2.57 0.91
N ILE A 402 30.75 2.32 2.15
CA ILE A 402 32.16 2.22 2.51
C ILE A 402 32.83 1.04 1.79
N ASN A 403 34.11 1.20 1.50
CA ASN A 403 34.88 0.19 0.77
C ASN A 403 35.76 -0.58 1.75
N PRO A 404 35.49 -1.88 1.95
CA PRO A 404 36.28 -2.67 2.90
C PRO A 404 37.69 -3.06 2.41
N ALA A 405 38.05 -2.76 1.15
CA ALA A 405 39.42 -2.98 0.70
C ALA A 405 40.35 -1.80 0.96
N LEU A 406 39.82 -0.60 1.20
CA LEU A 406 40.65 0.57 1.50
C LEU A 406 41.10 0.55 2.95
N PRO A 407 42.41 0.79 3.20
CA PRO A 407 42.87 0.85 4.60
C PRO A 407 42.31 2.08 5.35
N GLY A 408 42.03 3.16 4.64
CA GLY A 408 41.38 4.36 5.21
C GLY A 408 40.00 4.11 5.82
N SER A 409 39.24 3.18 5.23
CA SER A 409 37.98 2.73 5.81
C SER A 409 38.12 2.19 7.24
N TYR A 410 39.22 1.49 7.49
CA TYR A 410 39.51 0.92 8.80
C TYR A 410 40.08 1.97 9.73
N GLU A 411 40.88 2.88 9.19
CA GLU A 411 41.39 4.01 9.95
C GLU A 411 40.22 4.81 10.51
N PHE A 412 39.32 5.19 9.60
CA PHE A 412 38.12 5.97 9.93
C PHE A 412 37.27 5.30 11.02
N ILE A 413 36.88 4.04 10.79
CA ILE A 413 36.05 3.34 11.76
C ILE A 413 36.74 3.18 13.13
N ASP A 414 38.03 2.85 13.12
CA ASP A 414 38.78 2.68 14.36
C ASP A 414 38.84 3.96 15.18
N LYS A 415 39.08 5.09 14.52
CA LYS A 415 39.15 6.37 15.22
C LYS A 415 37.77 6.80 15.73
N VAL A 416 36.74 6.62 14.91
CA VAL A 416 35.38 6.97 15.31
C VAL A 416 34.97 6.12 16.51
N LEU A 417 35.14 4.81 16.39
CA LEU A 417 34.77 3.89 17.48
C LEU A 417 35.55 4.12 18.79
N GLU A 418 36.85 4.44 18.70
CA GLU A 418 37.65 4.81 19.88
C GLU A 418 37.05 6.01 20.61
N GLU A 419 36.75 7.07 19.86
CA GLU A 419 36.18 8.29 20.44
C GLU A 419 34.74 8.13 20.92
N ILE A 420 33.93 7.34 20.22
CA ILE A 420 32.55 7.03 20.67
C ILE A 420 32.55 6.17 21.93
N ALA A 421 33.37 5.12 21.94
CA ALA A 421 33.51 4.22 23.10
C ALA A 421 33.95 4.94 24.38
N ALA A 422 34.91 5.86 24.23
CA ALA A 422 35.40 6.68 25.35
C ALA A 422 34.33 7.66 25.85
N LEU A 423 33.55 8.17 24.89
CA LEU A 423 32.55 9.21 25.14
C LEU A 423 31.24 8.69 25.71
N PHE A 424 30.81 7.50 25.26
CA PHE A 424 29.56 6.89 25.73
C PHE A 424 29.78 5.76 26.76
N PRO A 425 29.45 6.00 28.05
CA PRO A 425 29.65 5.00 29.10
C PRO A 425 28.84 3.71 29.00
N ALA A 426 27.75 3.70 28.23
CA ALA A 426 26.99 2.47 28.07
C ALA A 426 27.88 1.40 27.42
N PRO A 427 27.83 0.15 27.93
CA PRO A 427 28.67 -0.91 27.36
C PRO A 427 28.29 -1.38 25.94
N TYR A 428 27.53 -0.57 25.20
CA TYR A 428 27.01 -0.97 23.89
C TYR A 428 27.24 0.12 22.85
N VAL A 429 27.42 -0.32 21.62
CA VAL A 429 27.50 0.56 20.46
C VAL A 429 26.74 -0.11 19.32
N HIS A 430 25.89 0.68 18.64
CA HIS A 430 25.11 0.19 17.50
C HIS A 430 25.86 0.56 16.20
N ILE A 431 26.00 -0.42 15.29
CA ILE A 431 26.88 -0.28 14.11
C ILE A 431 26.13 -0.16 12.76
N GLY A 432 24.81 -0.07 12.81
CA GLY A 432 23.96 -0.17 11.64
C GLY A 432 23.89 -1.59 11.13
N ALA A 433 24.84 -1.94 10.24
CA ALA A 433 24.89 -3.25 9.60
C ALA A 433 23.65 -3.58 8.75
N ALA A 434 23.02 -2.55 8.20
CA ALA A 434 21.99 -2.75 7.20
C ALA A 434 22.62 -3.39 5.97
N GLU A 435 21.86 -4.25 5.32
CA GLU A 435 22.24 -4.89 4.06
C GLU A 435 22.61 -3.85 3.02
N VAL A 436 23.74 -4.06 2.36
CA VAL A 436 24.22 -3.14 1.33
C VAL A 436 23.39 -3.36 0.06
N PRO A 437 23.41 -2.40 -0.86
CA PRO A 437 22.75 -2.59 -2.16
C PRO A 437 23.37 -3.76 -2.92
N ASN A 438 22.56 -4.51 -3.64
CA ASN A 438 23.09 -5.62 -4.44
C ASN A 438 24.06 -5.09 -5.51
N GLY A 439 25.10 -5.87 -5.79
CA GLY A 439 26.10 -5.55 -6.81
C GLY A 439 27.25 -4.66 -6.36
N VAL A 440 27.21 -4.17 -5.12
CA VAL A 440 28.18 -3.18 -4.64
C VAL A 440 29.58 -3.80 -4.55
N TRP A 441 30.62 -3.00 -4.81
CA TRP A 441 32.03 -3.44 -4.85
C TRP A 441 32.43 -4.41 -5.97
N SER A 442 31.48 -4.88 -6.79
CA SER A 442 31.74 -5.94 -7.77
C SER A 442 32.72 -5.54 -8.88
N LYS A 443 32.84 -4.23 -9.13
CA LYS A 443 33.82 -3.69 -10.09
C LYS A 443 34.86 -2.78 -9.43
N SER A 444 35.26 -3.11 -8.20
CA SER A 444 36.28 -2.38 -7.44
C SER A 444 37.57 -3.18 -7.50
N PRO A 445 38.65 -2.60 -8.09
CA PRO A 445 39.93 -3.34 -8.12
C PRO A 445 40.43 -3.81 -6.75
N ALA A 446 40.34 -2.94 -5.75
CA ALA A 446 40.80 -3.27 -4.40
C ALA A 446 40.00 -4.40 -3.77
N CYS A 447 38.68 -4.38 -3.95
CA CYS A 447 37.81 -5.44 -3.43
C CYS A 447 38.03 -6.77 -4.16
N GLN A 448 38.10 -6.72 -5.48
CA GLN A 448 38.42 -7.90 -6.30
C GLN A 448 39.73 -8.57 -5.84
N ALA A 449 40.73 -7.76 -5.51
CA ALA A 449 41.99 -8.25 -4.94
C ALA A 449 41.77 -8.90 -3.56
N LEU A 450 41.04 -8.21 -2.68
CA LEU A 450 40.71 -8.74 -1.36
C LEU A 450 39.88 -10.03 -1.41
N MET A 451 38.99 -10.12 -2.38
CA MET A 451 38.17 -11.33 -2.59
C MET A 451 39.04 -12.56 -2.88
N GLU A 452 40.01 -12.39 -3.77
CA GLU A 452 40.98 -13.45 -4.09
C GLU A 452 41.90 -13.81 -2.92
N GLN A 453 42.37 -12.80 -2.18
CA GLN A 453 43.13 -13.02 -0.95
C GLN A 453 42.29 -13.80 0.07
N LEU A 454 41.06 -13.33 0.30
CA LEU A 454 40.16 -13.98 1.28
C LEU A 454 39.57 -15.31 0.82
N GLY A 455 39.57 -15.56 -0.48
CA GLY A 455 39.01 -16.79 -1.05
C GLY A 455 37.50 -16.79 -1.21
N TYR A 456 36.88 -15.60 -1.21
CA TYR A 456 35.42 -15.46 -1.31
C TYR A 456 34.97 -15.40 -2.78
N THR A 457 33.75 -15.87 -3.01
CA THR A 457 33.13 -15.90 -4.35
C THR A 457 32.05 -14.82 -4.54
N ASP A 458 31.42 -14.38 -3.45
CA ASP A 458 30.33 -13.41 -3.50
C ASP A 458 30.70 -12.14 -2.73
N TYR A 459 30.52 -10.98 -3.35
CA TYR A 459 30.97 -9.70 -2.78
C TYR A 459 30.19 -9.29 -1.53
N LYS A 460 28.99 -9.81 -1.36
CA LYS A 460 28.23 -9.65 -0.10
C LYS A 460 29.02 -10.11 1.14
N GLU A 461 29.89 -11.10 1.00
CA GLU A 461 30.72 -11.58 2.13
C GLU A 461 31.72 -10.55 2.69
N LEU A 462 32.03 -9.52 1.91
CA LEU A 462 32.83 -8.40 2.40
C LEU A 462 32.17 -7.52 3.46
N GLN A 463 30.86 -7.62 3.64
CA GLN A 463 30.18 -6.92 4.72
C GLN A 463 30.60 -7.52 6.05
N GLY A 464 30.55 -8.84 6.12
CA GLY A 464 30.95 -9.58 7.31
C GLY A 464 32.40 -9.31 7.67
N HIS A 465 33.25 -9.24 6.65
CA HIS A 465 34.67 -8.93 6.84
C HIS A 465 34.85 -7.61 7.57
N PHE A 466 34.19 -6.56 7.06
CA PHE A 466 34.25 -5.24 7.69
C PHE A 466 33.60 -5.23 9.07
N LEU A 467 32.49 -5.97 9.22
CA LEU A 467 31.70 -5.92 10.44
C LEU A 467 32.33 -6.74 11.56
N ARG A 468 32.96 -7.86 11.22
CA ARG A 468 33.74 -8.65 12.18
C ARG A 468 34.93 -7.85 12.71
N HIS A 469 35.52 -7.01 11.86
CA HIS A 469 36.55 -6.09 12.30
C HIS A 469 36.01 -5.09 13.31
N ALA A 470 34.83 -4.52 13.02
CA ALA A 470 34.22 -3.53 13.89
C ALA A 470 33.81 -4.15 15.23
N GLU A 471 33.28 -5.37 15.19
CA GLU A 471 32.90 -6.06 16.42
C GLU A 471 34.12 -6.30 17.32
N ASP A 472 35.20 -6.80 16.73
CA ASP A 472 36.43 -7.05 17.48
C ASP A 472 37.06 -5.76 18.05
N LYS A 473 37.02 -4.68 17.27
CA LYS A 473 37.50 -3.39 17.74
C LYS A 473 36.71 -2.94 18.96
N LEU A 474 35.39 -3.05 18.87
CA LEU A 474 34.49 -2.69 19.97
C LEU A 474 34.70 -3.57 21.19
N ARG A 475 34.97 -4.85 20.96
CA ARG A 475 35.29 -5.81 22.03
C ARG A 475 36.53 -5.38 22.82
N LYS A 476 37.60 -5.04 22.09
CA LYS A 476 38.83 -4.52 22.69
C LYS A 476 38.61 -3.18 23.37
N LEU A 477 37.66 -2.39 22.86
CA LEU A 477 37.22 -1.16 23.52
C LEU A 477 36.22 -1.36 24.67
N GLY A 478 35.86 -2.61 25.00
CA GLY A 478 34.98 -2.92 26.14
C GLY A 478 33.48 -2.86 25.88
N LYS A 479 33.09 -2.93 24.60
CA LYS A 479 31.70 -2.75 24.20
C LYS A 479 31.17 -3.97 23.44
N ARG A 480 29.89 -4.27 23.67
CA ARG A 480 29.15 -5.26 22.89
C ARG A 480 28.52 -4.56 21.68
N MET A 481 28.53 -5.23 20.53
CA MET A 481 28.03 -4.62 19.31
C MET A 481 26.53 -4.85 19.11
N LEU A 482 25.85 -3.84 18.56
CA LEU A 482 24.42 -3.93 18.22
C LEU A 482 24.26 -3.69 16.71
N GLY A 483 23.29 -4.36 16.10
CA GLY A 483 23.03 -4.23 14.67
C GLY A 483 21.56 -4.35 14.32
N TRP A 484 21.20 -3.87 13.15
CA TRP A 484 19.85 -4.01 12.61
C TRP A 484 19.57 -5.42 12.08
N GLU A 485 18.27 -5.71 11.94
CA GLU A 485 17.71 -6.96 11.41
C GLU A 485 18.64 -7.81 10.55
N GLU A 486 19.15 -7.20 9.48
CA GLU A 486 19.88 -7.94 8.43
C GLU A 486 21.26 -8.43 8.84
N ALA A 487 21.79 -7.93 9.96
CA ALA A 487 23.09 -8.39 10.46
C ALA A 487 23.14 -9.88 10.76
N GLN A 488 22.00 -10.45 11.17
CA GLN A 488 21.92 -11.87 11.53
C GLN A 488 22.20 -12.84 10.38
N HIS A 489 21.97 -12.41 9.14
CA HIS A 489 22.06 -13.31 7.98
C HIS A 489 23.45 -13.27 7.39
N GLY A 490 23.75 -14.28 6.57
CA GLY A 490 25.12 -14.62 6.24
C GLY A 490 25.88 -14.92 7.53
N ASN A 491 27.19 -15.06 7.43
CA ASN A 491 28.04 -14.95 8.60
C ASN A 491 28.64 -13.57 8.50
N LYS A 492 28.13 -12.69 9.35
CA LYS A 492 28.58 -11.31 9.43
C LYS A 492 29.03 -10.89 10.81
N VAL A 493 28.34 -11.38 11.84
CA VAL A 493 28.61 -11.00 13.22
C VAL A 493 28.50 -12.21 14.13
N SER A 494 29.13 -12.11 15.30
CA SER A 494 29.02 -13.16 16.30
C SER A 494 27.62 -13.19 16.89
N LYS A 495 27.35 -14.23 17.67
CA LYS A 495 26.08 -14.39 18.37
C LYS A 495 26.01 -13.44 19.57
N ASP A 496 27.13 -12.79 19.92
CA ASP A 496 27.15 -11.70 20.91
C ASP A 496 26.50 -10.41 20.43
N THR A 497 26.42 -10.21 19.11
CA THR A 497 25.80 -9.00 18.55
C THR A 497 24.28 -9.02 18.80
N VAL A 498 23.78 -7.92 19.38
CA VAL A 498 22.36 -7.79 19.69
C VAL A 498 21.68 -7.29 18.43
N ILE A 499 20.63 -8.01 18.03
CA ILE A 499 19.94 -7.77 16.77
C ILE A 499 18.67 -6.98 17.04
N TYR A 500 18.51 -5.87 16.34
CA TYR A 500 17.31 -5.02 16.45
C TYR A 500 16.38 -5.40 15.31
N SER A 501 15.37 -6.20 15.64
CA SER A 501 14.50 -6.81 14.64
C SER A 501 13.32 -5.89 14.29
N TRP A 502 13.30 -5.44 13.04
CA TRP A 502 12.21 -4.60 12.52
C TRP A 502 11.24 -5.34 11.57
N LEU A 503 11.61 -6.54 11.13
CA LEU A 503 10.90 -7.23 10.07
C LEU A 503 9.53 -7.73 10.52
N SER A 504 9.53 -8.55 11.57
CA SER A 504 8.32 -9.18 12.12
C SER A 504 8.66 -9.90 13.43
N GLU A 505 7.63 -10.27 14.19
CA GLU A 505 7.81 -10.95 15.48
C GLU A 505 8.33 -12.36 15.28
N GLU A 506 7.78 -13.06 14.29
CA GLU A 506 8.25 -14.40 13.98
C GLU A 506 9.70 -14.42 13.50
N ALA A 507 10.10 -13.44 12.69
CA ALA A 507 11.50 -13.33 12.27
C ALA A 507 12.44 -13.04 13.45
N ALA A 508 11.96 -12.23 14.39
CA ALA A 508 12.71 -11.90 15.62
C ALA A 508 12.90 -13.12 16.50
N LEU A 509 11.81 -13.86 16.75
CA LEU A 509 11.86 -15.09 17.54
C LEU A 509 12.70 -16.15 16.84
N ASN A 510 12.67 -16.13 15.51
CA ASN A 510 13.55 -16.97 14.72
C ASN A 510 15.02 -16.63 14.95
N CYS A 511 15.31 -15.34 15.06
CA CYS A 511 16.64 -14.82 15.37
C CYS A 511 17.10 -15.23 16.78
N ALA A 512 16.20 -15.12 17.76
CA ALA A 512 16.45 -15.57 19.14
C ALA A 512 16.86 -17.04 19.20
N ARG A 513 16.15 -17.90 18.48
CA ARG A 513 16.48 -19.33 18.43
C ARG A 513 17.83 -19.66 17.81
N GLN A 514 18.40 -18.76 17.01
CA GLN A 514 19.77 -18.91 16.51
C GLN A 514 20.85 -18.54 17.53
N GLY A 515 20.48 -17.97 18.68
CA GLY A 515 21.41 -17.62 19.74
C GLY A 515 21.66 -16.13 19.96
N PHE A 516 21.12 -15.28 19.08
CA PHE A 516 21.22 -13.82 19.25
C PHE A 516 20.26 -13.34 20.32
N ASP A 517 20.70 -12.44 21.20
CA ASP A 517 19.74 -11.63 21.96
C ASP A 517 19.12 -10.63 20.97
N VAL A 518 17.82 -10.38 21.09
CA VAL A 518 17.14 -9.47 20.15
C VAL A 518 16.36 -8.38 20.85
N VAL A 519 16.24 -7.23 20.17
CA VAL A 519 15.34 -6.16 20.57
C VAL A 519 14.21 -6.11 19.52
N LEU A 520 12.99 -5.93 20.00
CA LEU A 520 11.83 -5.86 19.11
C LEU A 520 11.51 -4.41 18.76
N GLN A 521 11.60 -4.09 17.48
CA GLN A 521 11.22 -2.78 16.95
C GLN A 521 10.59 -2.98 15.57
N PRO A 522 9.46 -3.71 15.52
CA PRO A 522 8.83 -3.99 14.23
C PRO A 522 8.23 -2.74 13.54
N ALA A 523 8.53 -2.61 12.25
CA ALA A 523 8.08 -1.50 11.43
C ALA A 523 6.56 -1.40 11.30
N GLN A 524 5.87 -2.54 11.39
CA GLN A 524 4.42 -2.55 11.24
C GLN A 524 3.72 -1.74 12.34
N THR A 525 4.35 -1.64 13.51
CA THR A 525 3.68 -1.04 14.65
C THR A 525 4.50 -0.18 15.63
N THR A 526 5.81 0.00 15.42
CA THR A 526 6.62 0.81 16.36
C THR A 526 7.24 2.09 15.76
N TYR A 527 6.94 2.37 14.49
CA TYR A 527 7.56 3.47 13.75
C TYR A 527 6.68 4.71 13.81
N LEU A 528 7.07 5.65 14.67
CA LEU A 528 6.28 6.86 14.93
C LEU A 528 6.27 7.87 13.79
N ASP A 529 7.14 7.69 12.78
CA ASP A 529 7.06 8.49 11.56
C ASP A 529 5.85 8.13 10.70
N MET A 530 5.22 6.98 10.97
CA MET A 530 4.02 6.60 10.25
C MET A 530 2.86 7.54 10.59
N THR A 531 2.00 7.77 9.59
CA THR A 531 0.82 8.61 9.75
C THR A 531 -0.10 8.03 10.81
N GLN A 532 -0.82 8.92 11.48
CA GLN A 532 -1.72 8.55 12.57
C GLN A 532 -3.19 8.42 12.17
N ASP A 533 -3.52 8.68 10.92
CA ASP A 533 -4.89 8.53 10.45
C ASP A 533 -4.84 8.39 8.92
N TYR A 534 -6.00 8.10 8.31
CA TYR A 534 -6.11 7.91 6.86
C TYR A 534 -6.44 9.20 6.11
N ALA A 535 -6.71 10.29 6.84
CA ALA A 535 -6.96 11.58 6.21
C ALA A 535 -5.71 12.04 5.46
N PRO A 536 -5.87 12.51 4.20
CA PRO A 536 -4.71 12.97 3.43
C PRO A 536 -3.93 14.15 4.04
N GLU A 537 -4.58 14.94 4.90
CA GLU A 537 -3.95 16.11 5.53
C GLU A 537 -2.97 15.70 6.64
N GLU A 538 -3.08 14.49 7.16
CA GLU A 538 -2.16 13.99 8.20
C GLU A 538 -0.69 13.91 7.76
N PRO A 539 0.22 14.53 8.54
CA PRO A 539 1.63 14.44 8.25
C PRO A 539 2.21 13.07 8.60
N GLY A 540 3.20 12.64 7.84
CA GLY A 540 3.82 11.34 8.02
C GLY A 540 4.06 10.60 6.72
N VAL A 541 4.55 9.37 6.88
CA VAL A 541 4.76 8.43 5.78
C VAL A 541 3.90 7.21 6.11
N ASP A 542 3.74 6.32 5.12
CA ASP A 542 2.89 5.13 5.28
C ASP A 542 3.43 3.87 4.61
N TRP A 543 4.74 3.82 4.36
CA TRP A 543 5.33 2.71 3.59
C TRP A 543 5.12 1.37 4.28
N ALA A 544 5.27 1.34 5.60
CA ALA A 544 4.88 0.18 6.38
C ALA A 544 3.36 0.10 6.36
N ASN A 545 2.73 1.17 6.84
CA ASN A 545 1.28 1.38 6.81
C ASN A 545 0.97 2.56 7.72
N PRO A 546 -0.25 3.11 7.64
CA PRO A 546 -0.68 4.04 8.68
C PRO A 546 -0.70 3.37 10.06
N LEU A 547 -0.35 4.12 11.09
CA LEU A 547 -0.35 3.60 12.45
C LEU A 547 -1.24 4.48 13.32
N PRO A 548 -2.56 4.30 13.23
CA PRO A 548 -3.42 4.99 14.18
C PRO A 548 -3.22 4.48 15.60
N LEU A 549 -3.55 5.31 16.58
CA LEU A 549 -3.37 4.99 17.99
C LEU A 549 -3.85 3.59 18.40
N GLU A 550 -4.99 3.17 17.86
CA GLU A 550 -5.56 1.87 18.18
C GLU A 550 -4.68 0.72 17.71
N LYS A 551 -4.12 0.84 16.50
CA LYS A 551 -3.24 -0.18 15.96
C LYS A 551 -1.97 -0.25 16.80
N ALA A 552 -1.51 0.92 17.25
CA ALA A 552 -0.35 1.02 18.13
C ALA A 552 -0.61 0.32 19.45
N TYR A 553 -1.78 0.59 20.05
CA TYR A 553 -2.13 -0.07 21.31
C TYR A 553 -2.36 -1.59 21.17
N ASN A 554 -2.87 -2.03 20.03
CA ASN A 554 -3.08 -3.46 19.80
C ASN A 554 -1.80 -4.28 19.72
N TYR A 555 -0.66 -3.61 19.54
CA TYR A 555 0.62 -4.28 19.54
C TYR A 555 0.89 -4.93 20.88
N GLU A 556 0.72 -6.24 20.92
CA GLU A 556 0.96 -7.03 22.11
C GLU A 556 2.12 -7.99 21.83
N PRO A 557 3.34 -7.59 22.24
CA PRO A 557 4.53 -8.39 21.93
C PRO A 557 4.58 -9.69 22.71
N LEU A 558 5.00 -10.75 22.00
CA LEU A 558 5.07 -12.11 22.53
C LEU A 558 3.73 -12.63 23.09
N ALA A 559 2.61 -12.21 22.50
CA ALA A 559 1.29 -12.61 22.98
C ALA A 559 1.09 -14.13 22.89
N GLU A 560 1.53 -14.73 21.78
CA GLU A 560 1.42 -16.19 21.57
C GLU A 560 2.48 -17.05 22.28
N VAL A 561 3.56 -16.44 22.76
CA VAL A 561 4.62 -17.21 23.43
C VAL A 561 4.16 -17.57 24.87
N PRO A 562 4.40 -18.83 25.32
CA PRO A 562 4.07 -19.17 26.73
C PRO A 562 5.02 -18.52 27.76
N ALA A 563 4.53 -18.34 28.98
CA ALA A 563 5.28 -17.63 30.05
C ALA A 563 6.56 -18.36 30.50
N ASP A 564 6.53 -19.69 30.44
CA ASP A 564 7.69 -20.52 30.82
C ASP A 564 8.66 -20.83 29.67
N ASP A 565 8.40 -20.27 28.47
CA ASP A 565 9.27 -20.49 27.31
C ASP A 565 10.67 -19.88 27.55
N PRO A 566 11.75 -20.68 27.37
CA PRO A 566 13.12 -20.20 27.58
C PRO A 566 13.61 -19.14 26.58
N ILE A 567 12.93 -19.02 25.44
CA ILE A 567 13.27 -18.03 24.41
C ILE A 567 13.09 -16.58 24.88
N ARG A 568 12.21 -16.37 25.87
CA ARG A 568 12.03 -15.08 26.52
C ARG A 568 13.29 -14.43 27.10
N LYS A 569 14.32 -15.24 27.35
CA LYS A 569 15.63 -14.76 27.81
C LYS A 569 16.46 -14.11 26.71
N ARG A 570 16.23 -14.51 25.46
CA ARG A 570 16.82 -13.84 24.30
C ARG A 570 16.22 -12.46 24.03
N ILE A 571 14.99 -12.21 24.50
CA ILE A 571 14.30 -10.95 24.24
C ILE A 571 14.70 -9.90 25.27
N TRP A 572 15.66 -9.05 24.89
CA TRP A 572 16.02 -7.87 25.69
C TRP A 572 14.78 -7.05 26.03
N GLY A 573 13.96 -6.80 25.01
CA GLY A 573 12.82 -5.92 25.15
C GLY A 573 12.44 -5.25 23.85
N ILE A 574 11.84 -4.07 23.98
CA ILE A 574 11.13 -3.39 22.90
C ILE A 574 11.64 -1.97 22.68
N GLN A 575 11.61 -1.53 21.43
CA GLN A 575 11.94 -0.15 21.09
C GLN A 575 10.91 0.44 20.13
N THR A 576 10.71 1.75 20.25
CA THR A 576 9.93 2.52 19.27
C THR A 576 10.85 3.57 18.64
N ALA A 577 10.68 3.83 17.35
CA ALA A 577 11.62 4.66 16.61
C ALA A 577 10.93 5.79 15.86
N LEU A 578 11.58 6.96 15.87
CA LEU A 578 11.15 8.09 15.06
C LEU A 578 12.21 8.41 14.02
N TRP A 579 11.93 8.06 12.76
CA TRP A 579 12.76 8.44 11.62
C TRP A 579 12.34 9.84 11.18
N CYS A 580 13.28 10.67 10.76
CA CYS A 580 13.03 12.11 10.61
C CYS A 580 13.27 12.69 9.22
N GLU A 581 12.98 11.91 8.18
CA GLU A 581 13.03 12.38 6.81
C GLU A 581 12.14 13.60 6.55
N ILE A 582 10.99 13.69 7.24
CA ILE A 582 10.07 14.82 7.08
C ILE A 582 9.68 15.48 8.41
N ILE A 583 10.56 15.35 9.41
CA ILE A 583 10.35 15.90 10.73
C ILE A 583 11.59 16.73 11.06
N ASN A 584 11.44 18.06 10.99
CA ASN A 584 12.55 19.01 11.15
C ASN A 584 12.33 20.12 12.17
N ASN A 585 11.32 19.96 13.05
CA ASN A 585 11.04 20.95 14.10
C ASN A 585 10.31 20.31 15.29
N PRO A 586 10.44 20.90 16.49
CA PRO A 586 9.84 20.36 17.72
C PRO A 586 8.33 20.10 17.63
N SER A 587 7.61 21.03 17.02
CA SER A 587 6.15 20.97 16.98
C SER A 587 5.66 19.72 16.24
N ARG A 588 6.26 19.45 15.08
CA ARG A 588 5.96 18.27 14.28
C ARG A 588 6.36 17.00 15.02
N MET A 589 7.56 17.02 15.59
CA MET A 589 8.08 15.89 16.35
C MET A 589 7.13 15.47 17.47
N ASP A 590 6.71 16.42 18.31
CA ASP A 590 5.70 16.17 19.36
C ASP A 590 4.44 15.55 18.79
N TYR A 591 3.95 16.13 17.69
CA TYR A 591 2.74 15.66 17.04
C TYR A 591 2.85 14.19 16.63
N MET A 592 4.01 13.80 16.11
CA MET A 592 4.20 12.42 15.66
C MET A 592 4.49 11.46 16.81
N ILE A 593 5.23 11.92 17.83
CA ILE A 593 5.62 11.08 18.97
C ILE A 593 4.45 10.80 19.91
N PHE A 594 3.69 11.85 20.21
CA PHE A 594 2.59 11.79 21.17
C PHE A 594 1.24 11.87 20.47
N PRO A 595 0.25 11.06 20.88
CA PRO A 595 0.28 10.26 22.11
C PRO A 595 0.80 8.80 21.97
N ARG A 596 1.13 8.35 20.76
CA ARG A 596 1.46 6.95 20.55
C ARG A 596 2.62 6.43 21.41
N LEU A 597 3.53 7.30 21.84
CA LEU A 597 4.60 6.89 22.77
C LEU A 597 4.05 6.23 24.03
N THR A 598 2.96 6.78 24.57
CA THR A 598 2.35 6.24 25.78
C THR A 598 1.83 4.81 25.59
N ALA A 599 1.34 4.50 24.39
CA ALA A 599 0.97 3.13 24.05
C ALA A 599 2.20 2.21 23.93
N MET A 600 3.29 2.74 23.38
CA MET A 600 4.55 1.98 23.29
C MET A 600 5.16 1.70 24.67
N ALA A 601 5.10 2.68 25.57
CA ALA A 601 5.56 2.51 26.95
C ALA A 601 4.81 1.40 27.65
N GLU A 602 3.49 1.40 27.49
CA GLU A 602 2.62 0.40 28.10
C GLU A 602 2.87 -1.00 27.57
N ALA A 603 3.26 -1.10 26.30
CA ALA A 603 3.68 -2.37 25.72
C ALA A 603 4.94 -2.93 26.36
N CYS A 604 5.91 -2.06 26.71
CA CYS A 604 7.15 -2.49 27.34
C CYS A 604 7.06 -2.70 28.84
N TRP A 605 6.18 -1.95 29.50
CA TRP A 605 6.09 -1.98 30.95
C TRP A 605 5.01 -2.92 31.45
N THR A 606 3.80 -2.78 30.92
CA THR A 606 2.61 -3.45 31.46
C THR A 606 2.39 -4.84 30.86
N GLU A 607 1.98 -5.77 31.72
CA GLU A 607 1.71 -7.15 31.32
C GLU A 607 0.35 -7.15 30.61
N LYS A 608 0.20 -7.98 29.58
CA LYS A 608 -1.02 -8.03 28.75
C LYS A 608 -2.35 -8.13 29.52
N GLN A 609 -2.37 -8.85 30.63
CA GLN A 609 -3.59 -9.02 31.45
C GLN A 609 -4.17 -7.71 32.00
N HIS A 610 -3.33 -6.71 32.24
CA HIS A 610 -3.80 -5.41 32.75
C HIS A 610 -3.94 -4.37 31.64
N ARG A 611 -3.80 -4.81 30.38
CA ARG A 611 -3.92 -3.97 29.20
C ARG A 611 -5.34 -4.01 28.65
N ASP A 612 -5.91 -2.84 28.41
CA ASP A 612 -7.27 -2.74 27.88
C ASP A 612 -7.46 -1.41 27.16
N TRP A 613 -7.90 -1.47 25.91
CA TRP A 613 -8.03 -0.29 25.05
C TRP A 613 -8.95 0.79 25.62
N THR A 614 -10.09 0.37 26.19
CA THR A 614 -11.02 1.31 26.84
C THR A 614 -10.38 1.93 28.08
N ASP A 615 -9.83 1.09 28.94
CA ASP A 615 -9.13 1.56 30.15
C ASP A 615 -8.01 2.53 29.80
N TYR A 616 -7.18 2.14 28.83
CA TYR A 616 -6.08 2.97 28.34
C TYR A 616 -6.53 4.34 27.89
N LEU A 617 -7.60 4.39 27.10
CA LEU A 617 -8.11 5.68 26.61
C LEU A 617 -8.60 6.59 27.73
N SER A 618 -9.20 6.03 28.77
CA SER A 618 -9.64 6.84 29.92
C SER A 618 -8.43 7.44 30.64
N ARG A 619 -7.41 6.60 30.85
CA ARG A 619 -6.14 7.05 31.45
C ARG A 619 -5.41 8.07 30.58
N LEU A 620 -5.42 7.87 29.27
CA LEU A 620 -4.85 8.86 28.35
C LEU A 620 -5.59 10.19 28.40
N LYS A 621 -6.92 10.16 28.49
CA LYS A 621 -7.72 11.40 28.54
C LYS A 621 -7.40 12.20 29.79
N GLY A 622 -7.31 11.53 30.93
CA GLY A 622 -6.89 12.16 32.18
C GLY A 622 -5.47 12.65 32.19
N HIS A 623 -4.59 11.99 31.43
CA HIS A 623 -3.20 12.42 31.27
C HIS A 623 -3.00 13.68 30.42
N LEU A 624 -3.93 13.98 29.52
CA LEU A 624 -3.74 15.08 28.53
C LEU A 624 -3.51 16.47 29.12
N PRO A 625 -4.18 16.82 30.23
CA PRO A 625 -3.91 18.12 30.86
C PRO A 625 -2.46 18.29 31.36
N LEU A 626 -1.82 17.19 31.76
CA LEU A 626 -0.42 17.22 32.15
C LEU A 626 0.49 17.51 30.95
N LEU A 627 0.20 16.89 29.81
CA LEU A 627 0.90 17.20 28.55
C LEU A 627 0.63 18.63 28.07
N ASP A 628 -0.57 19.16 28.33
CA ASP A 628 -0.91 20.56 28.04
C ASP A 628 -0.08 21.55 28.85
N LEU A 629 0.07 21.32 30.16
CA LEU A 629 0.93 22.15 31.02
C LEU A 629 2.39 22.21 30.54
N GLN A 630 2.89 21.07 30.06
CA GLN A 630 4.25 21.00 29.50
C GLN A 630 4.41 21.58 28.10
N GLY A 631 3.30 21.97 27.46
CA GLY A 631 3.33 22.54 26.12
C GLY A 631 3.73 21.55 25.04
N VAL A 632 3.40 20.28 25.25
CA VAL A 632 3.67 19.22 24.28
C VAL A 632 2.60 19.27 23.19
N ASN A 633 3.01 19.51 21.95
CA ASN A 633 2.08 19.60 20.83
C ASN A 633 1.71 18.21 20.27
N TYR A 634 1.02 17.44 21.10
CA TYR A 634 0.58 16.08 20.73
C TYR A 634 -0.63 16.16 19.80
N ARG A 635 -0.93 15.03 19.16
CA ARG A 635 -2.09 14.95 18.29
C ARG A 635 -3.31 14.64 19.14
N LYS A 636 -4.32 15.51 19.07
CA LYS A 636 -5.51 15.41 19.91
C LYS A 636 -6.34 14.19 19.50
N PRO A 637 -6.50 13.21 20.40
CA PRO A 637 -7.30 12.04 20.01
C PRO A 637 -8.81 12.31 19.90
N TRP A 638 -9.31 13.31 20.64
CA TRP A 638 -10.72 13.67 20.60
C TRP A 638 -10.91 15.01 19.89
N LYS A 639 -11.40 14.93 18.65
CA LYS A 639 -11.58 16.07 17.75
C LYS A 639 -13.05 16.13 17.31
N SER B 1 6.43 -32.45 -6.07
CA SER B 1 6.92 -33.13 -4.81
C SER B 1 8.38 -33.58 -4.88
N GLU B 2 8.79 -34.04 -6.07
CA GLU B 2 10.22 -34.22 -6.36
C GLU B 2 11.01 -32.92 -6.28
N TYR B 3 10.40 -31.82 -6.72
CA TYR B 3 11.07 -30.52 -6.78
C TYR B 3 10.25 -29.45 -6.05
N ARG B 4 10.93 -28.50 -5.42
CA ARG B 4 10.30 -27.49 -4.59
C ARG B 4 11.03 -26.16 -4.63
N VAL B 5 10.26 -25.07 -4.54
CA VAL B 5 10.80 -23.71 -4.38
C VAL B 5 10.12 -23.00 -3.21
N ASP B 6 10.93 -22.38 -2.35
CA ASP B 6 10.48 -21.63 -1.18
C ASP B 6 10.84 -20.16 -1.35
N LEU B 7 9.84 -19.29 -1.26
CA LEU B 7 10.03 -17.85 -1.37
C LEU B 7 9.78 -17.22 -0.02
N VAL B 8 10.68 -16.35 0.44
CA VAL B 8 10.59 -15.73 1.77
C VAL B 8 10.90 -14.24 1.68
N VAL B 9 10.18 -13.42 2.44
CA VAL B 9 10.45 -11.99 2.53
C VAL B 9 11.57 -11.77 3.55
N LEU B 10 12.69 -11.23 3.07
CA LEU B 10 13.87 -10.95 3.89
C LEU B 10 13.88 -9.53 4.44
N SER B 11 13.37 -8.57 3.69
CA SER B 11 13.41 -7.17 4.13
C SER B 11 12.34 -6.33 3.44
N GLU B 12 11.77 -5.39 4.19
CA GLU B 12 10.78 -4.45 3.65
C GLU B 12 11.07 -3.05 4.18
N GLN B 13 11.46 -2.16 3.28
CA GLN B 13 11.74 -0.76 3.59
C GLN B 13 10.86 0.07 2.65
N LYS B 14 10.92 1.39 2.79
CA LYS B 14 10.14 2.27 1.92
C LYS B 14 10.28 1.90 0.44
N GLN B 15 9.20 1.37 -0.14
CA GLN B 15 9.11 1.06 -1.56
C GLN B 15 10.13 0.02 -2.05
N ASN B 16 10.65 -0.81 -1.13
CA ASN B 16 11.58 -1.88 -1.51
C ASN B 16 11.28 -3.14 -0.73
N CYS B 17 11.17 -4.24 -1.46
CA CYS B 17 11.00 -5.58 -0.89
C CYS B 17 12.11 -6.46 -1.42
N ARG B 18 12.80 -7.16 -0.52
CA ARG B 18 13.83 -8.14 -0.89
C ARG B 18 13.36 -9.53 -0.48
N PHE B 19 13.56 -10.50 -1.36
CA PHE B 19 13.15 -11.89 -1.15
C PHE B 19 14.34 -12.85 -1.22
N GLY B 20 14.23 -13.96 -0.48
CA GLY B 20 15.12 -15.09 -0.62
C GLY B 20 14.37 -16.19 -1.33
N LEU B 21 14.98 -16.76 -2.37
CA LEU B 21 14.40 -17.87 -3.15
C LEU B 21 15.30 -19.08 -2.96
N THR B 22 14.74 -20.17 -2.43
CA THR B 22 15.49 -21.41 -2.24
C THR B 22 14.84 -22.56 -3.00
N PHE B 23 15.54 -23.07 -4.02
CA PHE B 23 15.09 -24.22 -4.79
C PHE B 23 15.75 -25.50 -4.27
N HIS B 24 14.92 -26.50 -3.99
CA HIS B 24 15.39 -27.78 -3.48
C HIS B 24 15.18 -28.89 -4.51
N ASN B 25 16.29 -29.46 -4.99
CA ASN B 25 16.23 -30.73 -5.68
C ASN B 25 16.12 -31.82 -4.62
N LEU B 26 14.92 -32.38 -4.48
CA LEU B 26 14.71 -33.51 -3.59
C LEU B 26 14.76 -34.85 -4.34
N SER B 27 14.99 -34.81 -5.66
CA SER B 27 15.13 -36.03 -6.47
C SER B 27 16.43 -36.75 -6.07
N ASP B 28 16.45 -38.06 -6.33
CA ASP B 28 17.66 -38.87 -6.07
C ASP B 28 18.82 -38.62 -7.06
N GLN B 29 18.54 -37.91 -8.16
CA GLN B 29 19.51 -37.67 -9.23
C GLN B 29 19.99 -36.24 -9.23
N ASP B 30 21.13 -36.02 -9.87
CA ASP B 30 21.64 -34.68 -10.11
C ASP B 30 20.84 -34.01 -11.23
N LEU B 31 20.74 -32.68 -11.15
CA LEU B 31 20.13 -31.88 -12.21
C LEU B 31 21.24 -31.19 -12.98
N ASN B 32 21.22 -31.34 -14.31
CA ASN B 32 22.19 -30.72 -15.22
C ASN B 32 21.49 -29.89 -16.28
N SER B 33 22.11 -28.77 -16.65
CA SER B 33 21.56 -27.79 -17.61
C SER B 33 20.15 -27.39 -17.17
N TRP B 34 19.99 -27.24 -15.87
CA TRP B 34 18.69 -27.04 -15.28
C TRP B 34 18.39 -25.54 -15.22
N GLY B 35 17.12 -25.20 -15.35
CA GLY B 35 16.65 -23.81 -15.29
C GLY B 35 15.29 -23.78 -14.63
N LEU B 36 15.00 -22.68 -13.94
CA LEU B 36 13.76 -22.54 -13.17
C LEU B 36 12.88 -21.49 -13.82
N THR B 37 11.61 -21.85 -13.99
CA THR B 37 10.62 -20.97 -14.58
C THR B 37 9.48 -20.78 -13.58
N PHE B 38 9.00 -19.55 -13.43
CA PHE B 38 7.87 -19.25 -12.54
C PHE B 38 7.03 -18.04 -12.95
N ALA B 39 5.83 -17.98 -12.37
CA ALA B 39 4.85 -16.93 -12.61
C ALA B 39 4.91 -15.95 -11.46
N PHE B 40 5.20 -14.68 -11.76
CA PHE B 40 5.29 -13.61 -10.76
C PHE B 40 4.75 -12.32 -11.35
N ASP B 41 3.85 -11.65 -10.64
CA ASP B 41 3.17 -10.44 -11.17
C ASP B 41 3.95 -9.14 -11.03
N ARG B 42 5.06 -9.14 -10.29
CA ARG B 42 5.78 -7.91 -9.99
C ARG B 42 7.04 -7.80 -10.80
N TYR B 43 7.41 -6.56 -11.12
CA TYR B 43 8.66 -6.29 -11.81
C TYR B 43 9.87 -6.60 -10.91
N ILE B 44 10.61 -7.64 -11.27
CA ILE B 44 11.85 -7.95 -10.55
C ILE B 44 12.91 -7.00 -11.05
N LEU B 45 13.57 -6.31 -10.12
CA LEU B 45 14.59 -5.33 -10.48
C LEU B 45 15.81 -6.08 -11.04
N PRO B 46 16.17 -5.85 -12.32
CA PRO B 46 17.22 -6.67 -13.00
C PRO B 46 18.60 -6.64 -12.32
N ASP B 47 18.96 -5.48 -11.80
CA ASP B 47 20.17 -5.29 -10.99
C ASP B 47 20.09 -5.89 -9.57
N SER B 48 18.92 -6.37 -9.15
CA SER B 48 18.74 -6.97 -7.82
C SER B 48 19.09 -8.44 -7.73
N VAL B 49 19.13 -9.15 -8.87
CA VAL B 49 19.35 -10.61 -8.84
C VAL B 49 20.80 -10.93 -8.42
N SER B 50 20.94 -11.79 -7.41
CA SER B 50 22.23 -12.04 -6.77
C SER B 50 23.01 -13.22 -7.36
N ASN B 51 22.31 -14.33 -7.65
CA ASN B 51 22.96 -15.56 -8.12
C ASN B 51 22.21 -16.20 -9.30
N GLY B 52 22.29 -15.56 -10.46
CA GLY B 52 21.67 -16.09 -11.66
C GLY B 52 21.28 -15.01 -12.63
N GLN B 53 20.81 -15.42 -13.80
N GLN B 53 20.81 -15.43 -13.79
CA GLN B 53 20.37 -14.51 -14.85
CA GLN B 53 20.37 -14.53 -14.84
C GLN B 53 18.86 -14.69 -15.00
C GLN B 53 18.85 -14.69 -14.98
N LEU B 54 18.11 -13.61 -14.75
CA LEU B 54 16.65 -13.64 -14.75
C LEU B 54 16.01 -12.82 -15.87
N THR B 55 15.16 -13.49 -16.65
CA THR B 55 14.39 -12.87 -17.71
C THR B 55 12.95 -12.80 -17.25
N GLN B 56 12.29 -11.67 -17.53
CA GLN B 56 10.89 -11.48 -17.18
C GLN B 56 10.09 -10.95 -18.37
N ILE B 57 9.16 -11.77 -18.87
CA ILE B 57 8.23 -11.38 -19.93
C ILE B 57 6.83 -11.41 -19.34
N GLY B 58 6.34 -10.25 -18.92
CA GLY B 58 5.04 -10.17 -18.25
C GLY B 58 5.17 -10.83 -16.88
N SER B 59 4.33 -11.81 -16.63
CA SER B 59 4.40 -12.59 -15.39
C SER B 59 5.39 -13.76 -15.49
N PHE B 60 5.85 -14.07 -16.70
CA PHE B 60 6.64 -15.27 -16.99
C PHE B 60 8.13 -15.02 -16.74
N CYS B 61 8.64 -15.57 -15.64
CA CYS B 61 10.03 -15.39 -15.25
C CYS B 61 10.80 -16.68 -15.42
N THR B 62 11.92 -16.63 -16.16
CA THR B 62 12.85 -17.76 -16.23
C THR B 62 14.13 -17.35 -15.51
N LEU B 63 14.62 -18.22 -14.63
CA LEU B 63 15.85 -17.99 -13.89
C LEU B 63 16.90 -19.01 -14.34
N LYS B 64 17.94 -18.53 -15.01
CA LYS B 64 19.07 -19.37 -15.39
C LYS B 64 20.10 -19.34 -14.25
N PRO B 65 20.37 -20.51 -13.63
CA PRO B 65 21.31 -20.57 -12.52
C PRO B 65 22.76 -20.39 -12.96
N GLU B 66 23.57 -19.86 -12.06
CA GLU B 66 25.02 -19.76 -12.28
C GLU B 66 25.59 -21.18 -12.12
N GLY B 67 26.15 -21.72 -13.19
CA GLY B 67 26.70 -23.07 -13.18
C GLY B 67 25.71 -24.13 -13.63
N ILE B 68 26.27 -25.24 -14.11
CA ILE B 68 25.54 -26.26 -14.87
C ILE B 68 24.79 -27.26 -13.98
N VAL B 69 25.24 -27.45 -12.74
CA VAL B 69 24.83 -28.61 -11.94
C VAL B 69 24.28 -28.26 -10.56
N LEU B 70 23.19 -28.93 -10.17
CA LEU B 70 22.70 -28.94 -8.80
C LEU B 70 22.54 -30.39 -8.39
N ALA B 71 23.25 -30.79 -7.33
CA ALA B 71 23.27 -32.18 -6.87
C ALA B 71 21.92 -32.61 -6.27
N ALA B 72 21.76 -33.91 -6.11
CA ALA B 72 20.63 -34.47 -5.38
C ALA B 72 20.74 -34.07 -3.91
N ASN B 73 19.58 -33.76 -3.32
CA ASN B 73 19.49 -33.30 -1.92
C ASN B 73 20.21 -31.97 -1.64
N HIS B 74 20.37 -31.16 -2.69
CA HIS B 74 21.06 -29.88 -2.58
C HIS B 74 20.11 -28.75 -2.92
N HIS B 75 20.52 -27.55 -2.51
CA HIS B 75 19.69 -26.36 -2.63
C HIS B 75 20.39 -25.26 -3.42
N TYR B 76 19.61 -24.58 -4.25
CA TYR B 76 20.04 -23.39 -4.95
C TYR B 76 19.34 -22.21 -4.28
N TYR B 77 20.10 -21.20 -3.89
CA TYR B 77 19.57 -20.00 -3.24
C TYR B 77 19.81 -18.77 -4.13
N CYS B 78 18.77 -17.94 -4.30
CA CYS B 78 18.88 -16.69 -5.04
C CYS B 78 18.07 -15.57 -4.38
N GLU B 79 18.63 -14.37 -4.40
CA GLU B 79 17.96 -13.17 -3.91
C GLU B 79 17.52 -12.31 -5.10
N PHE B 80 16.40 -11.63 -4.92
CA PHE B 80 15.97 -10.57 -5.84
C PHE B 80 15.14 -9.55 -5.04
N SER B 81 14.83 -8.43 -5.68
CA SER B 81 14.11 -7.33 -5.05
C SER B 81 13.10 -6.77 -6.03
N ILE B 82 12.15 -6.00 -5.48
CA ILE B 82 11.12 -5.31 -6.24
C ILE B 82 10.84 -3.94 -5.63
N GLY B 83 10.27 -3.04 -6.44
CA GLY B 83 9.75 -1.77 -5.95
C GLY B 83 8.31 -2.00 -5.51
N SER B 84 8.09 -2.08 -4.21
CA SER B 84 6.76 -2.39 -3.68
C SER B 84 6.67 -2.11 -2.20
N ASN B 85 5.45 -1.81 -1.75
CA ASN B 85 5.12 -1.90 -0.35
C ASN B 85 4.96 -3.37 0.07
N PRO B 86 4.95 -3.64 1.39
CA PRO B 86 4.96 -5.03 1.87
C PRO B 86 3.84 -5.90 1.29
N PHE B 87 4.17 -7.15 0.99
CA PHE B 87 3.19 -8.14 0.59
C PHE B 87 2.28 -8.45 1.75
N ARG B 88 0.98 -8.45 1.49
CA ARG B 88 -0.07 -8.74 2.49
C ARG B 88 -0.80 -10.06 2.28
N TYR B 89 -0.71 -10.64 1.08
CA TYR B 89 -1.51 -11.80 0.71
C TYR B 89 -0.62 -12.91 0.15
N TYR B 90 -1.01 -14.16 0.42
CA TYR B 90 -0.30 -15.32 -0.10
C TYR B 90 -0.33 -15.41 -1.65
N SER B 91 -1.36 -14.85 -2.28
CA SER B 91 -1.45 -14.83 -3.74
C SER B 91 -0.39 -13.93 -4.40
N ASP B 92 0.18 -12.99 -3.63
CA ASP B 92 1.33 -12.20 -4.08
C ASP B 92 2.59 -13.04 -4.35
N GLY B 93 2.65 -14.25 -3.81
CA GLY B 93 3.72 -15.19 -4.13
C GLY B 93 3.63 -15.77 -5.53
N PHE B 94 4.55 -16.70 -5.83
CA PHE B 94 4.57 -17.39 -7.13
C PHE B 94 3.33 -18.23 -7.30
N ASN B 95 2.62 -18.07 -8.42
CA ASN B 95 1.44 -18.89 -8.72
C ASN B 95 1.83 -20.32 -9.04
N GLU B 96 2.85 -20.48 -9.89
CA GLU B 96 3.37 -21.78 -10.29
C GLU B 96 4.85 -21.71 -10.62
N ALA B 97 5.47 -22.89 -10.64
CA ALA B 97 6.87 -23.02 -11.00
C ALA B 97 7.14 -24.34 -11.70
N MET B 98 8.26 -24.39 -12.39
CA MET B 98 8.69 -25.60 -13.06
C MET B 98 10.17 -25.52 -13.38
N ILE B 99 10.73 -26.65 -13.76
CA ILE B 99 12.12 -26.69 -14.20
C ILE B 99 12.25 -27.40 -15.53
N ASP B 100 13.33 -27.06 -16.20
CA ASP B 100 13.74 -27.69 -17.44
C ASP B 100 15.15 -28.20 -17.21
N PHE B 101 15.44 -29.39 -17.71
CA PHE B 101 16.74 -30.03 -17.50
C PHE B 101 16.98 -31.09 -18.55
N VAL B 102 18.24 -31.50 -18.66
CA VAL B 102 18.64 -32.55 -19.60
C VAL B 102 18.93 -33.86 -18.87
N VAL B 103 18.14 -34.89 -19.19
CA VAL B 103 18.37 -36.26 -18.73
C VAL B 103 18.97 -36.99 -19.93
N ASP B 104 20.19 -37.51 -19.74
CA ASP B 104 20.98 -38.12 -20.82
C ASP B 104 21.13 -37.16 -22.01
N GLY B 105 20.57 -37.49 -23.18
CA GLY B 105 20.63 -36.61 -24.34
C GLY B 105 19.40 -35.75 -24.56
N GLN B 106 18.36 -35.93 -23.74
CA GLN B 106 17.05 -35.32 -24.01
C GLN B 106 16.58 -34.30 -22.97
N PRO B 107 15.72 -33.34 -23.41
CA PRO B 107 15.16 -32.31 -22.55
C PRO B 107 13.94 -32.79 -21.77
N GLN B 108 13.84 -32.39 -20.50
CA GLN B 108 12.74 -32.80 -19.63
C GLN B 108 12.11 -31.59 -18.97
N ARG B 109 10.89 -31.78 -18.46
CA ARG B 109 10.12 -30.74 -17.79
C ARG B 109 9.47 -31.34 -16.55
N ALA B 110 9.58 -30.64 -15.42
CA ALA B 110 8.97 -31.08 -14.17
C ALA B 110 8.25 -29.92 -13.49
N GLN B 111 7.04 -30.18 -13.01
CA GLN B 111 6.34 -29.24 -12.15
C GLN B 111 7.08 -29.12 -10.82
N VAL B 112 7.14 -27.90 -10.30
CA VAL B 112 7.77 -27.62 -9.00
C VAL B 112 6.68 -27.24 -8.01
N ASP B 113 6.75 -27.79 -6.80
CA ASP B 113 5.86 -27.37 -5.72
C ASP B 113 6.25 -25.99 -5.22
N VAL B 114 5.28 -25.10 -5.20
CA VAL B 114 5.48 -23.76 -4.69
C VAL B 114 4.94 -23.71 -3.27
N THR B 115 5.85 -23.64 -2.31
CA THR B 115 5.47 -23.40 -0.93
C THR B 115 4.81 -22.01 -0.86
N PRO B 116 3.71 -21.88 -0.07
CA PRO B 116 3.15 -20.54 0.07
C PRO B 116 4.19 -19.58 0.61
N ILE B 117 4.24 -18.36 0.07
CA ILE B 117 5.21 -17.37 0.48
C ILE B 117 5.16 -17.10 1.99
N VAL B 118 6.33 -16.95 2.61
CA VAL B 118 6.44 -16.57 4.01
C VAL B 118 6.42 -15.05 4.11
N LEU B 119 5.31 -14.52 4.61
CA LEU B 119 5.08 -13.08 4.68
C LEU B 119 5.72 -12.53 5.95
N ALA B 120 6.18 -11.29 5.89
CA ALA B 120 6.64 -10.57 7.06
C ALA B 120 5.53 -9.71 7.68
N SER B 121 4.67 -9.09 6.86
CA SER B 121 3.75 -8.04 7.36
C SER B 121 2.27 -8.19 6.96
N PRO B 122 1.66 -9.33 7.30
CA PRO B 122 0.22 -9.50 7.04
C PRO B 122 -0.60 -8.57 7.91
N TYR B 123 -1.80 -8.24 7.47
CA TYR B 123 -2.70 -7.39 8.25
C TYR B 123 -3.13 -8.11 9.53
N ARG B 124 -3.15 -7.40 10.66
CA ARG B 124 -3.72 -7.96 11.91
C ARG B 124 -5.24 -7.73 12.00
N GLU B 125 -5.71 -6.69 11.32
CA GLU B 125 -7.13 -6.34 11.30
C GLU B 125 -7.93 -7.30 10.42
N ARG B 126 -9.25 -7.31 10.63
CA ARG B 126 -10.19 -8.14 9.87
C ARG B 126 -11.50 -7.38 9.71
N SER B 127 -12.07 -7.38 8.51
CA SER B 127 -13.35 -6.70 8.27
C SER B 127 -14.44 -7.51 8.96
N ASP B 128 -15.35 -6.80 9.63
CA ASP B 128 -16.39 -7.42 10.45
C ASP B 128 -17.74 -7.08 9.85
N ILE B 129 -18.54 -8.10 9.61
CA ILE B 129 -19.91 -7.90 9.18
C ILE B 129 -20.78 -8.14 10.42
N PRO B 130 -21.60 -7.15 10.81
CA PRO B 130 -22.48 -7.39 11.96
C PRO B 130 -23.49 -8.50 11.68
N ALA B 131 -23.89 -9.21 12.74
CA ALA B 131 -24.98 -10.17 12.63
C ALA B 131 -26.22 -9.41 12.14
N SER B 132 -27.05 -10.09 11.35
CA SER B 132 -28.15 -9.43 10.66
C SER B 132 -29.44 -10.22 10.78
N LEU B 133 -30.54 -9.48 10.79
CA LEU B 133 -31.87 -10.05 10.61
C LEU B 133 -32.05 -10.38 9.12
N THR B 134 -32.91 -11.36 8.85
CA THR B 134 -33.27 -11.71 7.49
C THR B 134 -34.49 -10.86 7.10
N HIS B 135 -34.30 -9.98 6.12
CA HIS B 135 -35.37 -9.12 5.59
C HIS B 135 -36.42 -9.99 4.90
N ALA B 136 -37.69 -9.66 5.12
CA ALA B 136 -38.83 -10.38 4.54
C ALA B 136 -38.87 -10.27 3.00
N GLN B 137 -38.68 -9.05 2.51
CA GLN B 137 -38.44 -8.73 1.09
C GLN B 137 -36.93 -8.57 0.74
N PRO B 138 -36.24 -9.68 0.37
CA PRO B 138 -34.81 -9.64 0.04
C PRO B 138 -34.54 -9.18 -1.40
N LEU B 139 -34.74 -7.88 -1.63
CA LEU B 139 -34.67 -7.31 -2.96
C LEU B 139 -33.34 -6.57 -3.17
N LEU B 140 -32.62 -6.96 -4.22
CA LEU B 140 -31.35 -6.33 -4.63
C LEU B 140 -31.33 -6.13 -6.15
N PRO B 141 -31.17 -4.90 -6.66
CA PRO B 141 -31.10 -3.67 -5.86
C PRO B 141 -32.44 -3.31 -5.21
N LYS B 142 -32.37 -2.62 -4.08
CA LYS B 142 -33.55 -2.13 -3.37
C LYS B 142 -34.38 -1.26 -4.31
N PRO B 143 -35.69 -1.52 -4.40
CA PRO B 143 -36.56 -0.63 -5.17
C PRO B 143 -36.63 0.79 -4.60
N ASN B 144 -36.66 1.79 -5.49
CA ASN B 144 -36.76 3.18 -5.07
C ASN B 144 -38.08 3.53 -4.36
N HIS B 145 -39.11 2.71 -4.55
CA HIS B 145 -40.33 2.84 -3.78
C HIS B 145 -40.99 1.50 -3.63
N ILE B 146 -41.29 1.11 -2.41
CA ILE B 146 -42.06 -0.09 -2.12
C ILE B 146 -42.86 0.08 -0.82
N GLU B 147 -44.15 -0.25 -0.90
CA GLU B 147 -45.07 -0.23 0.23
C GLU B 147 -45.63 -1.64 0.38
N VAL B 148 -45.60 -2.18 1.59
CA VAL B 148 -46.00 -3.56 1.85
C VAL B 148 -47.31 -3.59 2.63
N SER B 149 -48.19 -4.50 2.22
CA SER B 149 -49.48 -4.73 2.90
C SER B 149 -49.40 -5.98 3.78
N ASP B 150 -50.43 -6.18 4.58
CA ASP B 150 -50.46 -7.23 5.60
C ASP B 150 -50.68 -8.62 4.99
N HIS B 151 -51.51 -8.71 3.95
CA HIS B 151 -51.83 -10.00 3.33
C HIS B 151 -50.79 -10.43 2.28
N SER B 152 -50.92 -11.67 1.81
CA SER B 152 -50.05 -12.24 0.77
C SER B 152 -50.86 -12.94 -0.32
N PHE B 153 -50.18 -13.31 -1.42
CA PHE B 153 -50.81 -13.97 -2.56
C PHE B 153 -50.15 -15.31 -2.84
N THR B 154 -50.95 -16.37 -2.80
CA THR B 154 -50.46 -17.72 -3.05
C THR B 154 -51.01 -18.21 -4.39
N PHE B 155 -50.18 -18.92 -5.15
CA PHE B 155 -50.61 -19.46 -6.44
C PHE B 155 -49.85 -20.75 -6.81
N ASP B 156 -50.53 -21.59 -7.60
CA ASP B 156 -49.97 -22.86 -8.07
C ASP B 156 -49.48 -22.70 -9.50
N GLU B 157 -49.06 -23.81 -10.12
CA GLU B 157 -48.56 -23.82 -11.50
C GLU B 157 -49.60 -23.46 -12.59
N GLN B 158 -50.89 -23.50 -12.26
CA GLN B 158 -51.97 -23.12 -13.20
C GLN B 158 -52.59 -21.74 -12.92
N ALA B 159 -51.85 -20.86 -12.26
CA ALA B 159 -52.27 -19.46 -12.11
C ALA B 159 -52.31 -18.73 -13.46
N GLY B 160 -51.40 -19.09 -14.36
CA GLY B 160 -51.43 -18.61 -15.75
C GLY B 160 -50.88 -17.21 -15.93
N VAL B 161 -50.24 -16.97 -17.08
CA VAL B 161 -49.61 -15.67 -17.36
C VAL B 161 -50.25 -14.99 -18.56
N ALA B 162 -50.73 -13.76 -18.34
CA ALA B 162 -51.43 -12.97 -19.34
C ALA B 162 -50.56 -11.79 -19.77
N ILE B 163 -50.51 -11.56 -21.07
CA ILE B 163 -49.66 -10.53 -21.65
C ILE B 163 -50.48 -9.73 -22.67
N TYR B 164 -50.61 -8.41 -22.40
CA TYR B 164 -51.37 -7.49 -23.26
C TYR B 164 -50.47 -6.46 -23.96
N THR B 165 -49.17 -6.79 -24.07
CA THR B 165 -48.20 -5.98 -24.80
C THR B 165 -47.16 -6.89 -25.44
N ASP B 166 -46.78 -6.59 -26.68
CA ASP B 166 -45.65 -7.29 -27.33
C ASP B 166 -44.30 -6.91 -26.70
N LEU B 167 -44.24 -5.73 -26.09
CA LEU B 167 -43.08 -5.27 -25.32
C LEU B 167 -42.63 -6.16 -24.16
N ALA B 168 -43.56 -6.94 -23.59
CA ALA B 168 -43.24 -7.80 -22.45
C ALA B 168 -42.92 -9.25 -22.81
N ASN B 169 -42.78 -9.56 -24.10
CA ASN B 169 -42.60 -10.96 -24.54
C ASN B 169 -41.33 -11.61 -24.03
N SER B 170 -40.19 -10.93 -24.20
CA SER B 170 -38.90 -11.47 -23.73
C SER B 170 -38.85 -11.58 -22.20
N ALA B 171 -39.28 -10.53 -21.51
CA ALA B 171 -39.37 -10.55 -20.04
C ALA B 171 -40.22 -11.73 -19.54
N LYS B 172 -41.39 -11.91 -20.14
CA LYS B 172 -42.30 -13.00 -19.80
C LYS B 172 -41.64 -14.38 -19.98
N ALA B 173 -41.00 -14.57 -21.12
CA ALA B 173 -40.25 -15.81 -21.41
C ALA B 173 -39.14 -16.08 -20.40
N TRP B 174 -38.42 -15.01 -20.02
CA TRP B 174 -37.29 -15.09 -19.09
C TRP B 174 -37.73 -15.52 -17.69
N LEU B 175 -38.80 -14.89 -17.20
CA LEU B 175 -39.41 -15.24 -15.91
C LEU B 175 -39.79 -16.71 -15.83
N LEU B 176 -40.43 -17.22 -16.88
CA LEU B 176 -40.83 -18.64 -16.95
C LEU B 176 -39.61 -19.56 -17.04
N GLU B 177 -38.59 -19.12 -17.78
CA GLU B 177 -37.35 -19.87 -17.94
C GLU B 177 -36.62 -20.01 -16.60
N GLU B 178 -36.57 -18.92 -15.85
CA GLU B 178 -35.87 -18.89 -14.56
C GLU B 178 -36.64 -19.60 -13.46
N LEU B 179 -37.96 -19.44 -13.46
CA LEU B 179 -38.82 -20.15 -12.52
C LEU B 179 -38.69 -21.66 -12.69
N GLN B 180 -38.56 -22.07 -13.95
CA GLN B 180 -38.26 -23.46 -14.29
C GLN B 180 -36.88 -23.85 -13.74
N ARG B 181 -35.85 -23.13 -14.17
CA ARG B 181 -34.46 -23.49 -13.88
C ARG B 181 -34.15 -23.51 -12.39
N ILE B 182 -34.53 -22.44 -11.69
CA ILE B 182 -34.18 -22.26 -10.28
C ILE B 182 -35.07 -23.09 -9.35
N HIS B 183 -36.39 -23.06 -9.60
CA HIS B 183 -37.38 -23.65 -8.70
C HIS B 183 -38.10 -24.90 -9.22
N GLN B 184 -37.87 -25.28 -10.48
CA GLN B 184 -38.63 -26.37 -11.13
C GLN B 184 -40.15 -26.10 -11.08
N PHE B 185 -40.51 -24.87 -11.43
CA PHE B 185 -41.87 -24.37 -11.34
C PHE B 185 -42.34 -23.84 -12.70
N THR B 186 -43.40 -24.44 -13.22
CA THR B 186 -43.82 -24.23 -14.60
C THR B 186 -45.14 -23.44 -14.66
N LEU B 187 -45.06 -22.21 -15.17
CA LEU B 187 -46.25 -21.39 -15.46
C LEU B 187 -46.56 -21.46 -16.96
N SER B 188 -47.84 -21.34 -17.28
CA SER B 188 -48.30 -21.40 -18.67
C SER B 188 -48.93 -20.07 -19.11
N SER B 189 -48.91 -19.84 -20.42
CA SER B 189 -49.60 -18.71 -21.02
C SER B 189 -51.10 -18.87 -20.85
N SER B 190 -51.77 -17.76 -20.58
CA SER B 190 -53.21 -17.77 -20.42
C SER B 190 -53.78 -16.38 -20.58
N ASN B 191 -54.83 -16.29 -21.38
CA ASN B 191 -55.59 -15.06 -21.53
C ASN B 191 -56.28 -14.64 -20.22
N SER B 192 -56.62 -15.62 -19.38
CA SER B 192 -57.32 -15.37 -18.11
C SER B 192 -56.43 -15.60 -16.87
N GLY B 193 -55.12 -15.35 -17.02
CA GLY B 193 -54.16 -15.60 -15.94
C GLY B 193 -54.19 -14.58 -14.82
N LYS B 194 -53.69 -15.00 -13.65
CA LYS B 194 -53.67 -14.14 -12.46
C LYS B 194 -52.45 -13.20 -12.47
N ILE B 195 -51.38 -13.62 -13.13
CA ILE B 195 -50.19 -12.80 -13.35
C ILE B 195 -50.36 -12.10 -14.71
N ILE B 196 -50.25 -10.77 -14.69
CA ILE B 196 -50.65 -9.91 -15.82
C ILE B 196 -49.53 -8.94 -16.21
N PHE B 197 -49.22 -8.90 -17.50
CA PHE B 197 -48.32 -7.88 -18.07
C PHE B 197 -49.14 -6.86 -18.86
N LYS B 198 -49.09 -5.61 -18.42
CA LYS B 198 -49.86 -4.51 -19.00
C LYS B 198 -48.90 -3.42 -19.47
N SER B 199 -49.23 -2.76 -20.57
CA SER B 199 -48.45 -1.62 -21.05
C SER B 199 -48.96 -0.34 -20.42
N ASN B 200 -48.04 0.41 -19.83
CA ASN B 200 -48.29 1.75 -19.33
C ASN B 200 -47.31 2.70 -20.03
N PRO B 201 -47.78 3.44 -21.05
CA PRO B 201 -46.88 4.37 -21.75
C PRO B 201 -46.33 5.57 -20.94
N THR B 202 -46.93 5.89 -19.78
CA THR B 202 -46.42 6.98 -18.94
C THR B 202 -45.06 6.70 -18.26
N LEU B 203 -44.68 5.43 -18.12
CA LEU B 203 -43.45 5.03 -17.40
C LEU B 203 -42.20 5.12 -18.29
N ASP B 204 -41.16 5.78 -17.80
CA ASP B 204 -39.89 6.02 -18.53
C ASP B 204 -39.13 4.73 -18.83
N GLU B 205 -38.07 4.83 -19.62
CA GLU B 205 -37.24 3.66 -19.94
C GLU B 205 -36.74 2.97 -18.66
N GLY B 206 -36.94 1.66 -18.58
CA GLY B 206 -36.58 0.89 -17.38
C GLY B 206 -37.52 0.99 -16.18
N ALA B 207 -38.50 1.89 -16.23
CA ALA B 207 -39.41 2.08 -15.11
C ALA B 207 -40.47 1.01 -15.15
N TYR B 208 -40.96 0.61 -13.98
CA TYR B 208 -42.04 -0.37 -13.89
C TYR B 208 -42.90 -0.20 -12.65
N LYS B 209 -44.01 -0.93 -12.64
CA LYS B 209 -44.90 -1.02 -11.49
C LYS B 209 -45.23 -2.47 -11.27
N LEU B 210 -45.12 -2.91 -10.02
CA LEU B 210 -45.44 -4.28 -9.64
C LEU B 210 -46.41 -4.17 -8.47
N LYS B 211 -47.67 -4.57 -8.71
CA LYS B 211 -48.71 -4.57 -7.69
C LYS B 211 -49.12 -6.01 -7.41
N VAL B 212 -48.87 -6.47 -6.19
CA VAL B 212 -49.33 -7.79 -5.75
C VAL B 212 -50.58 -7.61 -4.89
N SER B 213 -51.67 -8.25 -5.32
CA SER B 213 -52.93 -8.29 -4.59
C SER B 213 -53.18 -9.72 -4.17
N GLU B 214 -54.25 -9.96 -3.42
CA GLU B 214 -54.55 -11.30 -2.86
C GLU B 214 -54.89 -12.37 -3.89
N GLU B 215 -55.46 -11.97 -5.02
CA GLU B 215 -55.82 -12.89 -6.11
C GLU B 215 -54.98 -12.74 -7.38
N SER B 216 -54.12 -11.71 -7.47
CA SER B 216 -53.43 -11.40 -8.72
C SER B 216 -52.11 -10.62 -8.55
N ILE B 217 -51.25 -10.70 -9.58
CA ILE B 217 -50.05 -9.86 -9.73
C ILE B 217 -50.20 -9.06 -11.04
N LYS B 218 -49.96 -7.76 -11.00
CA LYS B 218 -49.95 -6.93 -12.21
C LYS B 218 -48.63 -6.19 -12.39
N ILE B 219 -47.98 -6.43 -13.52
CA ILE B 219 -46.73 -5.75 -13.90
C ILE B 219 -47.05 -4.73 -14.99
N GLU B 220 -46.68 -3.47 -14.75
CA GLU B 220 -46.88 -2.39 -15.71
C GLU B 220 -45.52 -1.82 -16.08
N ALA B 221 -45.33 -1.54 -17.37
CA ALA B 221 -44.09 -0.92 -17.83
C ALA B 221 -44.32 -0.24 -19.19
N GLY B 222 -43.50 0.75 -19.51
CA GLY B 222 -43.55 1.44 -20.80
C GLY B 222 -42.48 1.03 -21.78
N SER B 223 -41.71 -0.01 -21.43
CA SER B 223 -40.49 -0.38 -22.14
C SER B 223 -40.17 -1.86 -21.94
N SER B 224 -39.46 -2.44 -22.88
CA SER B 224 -39.00 -3.83 -22.76
C SER B 224 -38.12 -4.04 -21.51
N SER B 225 -37.24 -3.08 -21.25
CA SER B 225 -36.37 -3.07 -20.07
C SER B 225 -37.16 -3.06 -18.75
N GLY B 226 -38.15 -2.18 -18.67
CA GLY B 226 -39.06 -2.10 -17.51
C GLY B 226 -39.69 -3.42 -17.12
N PHE B 227 -40.20 -4.15 -18.12
CA PHE B 227 -40.79 -5.47 -17.89
C PHE B 227 -39.77 -6.49 -17.38
N THR B 228 -38.56 -6.44 -17.94
CA THR B 228 -37.46 -7.31 -17.51
C THR B 228 -37.11 -7.04 -16.05
N HIS B 229 -37.03 -5.77 -15.69
CA HIS B 229 -36.67 -5.39 -14.32
C HIS B 229 -37.70 -5.85 -13.31
N ALA B 230 -38.97 -5.71 -13.65
CA ALA B 230 -40.07 -6.13 -12.80
C ALA B 230 -40.00 -7.63 -12.55
N CYS B 231 -39.63 -8.38 -13.58
CA CYS B 231 -39.43 -9.81 -13.46
C CYS B 231 -38.22 -10.16 -12.58
N ALA B 232 -37.15 -9.37 -12.69
CA ALA B 232 -35.98 -9.52 -11.82
C ALA B 232 -36.37 -9.30 -10.35
N THR B 233 -37.15 -8.25 -10.11
CA THR B 233 -37.69 -8.00 -8.77
C THR B 233 -38.59 -9.13 -8.30
N LEU B 234 -39.47 -9.61 -9.18
CA LEU B 234 -40.42 -10.65 -8.83
C LEU B 234 -39.70 -11.94 -8.41
N LEU B 235 -38.68 -12.32 -9.17
CA LEU B 235 -37.88 -13.52 -8.85
C LEU B 235 -37.33 -13.55 -7.43
N GLN B 236 -36.88 -12.40 -6.94
CA GLN B 236 -36.39 -12.27 -5.56
C GLN B 236 -37.52 -12.24 -4.52
N LEU B 237 -38.63 -11.59 -4.87
CA LEU B 237 -39.79 -11.44 -3.98
C LEU B 237 -40.56 -12.75 -3.76
N LEU B 238 -40.61 -13.61 -4.77
CA LEU B 238 -41.28 -14.91 -4.65
C LEU B 238 -40.58 -15.82 -3.63
N LYS B 239 -41.39 -16.56 -2.87
CA LYS B 239 -40.91 -17.61 -1.95
C LYS B 239 -41.64 -18.90 -2.31
N ARG B 240 -40.90 -19.99 -2.44
CA ARG B 240 -41.50 -21.28 -2.74
C ARG B 240 -41.70 -22.08 -1.46
N ASP B 241 -42.89 -22.65 -1.31
CA ASP B 241 -43.17 -23.65 -0.28
C ASP B 241 -42.91 -25.01 -0.92
N GLU B 242 -42.15 -25.87 -0.24
CA GLU B 242 -41.77 -27.18 -0.79
C GLU B 242 -42.88 -28.23 -0.61
N ALA B 243 -43.55 -28.21 0.54
CA ALA B 243 -44.64 -29.16 0.87
C ALA B 243 -45.78 -29.17 -0.17
N THR B 244 -46.15 -27.98 -0.65
CA THR B 244 -47.11 -27.82 -1.76
C THR B 244 -46.33 -27.19 -2.88
N LYS B 245 -46.58 -27.55 -4.15
CA LYS B 245 -45.91 -26.83 -5.23
C LYS B 245 -46.62 -25.49 -5.47
N THR B 246 -46.37 -24.55 -4.53
CA THR B 246 -46.93 -23.21 -4.56
C THR B 246 -45.83 -22.17 -4.41
N MET B 247 -46.20 -20.93 -4.68
CA MET B 247 -45.33 -19.78 -4.58
C MET B 247 -46.12 -18.69 -3.86
N GLU B 248 -45.44 -17.93 -3.01
CA GLU B 248 -46.07 -16.86 -2.25
C GLU B 248 -45.38 -15.53 -2.52
N ALA B 249 -46.17 -14.48 -2.73
CA ALA B 249 -45.66 -13.12 -2.82
C ALA B 249 -46.47 -12.24 -1.87
N VAL B 250 -45.76 -11.50 -1.03
CA VAL B 250 -46.39 -10.55 -0.12
C VAL B 250 -47.10 -9.47 -0.95
N CYS B 251 -48.28 -9.03 -0.49
CA CYS B 251 -49.00 -7.96 -1.17
C CYS B 251 -48.20 -6.68 -1.00
N CYS B 252 -48.05 -5.94 -2.10
CA CYS B 252 -47.21 -4.76 -2.12
C CYS B 252 -47.48 -3.95 -3.37
N SER B 253 -46.99 -2.71 -3.35
CA SER B 253 -47.09 -1.81 -4.48
C SER B 253 -45.70 -1.24 -4.72
N ILE B 254 -45.12 -1.57 -5.89
CA ILE B 254 -43.75 -1.21 -6.20
C ILE B 254 -43.75 -0.26 -7.39
N ILE B 255 -43.08 0.87 -7.24
CA ILE B 255 -42.87 1.83 -8.32
C ILE B 255 -41.36 2.04 -8.34
N ASP B 256 -40.71 1.60 -9.41
CA ASP B 256 -39.26 1.58 -9.43
C ASP B 256 -38.75 2.12 -10.74
N SER B 257 -37.55 2.67 -10.70
CA SER B 257 -36.93 3.26 -11.88
C SER B 257 -35.42 3.37 -11.65
N PRO B 258 -34.61 3.22 -12.71
CA PRO B 258 -33.15 3.24 -12.58
C PRO B 258 -32.56 4.62 -12.30
N ARG B 259 -31.65 4.68 -11.33
CA ARG B 259 -30.90 5.90 -11.02
C ARG B 259 -29.99 6.33 -12.17
N PHE B 260 -29.33 5.36 -12.81
CA PHE B 260 -28.47 5.63 -13.98
C PHE B 260 -28.91 4.81 -15.20
N ARG B 261 -28.62 5.32 -16.39
CA ARG B 261 -29.02 4.65 -17.64
C ARG B 261 -28.11 3.45 -17.93
N TYR B 262 -26.81 3.66 -17.80
CA TYR B 262 -25.78 2.64 -18.01
C TYR B 262 -25.48 1.94 -16.69
N ARG B 263 -25.72 0.62 -16.66
CA ARG B 263 -25.43 -0.19 -15.47
C ARG B 263 -24.69 -1.45 -15.92
N GLY B 264 -23.37 -1.39 -15.85
CA GLY B 264 -22.50 -2.37 -16.50
C GLY B 264 -21.63 -3.23 -15.61
N MET B 265 -21.15 -4.32 -16.20
CA MET B 265 -20.14 -5.17 -15.60
C MET B 265 -19.19 -5.59 -16.74
N MET B 266 -17.88 -5.49 -16.48
CA MET B 266 -16.87 -5.91 -17.45
C MET B 266 -16.20 -7.20 -17.00
N LEU B 267 -16.03 -8.14 -17.94
CA LEU B 267 -15.32 -9.39 -17.67
C LEU B 267 -14.11 -9.49 -18.57
N ASP B 268 -12.94 -9.57 -17.94
CA ASP B 268 -11.69 -9.80 -18.62
C ASP B 268 -11.64 -11.26 -19.04
N CYS B 269 -11.75 -11.50 -20.35
CA CYS B 269 -11.64 -12.84 -20.91
C CYS B 269 -10.28 -13.12 -21.57
N ALA B 270 -9.43 -12.10 -21.68
CA ALA B 270 -8.14 -12.23 -22.35
C ALA B 270 -7.11 -12.87 -21.45
N ARG B 271 -7.06 -12.41 -20.20
CA ARG B 271 -6.11 -12.92 -19.20
C ARG B 271 -6.30 -14.39 -18.95
N HIS B 272 -7.56 -14.81 -18.81
CA HIS B 272 -7.91 -16.22 -18.72
C HIS B 272 -9.21 -16.39 -19.46
N PHE B 273 -9.25 -17.41 -20.32
CA PHE B 273 -10.42 -17.66 -21.14
C PHE B 273 -11.49 -18.31 -20.27
N HIS B 274 -12.72 -17.85 -20.43
CA HIS B 274 -13.88 -18.48 -19.77
C HIS B 274 -14.84 -18.94 -20.84
N SER B 275 -15.48 -20.07 -20.57
CA SER B 275 -16.33 -20.72 -21.56
C SER B 275 -17.61 -19.90 -21.84
N VAL B 276 -18.18 -20.16 -23.01
CA VAL B 276 -19.48 -19.61 -23.43
C VAL B 276 -20.56 -19.88 -22.37
N GLU B 277 -20.54 -21.08 -21.82
CA GLU B 277 -21.51 -21.50 -20.81
C GLU B 277 -21.33 -20.66 -19.55
N GLN B 278 -20.08 -20.42 -19.16
CA GLN B 278 -19.77 -19.55 -18.01
C GLN B 278 -20.11 -18.09 -18.24
N VAL B 279 -19.88 -17.60 -19.47
CA VAL B 279 -20.25 -16.23 -19.84
C VAL B 279 -21.77 -16.05 -19.85
N LYS B 280 -22.49 -17.00 -20.47
CA LYS B 280 -23.96 -17.00 -20.47
C LYS B 280 -24.51 -17.01 -19.05
N ARG B 281 -23.99 -17.90 -18.20
CA ARG B 281 -24.43 -17.99 -16.80
C ARG B 281 -24.27 -16.66 -16.07
N LEU B 282 -23.14 -15.99 -16.27
CA LEU B 282 -22.87 -14.70 -15.64
C LEU B 282 -23.79 -13.60 -16.17
N ILE B 283 -23.94 -13.53 -17.49
CA ILE B 283 -24.83 -12.53 -18.11
C ILE B 283 -26.26 -12.62 -17.55
N ASN B 284 -26.78 -13.83 -17.42
CA ASN B 284 -28.06 -14.04 -16.78
C ASN B 284 -28.10 -13.52 -15.34
N LEU B 285 -27.04 -13.81 -14.57
CA LEU B 285 -26.90 -13.30 -13.21
C LEU B 285 -26.89 -11.76 -13.17
N LEU B 286 -26.25 -11.12 -14.15
CA LEU B 286 -26.23 -9.64 -14.22
C LEU B 286 -27.64 -9.07 -14.29
N ALA B 287 -28.47 -9.66 -15.16
CA ALA B 287 -29.87 -9.28 -15.32
C ALA B 287 -30.69 -9.43 -14.04
N HIS B 288 -30.37 -10.46 -13.23
CA HIS B 288 -30.97 -10.64 -11.91
C HIS B 288 -30.91 -9.39 -11.01
N TYR B 289 -29.87 -8.57 -11.15
CA TYR B 289 -29.71 -7.32 -10.39
C TYR B 289 -29.88 -6.08 -11.27
N LYS B 290 -30.72 -6.22 -12.31
CA LYS B 290 -31.09 -5.14 -13.22
C LYS B 290 -29.95 -4.42 -13.94
N LEU B 291 -28.82 -5.09 -14.13
CA LEU B 291 -27.76 -4.52 -14.96
C LEU B 291 -28.20 -4.70 -16.40
N ASN B 292 -27.78 -3.80 -17.28
CA ASN B 292 -28.17 -3.83 -18.70
C ASN B 292 -27.01 -3.83 -19.73
N THR B 293 -25.78 -3.86 -19.24
CA THR B 293 -24.63 -3.85 -20.13
C THR B 293 -23.56 -4.84 -19.67
N PHE B 294 -23.17 -5.72 -20.59
CA PHE B 294 -22.05 -6.62 -20.42
C PHE B 294 -20.93 -6.10 -21.32
N HIS B 295 -19.81 -5.76 -20.71
CA HIS B 295 -18.65 -5.27 -21.43
C HIS B 295 -17.67 -6.43 -21.55
N TRP B 296 -17.42 -6.87 -22.79
CA TRP B 296 -16.63 -8.06 -23.07
C TRP B 296 -15.19 -7.68 -23.44
N HIS B 297 -14.29 -7.80 -22.46
CA HIS B 297 -12.87 -7.54 -22.66
C HIS B 297 -12.22 -8.73 -23.37
N LEU B 298 -12.21 -8.69 -24.70
CA LEU B 298 -11.88 -9.86 -25.54
C LEU B 298 -10.42 -9.98 -25.95
N THR B 299 -9.66 -8.89 -25.86
CA THR B 299 -8.25 -8.91 -26.27
C THR B 299 -7.36 -8.20 -25.26
N ASP B 300 -6.11 -8.66 -25.19
CA ASP B 300 -5.09 -8.04 -24.36
C ASP B 300 -3.72 -8.64 -24.72
N ASP B 301 -2.70 -8.35 -23.92
CA ASP B 301 -1.37 -8.92 -24.11
C ASP B 301 -1.34 -10.46 -24.03
N GLU B 302 -2.21 -11.03 -23.20
CA GLU B 302 -2.15 -12.44 -22.85
C GLU B 302 -3.09 -13.31 -23.67
N GLY B 303 -3.93 -12.71 -24.52
CA GLY B 303 -4.84 -13.49 -25.35
C GLY B 303 -5.73 -12.69 -26.27
N TRP B 304 -6.14 -13.33 -27.37
CA TRP B 304 -7.10 -12.78 -28.32
C TRP B 304 -8.23 -13.77 -28.43
N ARG B 305 -9.44 -13.36 -28.04
CA ARG B 305 -10.56 -14.29 -27.79
C ARG B 305 -11.72 -14.20 -28.79
N VAL B 306 -11.58 -13.37 -29.81
CA VAL B 306 -12.64 -13.14 -30.78
C VAL B 306 -12.16 -13.53 -32.18
N GLU B 307 -12.87 -14.49 -32.78
CA GLU B 307 -12.57 -14.94 -34.13
C GLU B 307 -12.73 -13.81 -35.12
N ILE B 308 -11.70 -13.59 -35.92
CA ILE B 308 -11.78 -12.72 -37.09
C ILE B 308 -11.52 -13.65 -38.29
N LYS B 309 -12.57 -13.86 -39.10
CA LYS B 309 -12.50 -14.78 -40.25
C LYS B 309 -11.44 -14.40 -41.29
N SER B 310 -11.31 -13.10 -41.57
CA SER B 310 -10.29 -12.58 -42.51
C SER B 310 -8.86 -12.65 -41.98
N LEU B 311 -8.69 -12.73 -40.66
CA LEU B 311 -7.39 -12.87 -40.02
C LEU B 311 -7.44 -14.03 -39.02
N PRO B 312 -7.50 -15.28 -39.52
CA PRO B 312 -7.65 -16.44 -38.64
C PRO B 312 -6.46 -16.69 -37.69
N GLN B 313 -5.30 -16.07 -37.98
CA GLN B 313 -4.10 -16.21 -37.13
C GLN B 313 -4.32 -15.68 -35.72
N LEU B 314 -5.16 -14.65 -35.58
CA LEU B 314 -5.45 -14.05 -34.27
C LEU B 314 -6.02 -15.04 -33.27
N THR B 315 -6.87 -15.95 -33.72
CA THR B 315 -7.38 -17.01 -32.87
C THR B 315 -6.50 -18.26 -32.91
N GLU B 316 -5.97 -18.60 -34.08
CA GLU B 316 -5.16 -19.82 -34.23
C GLU B 316 -3.83 -19.75 -33.46
N ILE B 317 -3.19 -18.58 -33.49
CA ILE B 317 -2.01 -18.31 -32.66
C ILE B 317 -2.37 -17.54 -31.38
N GLY B 318 -3.05 -16.42 -31.53
CA GLY B 318 -3.27 -15.48 -30.41
C GLY B 318 -4.26 -15.87 -29.31
N ALA B 319 -5.09 -16.89 -29.56
CA ALA B 319 -5.96 -17.45 -28.53
C ALA B 319 -5.31 -18.51 -27.65
N TRP B 320 -4.01 -18.78 -27.86
CA TRP B 320 -3.30 -19.85 -27.14
C TRP B 320 -1.94 -19.35 -26.72
N ARG B 321 -1.48 -19.86 -25.57
CA ARG B 321 -0.16 -19.53 -25.05
C ARG B 321 0.43 -20.72 -24.32
N GLY B 322 1.76 -20.76 -24.30
CA GLY B 322 2.46 -21.84 -23.68
C GLY B 322 3.89 -21.90 -24.15
N ILE B 323 4.59 -22.89 -23.64
CA ILE B 323 6.00 -23.10 -23.96
C ILE B 323 6.19 -23.42 -25.43
N ASP B 324 5.34 -24.31 -25.94
CA ASP B 324 5.39 -24.72 -27.33
C ASP B 324 4.62 -23.76 -28.25
N GLU B 325 3.87 -22.83 -27.67
CA GLU B 325 3.21 -21.79 -28.45
C GLU B 325 4.13 -20.62 -28.68
N THR B 326 3.71 -19.77 -29.60
CA THR B 326 4.41 -18.54 -29.91
C THR B 326 4.38 -17.57 -28.75
N ILE B 327 3.23 -17.53 -28.04
CA ILE B 327 3.08 -16.66 -26.88
C ILE B 327 3.48 -17.44 -25.64
N GLU B 328 4.29 -16.81 -24.80
CA GLU B 328 4.75 -17.43 -23.56
C GLU B 328 3.57 -17.55 -22.60
N PRO B 329 3.57 -18.58 -21.74
CA PRO B 329 2.46 -18.68 -20.80
C PRO B 329 2.41 -17.50 -19.83
N GLN B 330 1.26 -17.32 -19.20
CA GLN B 330 1.05 -16.18 -18.33
C GLN B 330 0.17 -16.54 -17.15
N TYR B 331 0.63 -16.16 -15.96
CA TYR B 331 -0.08 -16.29 -14.69
C TYR B 331 -0.25 -17.73 -14.15
N THR B 332 -0.92 -18.58 -14.93
CA THR B 332 -1.21 -19.97 -14.56
C THR B 332 -1.06 -20.88 -15.77
N HIS B 333 -1.20 -22.20 -15.55
CA HIS B 333 -1.07 -23.24 -16.59
C HIS B 333 0.25 -23.11 -17.36
N LEU B 334 1.36 -23.12 -16.61
CA LEU B 334 2.69 -23.01 -17.23
C LEU B 334 3.11 -24.23 -18.08
N SER B 335 2.81 -25.44 -17.58
CA SER B 335 3.09 -26.71 -18.28
C SER B 335 2.26 -26.92 -19.52
N GLN B 336 1.00 -26.48 -19.47
CA GLN B 336 0.07 -26.74 -20.55
C GLN B 336 0.11 -25.67 -21.64
N ARG B 337 -0.53 -26.01 -22.73
CA ARG B 337 -0.93 -25.09 -23.77
C ARG B 337 -2.27 -24.51 -23.30
N TYR B 338 -2.27 -23.26 -22.85
CA TYR B 338 -3.48 -22.68 -22.28
C TYR B 338 -4.15 -21.71 -23.26
N GLY B 339 -5.48 -21.76 -23.33
CA GLY B 339 -6.21 -20.81 -24.17
C GLY B 339 -7.66 -21.12 -24.48
N GLY B 340 -8.12 -20.56 -25.61
CA GLY B 340 -9.51 -20.66 -26.05
C GLY B 340 -9.95 -19.40 -26.75
N PHE B 341 -11.02 -19.50 -27.51
CA PHE B 341 -11.64 -18.32 -28.14
C PHE B 341 -13.12 -18.53 -28.45
N TYR B 342 -13.79 -17.44 -28.73
CA TYR B 342 -15.20 -17.46 -29.07
C TYR B 342 -15.28 -17.37 -30.58
N THR B 343 -15.96 -18.34 -31.18
CA THR B 343 -16.28 -18.28 -32.61
C THR B 343 -17.34 -17.22 -32.79
N GLN B 344 -17.46 -16.70 -34.01
CA GLN B 344 -18.46 -15.69 -34.30
C GLN B 344 -19.88 -16.28 -34.18
N GLU B 345 -20.01 -17.57 -34.45
CA GLU B 345 -21.29 -18.27 -34.28
C GLU B 345 -21.67 -18.31 -32.81
N GLU B 346 -20.73 -18.72 -31.95
CA GLU B 346 -20.89 -18.67 -30.49
C GLU B 346 -21.18 -17.23 -30.00
N ILE B 347 -20.40 -16.27 -30.48
CA ILE B 347 -20.60 -14.86 -30.12
C ILE B 347 -22.02 -14.40 -30.45
N ARG B 348 -22.51 -14.74 -31.64
CA ARG B 348 -23.89 -14.42 -32.01
C ARG B 348 -24.88 -15.07 -31.04
N ASP B 349 -24.62 -16.32 -30.67
CA ASP B 349 -25.47 -17.02 -29.72
C ASP B 349 -25.52 -16.32 -28.34
N VAL B 350 -24.37 -15.89 -27.85
CA VAL B 350 -24.28 -15.10 -26.61
C VAL B 350 -24.99 -13.74 -26.72
N ILE B 351 -24.90 -13.09 -27.89
CA ILE B 351 -25.61 -11.82 -28.13
C ILE B 351 -27.12 -11.99 -28.02
N ALA B 352 -27.68 -13.00 -28.67
CA ALA B 352 -29.12 -13.27 -28.62
C ALA B 352 -29.59 -13.60 -27.20
N PHE B 353 -28.78 -14.40 -26.51
CA PHE B 353 -29.01 -14.77 -25.12
C PHE B 353 -29.06 -13.55 -24.21
N ALA B 354 -28.08 -12.67 -24.36
CA ALA B 354 -28.04 -11.40 -23.63
C ALA B 354 -29.24 -10.50 -23.93
N GLU B 355 -29.65 -10.47 -25.19
CA GLU B 355 -30.80 -9.67 -25.66
C GLU B 355 -32.11 -10.08 -24.96
N GLN B 356 -32.27 -11.38 -24.74
CA GLN B 356 -33.43 -11.94 -24.04
C GLN B 356 -33.52 -11.52 -22.57
N ARG B 357 -32.41 -11.03 -21.99
CA ARG B 357 -32.37 -10.46 -20.63
C ARG B 357 -32.23 -8.94 -20.58
N GLY B 358 -32.42 -8.27 -21.71
CA GLY B 358 -32.19 -6.82 -21.81
C GLY B 358 -30.74 -6.37 -21.68
N ILE B 359 -29.79 -7.27 -21.93
CA ILE B 359 -28.37 -6.96 -21.78
C ILE B 359 -27.78 -6.59 -23.14
N THR B 360 -27.23 -5.39 -23.25
CA THR B 360 -26.39 -5.03 -24.39
C THR B 360 -24.96 -5.50 -24.15
N ILE B 361 -24.36 -6.11 -25.15
CA ILE B 361 -22.97 -6.47 -25.11
C ILE B 361 -22.17 -5.40 -25.87
N ILE B 362 -21.17 -4.83 -25.19
CA ILE B 362 -20.23 -3.90 -25.80
C ILE B 362 -18.90 -4.62 -25.89
N PRO B 363 -18.33 -4.74 -27.10
CA PRO B 363 -17.05 -5.41 -27.27
C PRO B 363 -15.89 -4.44 -27.17
N GLU B 364 -14.73 -4.96 -26.76
CA GLU B 364 -13.50 -4.20 -26.65
C GLU B 364 -12.36 -4.81 -27.44
N ILE B 365 -11.68 -3.96 -28.19
CA ILE B 365 -10.50 -4.33 -28.96
C ILE B 365 -9.42 -3.33 -28.59
N ASP B 366 -8.30 -3.82 -28.04
CA ASP B 366 -7.28 -2.95 -27.45
C ASP B 366 -6.16 -2.55 -28.42
N VAL B 367 -6.03 -1.24 -28.64
CA VAL B 367 -4.90 -0.65 -29.38
C VAL B 367 -4.60 0.72 -28.77
N PRO B 368 -3.40 1.29 -28.95
CA PRO B 368 -2.24 0.65 -29.61
C PRO B 368 -1.46 -0.27 -28.67
N GLY B 369 -1.54 -0.03 -27.36
CA GLY B 369 -0.98 -0.94 -26.36
C GLY B 369 -1.91 -2.10 -26.09
N HIS B 370 -1.49 -2.99 -25.18
CA HIS B 370 -2.21 -4.24 -24.88
C HIS B 370 -2.51 -5.06 -26.13
N CYS B 371 -1.53 -5.13 -27.01
CA CYS B 371 -1.70 -5.76 -28.32
C CYS B 371 -0.68 -6.86 -28.58
N ARG B 372 -0.14 -7.47 -27.52
CA ARG B 372 0.90 -8.49 -27.69
C ARG B 372 0.41 -9.75 -28.39
N ALA B 373 -0.80 -10.20 -28.07
CA ALA B 373 -1.38 -11.40 -28.68
C ALA B 373 -1.59 -11.21 -30.19
N ALA B 374 -2.04 -10.03 -30.59
CA ALA B 374 -2.21 -9.69 -32.00
C ALA B 374 -0.86 -9.63 -32.72
N ILE B 375 0.07 -8.89 -32.14
CA ILE B 375 1.42 -8.73 -32.70
C ILE B 375 2.12 -10.06 -32.96
N LYS B 376 1.97 -11.01 -32.04
CA LYS B 376 2.57 -12.33 -32.21
C LYS B 376 1.83 -13.21 -33.23
N SER B 377 0.52 -12.98 -33.36
CA SER B 377 -0.29 -13.67 -34.37
C SER B 377 -0.02 -13.19 -35.81
N LEU B 378 0.28 -11.89 -35.97
CA LEU B 378 0.48 -11.27 -37.28
C LEU B 378 1.82 -10.52 -37.34
N PRO B 379 2.94 -11.25 -37.22
CA PRO B 379 4.28 -10.60 -37.25
C PRO B 379 4.58 -9.88 -38.56
N HIS B 380 4.26 -10.52 -39.68
CA HIS B 380 4.36 -9.93 -41.03
C HIS B 380 3.66 -8.57 -41.23
N LEU B 381 2.46 -8.39 -40.64
CA LEU B 381 1.76 -7.10 -40.71
C LEU B 381 2.25 -6.07 -39.69
N LEU B 382 2.56 -6.51 -38.47
CA LEU B 382 2.62 -5.61 -37.32
C LEU B 382 4.01 -5.30 -36.76
N ILE B 383 5.04 -6.01 -37.19
CA ILE B 383 6.39 -5.81 -36.68
C ILE B 383 7.23 -5.02 -37.69
N GLU B 384 7.92 -4.00 -37.17
CA GLU B 384 9.00 -3.35 -37.87
C GLU B 384 10.28 -4.03 -37.41
N ALA B 385 10.93 -4.77 -38.29
CA ALA B 385 12.20 -5.45 -37.99
C ALA B 385 13.32 -4.51 -37.54
N GLU B 386 13.29 -3.27 -38.04
CA GLU B 386 14.37 -2.30 -37.84
C GLU B 386 14.21 -1.47 -36.56
N ASP B 387 13.05 -1.55 -35.90
CA ASP B 387 12.79 -0.78 -34.68
C ASP B 387 13.64 -1.30 -33.52
N THR B 388 14.50 -0.44 -32.98
CA THR B 388 15.37 -0.78 -31.85
C THR B 388 14.93 -0.12 -30.53
N THR B 389 13.72 0.42 -30.48
CA THR B 389 13.27 1.18 -29.33
C THR B 389 13.15 0.32 -28.07
N GLU B 390 13.82 0.73 -27.00
CA GLU B 390 13.68 0.09 -25.69
C GLU B 390 12.56 0.75 -24.88
N TYR B 391 11.50 0.01 -24.58
CA TYR B 391 10.45 0.48 -23.68
C TYR B 391 9.99 -0.64 -22.75
N ARG B 392 9.23 -0.26 -21.73
CA ARG B 392 8.67 -1.22 -20.75
C ARG B 392 7.22 -0.88 -20.42
N SER B 393 6.30 -1.73 -20.84
CA SER B 393 4.89 -1.67 -20.44
C SER B 393 4.72 -1.84 -18.92
N ILE B 394 3.66 -1.24 -18.37
CA ILE B 394 3.27 -1.42 -16.97
C ILE B 394 3.07 -2.90 -16.57
N GLN B 395 2.81 -3.77 -17.55
CA GLN B 395 2.70 -5.21 -17.33
C GLN B 395 4.00 -5.95 -17.73
N HIS B 396 5.13 -5.25 -17.77
CA HIS B 396 6.46 -5.87 -17.99
C HIS B 396 6.64 -6.50 -19.38
N TYR B 397 6.12 -5.82 -20.40
CA TYR B 397 6.38 -6.16 -21.81
C TYR B 397 7.22 -5.07 -22.50
N ASN B 398 8.10 -5.49 -23.41
CA ASN B 398 8.90 -4.57 -24.21
C ASN B 398 8.61 -4.66 -25.73
N ASP B 399 7.58 -5.43 -26.10
CA ASP B 399 7.33 -5.80 -27.49
C ASP B 399 5.84 -5.91 -27.84
N ASN B 400 4.99 -5.14 -27.16
CA ASN B 400 3.53 -5.30 -27.23
C ASN B 400 2.71 -4.11 -27.74
N VAL B 401 3.38 -3.07 -28.24
CA VAL B 401 2.68 -1.86 -28.71
C VAL B 401 2.65 -1.83 -30.25
N ILE B 402 1.47 -1.58 -30.80
CA ILE B 402 1.27 -1.42 -32.25
C ILE B 402 2.06 -0.24 -32.80
N ASN B 403 2.55 -0.39 -34.03
CA ASN B 403 3.32 0.66 -34.71
C ASN B 403 2.42 1.44 -35.68
N PRO B 404 2.20 2.74 -35.43
CA PRO B 404 1.40 3.56 -36.34
C PRO B 404 2.04 3.85 -37.71
N ALA B 405 3.35 3.70 -37.85
CA ALA B 405 4.00 3.92 -39.15
C ALA B 405 3.74 2.79 -40.15
N LEU B 406 3.52 1.57 -39.68
CA LEU B 406 3.31 0.42 -40.55
C LEU B 406 1.90 0.42 -41.16
N PRO B 407 1.79 0.13 -42.48
CA PRO B 407 0.47 0.01 -43.10
C PRO B 407 -0.29 -1.25 -42.65
N GLY B 408 0.44 -2.30 -42.27
CA GLY B 408 -0.18 -3.52 -41.75
C GLY B 408 -1.01 -3.34 -40.48
N SER B 409 -0.62 -2.38 -39.64
CA SER B 409 -1.40 -1.95 -38.47
C SER B 409 -2.79 -1.48 -38.83
N TYR B 410 -2.88 -0.71 -39.91
CA TYR B 410 -4.15 -0.14 -40.38
C TYR B 410 -4.98 -1.18 -41.12
N GLU B 411 -4.31 -2.08 -41.83
CA GLU B 411 -4.99 -3.22 -42.45
C GLU B 411 -5.66 -4.04 -41.35
N PHE B 412 -4.85 -4.40 -40.37
CA PHE B 412 -5.29 -5.18 -39.21
C PHE B 412 -6.49 -4.56 -38.49
N ILE B 413 -6.36 -3.31 -38.04
CA ILE B 413 -7.43 -2.67 -37.27
C ILE B 413 -8.72 -2.53 -38.11
N ASP B 414 -8.60 -2.12 -39.37
CA ASP B 414 -9.76 -1.96 -40.26
C ASP B 414 -10.54 -3.28 -40.39
N LYS B 415 -9.82 -4.37 -40.64
CA LYS B 415 -10.45 -5.68 -40.81
C LYS B 415 -11.12 -6.15 -39.52
N VAL B 416 -10.40 -6.04 -38.41
CA VAL B 416 -10.94 -6.43 -37.11
C VAL B 416 -12.18 -5.60 -36.80
N LEU B 417 -12.10 -4.29 -37.00
CA LEU B 417 -13.25 -3.41 -36.74
C LEU B 417 -14.44 -3.65 -37.69
N GLU B 418 -14.17 -3.95 -38.96
CA GLU B 418 -15.23 -4.31 -39.91
C GLU B 418 -16.02 -5.52 -39.41
N GLU B 419 -15.30 -6.58 -39.07
CA GLU B 419 -15.92 -7.82 -38.60
C GLU B 419 -16.57 -7.71 -37.21
N ILE B 420 -15.97 -6.92 -36.32
CA ILE B 420 -16.54 -6.63 -35.01
C ILE B 420 -17.86 -5.85 -35.11
N ALA B 421 -17.86 -4.80 -35.95
CA ALA B 421 -19.06 -3.98 -36.16
C ALA B 421 -20.24 -4.78 -36.71
N ALA B 422 -19.98 -5.61 -37.72
CA ALA B 422 -21.01 -6.47 -38.34
C ALA B 422 -21.54 -7.55 -37.37
N LEU B 423 -20.67 -7.97 -36.47
CA LEU B 423 -20.98 -9.01 -35.49
C LEU B 423 -21.72 -8.49 -34.24
N PHE B 424 -21.32 -7.32 -33.74
CA PHE B 424 -21.94 -6.74 -32.55
C PHE B 424 -22.97 -5.64 -32.90
N PRO B 425 -24.28 -5.94 -32.73
CA PRO B 425 -25.35 -4.99 -33.06
C PRO B 425 -25.36 -3.75 -32.16
N ALA B 426 -24.67 -3.79 -31.04
CA ALA B 426 -24.54 -2.62 -30.18
C ALA B 426 -23.89 -1.44 -30.93
N PRO B 427 -24.48 -0.23 -30.80
CA PRO B 427 -23.94 0.99 -31.42
C PRO B 427 -22.55 1.45 -30.99
N TYR B 428 -21.87 0.72 -30.08
CA TYR B 428 -20.58 1.16 -29.56
C TYR B 428 -19.54 0.05 -29.59
N VAL B 429 -18.28 0.46 -29.80
CA VAL B 429 -17.14 -0.41 -29.75
C VAL B 429 -16.09 0.27 -28.85
N HIS B 430 -15.49 -0.52 -27.95
CA HIS B 430 -14.47 -0.02 -27.00
C HIS B 430 -13.09 -0.31 -27.59
N ILE B 431 -12.24 0.72 -27.69
CA ILE B 431 -10.97 0.61 -28.39
C ILE B 431 -9.75 0.50 -27.46
N GLY B 432 -9.99 0.71 -26.16
CA GLY B 432 -8.98 0.57 -25.13
C GLY B 432 -8.42 1.95 -24.90
N ALA B 433 -7.48 2.33 -25.75
CA ALA B 433 -6.87 3.66 -25.74
C ALA B 433 -6.11 3.98 -24.46
N ALA B 434 -5.58 2.95 -23.82
CA ALA B 434 -4.69 3.14 -22.68
C ALA B 434 -3.40 3.81 -23.14
N GLU B 435 -2.86 4.67 -22.28
CA GLU B 435 -1.63 5.38 -22.55
C GLU B 435 -0.52 4.39 -22.82
N VAL B 436 0.29 4.70 -23.83
CA VAL B 436 1.40 3.84 -24.20
C VAL B 436 2.56 4.05 -23.22
N PRO B 437 3.50 3.08 -23.16
CA PRO B 437 4.70 3.25 -22.37
C PRO B 437 5.50 4.47 -22.83
N ASN B 438 6.17 5.15 -21.90
CA ASN B 438 6.99 6.28 -22.28
C ASN B 438 8.17 5.83 -23.16
N GLY B 439 8.52 6.68 -24.12
CA GLY B 439 9.61 6.42 -25.06
C GLY B 439 9.32 5.44 -26.19
N VAL B 440 8.07 5.01 -26.34
CA VAL B 440 7.73 4.02 -27.38
C VAL B 440 7.82 4.67 -28.76
N TRP B 441 8.25 3.90 -29.77
CA TRP B 441 8.43 4.37 -31.16
C TRP B 441 9.57 5.40 -31.38
N SER B 442 10.24 5.86 -30.31
CA SER B 442 11.21 6.97 -30.42
C SER B 442 12.44 6.62 -31.27
N LYS B 443 12.76 5.33 -31.36
CA LYS B 443 13.89 4.84 -32.17
C LYS B 443 13.40 3.93 -33.30
N SER B 444 12.24 4.30 -33.88
CA SER B 444 11.63 3.56 -34.99
C SER B 444 11.86 4.38 -36.25
N PRO B 445 12.55 3.80 -37.26
CA PRO B 445 12.76 4.51 -38.53
C PRO B 445 11.46 4.99 -39.16
N ALA B 446 10.51 4.07 -39.29
CA ALA B 446 9.22 4.37 -39.92
C ALA B 446 8.42 5.42 -39.16
N CYS B 447 8.46 5.41 -37.82
CA CYS B 447 7.75 6.41 -37.01
C CYS B 447 8.40 7.78 -37.09
N GLN B 448 9.73 7.83 -37.08
CA GLN B 448 10.48 9.08 -37.32
C GLN B 448 10.08 9.73 -38.64
N ALA B 449 9.82 8.92 -39.67
CA ALA B 449 9.32 9.41 -40.97
C ALA B 449 7.90 9.98 -40.89
N LEU B 450 6.97 9.25 -40.26
CA LEU B 450 5.60 9.73 -40.08
C LEU B 450 5.56 11.01 -39.22
N MET B 451 6.44 11.10 -38.23
CA MET B 451 6.56 12.31 -37.39
C MET B 451 6.91 13.56 -38.19
N GLU B 452 7.90 13.42 -39.09
CA GLU B 452 8.29 14.49 -40.02
C GLU B 452 7.17 14.82 -41.02
N GLN B 453 6.52 13.80 -41.55
CA GLN B 453 5.33 13.95 -42.40
C GLN B 453 4.19 14.71 -41.70
N LEU B 454 3.86 14.30 -40.47
CA LEU B 454 2.76 14.91 -39.71
C LEU B 454 3.16 16.21 -38.99
N GLY B 455 4.47 16.46 -38.87
CA GLY B 455 4.98 17.66 -38.23
C GLY B 455 4.96 17.66 -36.71
N TYR B 456 5.01 16.46 -36.10
CA TYR B 456 5.00 16.33 -34.63
C TYR B 456 6.43 16.29 -34.09
N THR B 457 6.62 16.81 -32.87
CA THR B 457 7.89 16.71 -32.13
C THR B 457 7.91 15.64 -31.03
N ASP B 458 6.73 15.25 -30.53
CA ASP B 458 6.61 14.26 -29.45
C ASP B 458 5.92 12.98 -29.96
N TYR B 459 6.57 11.84 -29.74
CA TYR B 459 6.10 10.54 -30.26
C TYR B 459 4.75 10.09 -29.66
N LYS B 460 4.41 10.58 -28.48
CA LYS B 460 3.06 10.37 -27.91
C LYS B 460 1.91 10.85 -28.79
N GLU B 461 2.15 11.89 -29.61
CA GLU B 461 1.12 12.37 -30.53
C GLU B 461 0.74 11.36 -31.62
N LEU B 462 1.59 10.36 -31.88
CA LEU B 462 1.22 9.23 -32.73
C LEU B 462 0.08 8.35 -32.21
N GLN B 463 -0.27 8.46 -30.93
CA GLN B 463 -1.40 7.70 -30.39
C GLN B 463 -2.69 8.25 -30.97
N GLY B 464 -2.82 9.58 -30.96
CA GLY B 464 -3.96 10.26 -31.56
C GLY B 464 -4.10 9.98 -33.04
N HIS B 465 -2.97 9.91 -33.74
CA HIS B 465 -3.01 9.62 -35.16
C HIS B 465 -3.66 8.25 -35.40
N PHE B 466 -3.17 7.25 -34.67
CA PHE B 466 -3.74 5.91 -34.77
C PHE B 466 -5.19 5.85 -34.29
N LEU B 467 -5.49 6.54 -33.19
CA LEU B 467 -6.82 6.48 -32.57
C LEU B 467 -7.87 7.25 -33.36
N ARG B 468 -7.50 8.39 -33.95
CA ARG B 468 -8.42 9.16 -34.80
C ARG B 468 -8.85 8.35 -36.02
N HIS B 469 -7.93 7.56 -36.57
CA HIS B 469 -8.28 6.66 -37.65
C HIS B 469 -9.31 5.63 -37.22
N ALA B 470 -9.11 5.05 -36.03
CA ALA B 470 -10.02 4.05 -35.48
C ALA B 470 -11.41 4.64 -35.26
N GLU B 471 -11.45 5.83 -34.67
CA GLU B 471 -12.72 6.53 -34.46
C GLU B 471 -13.45 6.87 -35.76
N ASP B 472 -12.69 7.38 -36.73
CA ASP B 472 -13.25 7.67 -38.05
C ASP B 472 -13.77 6.39 -38.71
N LYS B 473 -12.98 5.33 -38.66
CA LYS B 473 -13.36 4.04 -39.24
C LYS B 473 -14.66 3.53 -38.63
N LEU B 474 -14.76 3.55 -37.30
CA LEU B 474 -15.98 3.14 -36.60
C LEU B 474 -17.17 4.04 -36.93
N ARG B 475 -16.92 5.32 -37.15
CA ARG B 475 -17.96 6.25 -37.63
C ARG B 475 -18.53 5.82 -38.98
N LYS B 476 -17.64 5.53 -39.94
CA LYS B 476 -18.04 4.95 -41.23
C LYS B 476 -18.83 3.64 -41.05
N LEU B 477 -18.44 2.84 -40.06
CA LEU B 477 -19.14 1.60 -39.70
C LEU B 477 -20.44 1.77 -38.89
N GLY B 478 -20.77 3.00 -38.50
CA GLY B 478 -22.01 3.26 -37.75
C GLY B 478 -21.91 3.09 -36.23
N LYS B 479 -20.69 3.02 -35.71
CA LYS B 479 -20.44 2.79 -34.30
C LYS B 479 -19.84 4.03 -33.66
N ARG B 480 -20.25 4.29 -32.42
CA ARG B 480 -19.62 5.31 -31.58
C ARG B 480 -18.47 4.68 -30.77
N MET B 481 -17.34 5.36 -30.70
CA MET B 481 -16.14 4.79 -30.08
C MET B 481 -16.11 5.03 -28.57
N LEU B 482 -15.62 4.03 -27.82
CA LEU B 482 -15.43 4.11 -26.37
C LEU B 482 -13.94 3.92 -26.02
N GLY B 483 -13.49 4.57 -24.95
CA GLY B 483 -12.10 4.47 -24.51
C GLY B 483 -11.92 4.54 -23.00
N TRP B 484 -10.74 4.15 -22.55
CA TRP B 484 -10.37 4.23 -21.13
C TRP B 484 -9.90 5.64 -20.74
N GLU B 485 -9.85 5.85 -19.42
CA GLU B 485 -9.46 7.13 -18.78
C GLU B 485 -8.50 8.02 -19.57
N GLU B 486 -7.36 7.45 -19.94
CA GLU B 486 -6.26 8.22 -20.51
CA GLU B 486 -6.25 8.20 -20.54
C GLU B 486 -6.53 8.75 -21.93
N ALA B 487 -7.57 8.24 -22.60
CA ALA B 487 -7.92 8.70 -23.94
C ALA B 487 -8.21 10.21 -24.00
N GLN B 488 -8.87 10.74 -22.97
CA GLN B 488 -9.20 12.17 -22.89
C GLN B 488 -8.01 13.12 -22.98
N HIS B 489 -6.84 12.71 -22.49
CA HIS B 489 -5.68 13.60 -22.40
C HIS B 489 -4.98 13.69 -23.73
N GLY B 490 -4.18 14.75 -23.89
CA GLY B 490 -3.66 15.16 -25.20
C GLY B 490 -4.81 15.43 -26.15
N ASN B 491 -4.50 15.52 -27.44
CA ASN B 491 -5.54 15.43 -28.45
C ASN B 491 -5.39 14.07 -29.12
N LYS B 492 -6.32 13.19 -28.77
CA LYS B 492 -6.35 11.83 -29.29
C LYS B 492 -7.66 11.46 -29.94
N VAL B 493 -8.77 11.80 -29.28
CA VAL B 493 -10.10 11.37 -29.70
C VAL B 493 -11.08 12.56 -29.70
N SER B 494 -12.16 12.43 -30.46
CA SER B 494 -13.19 13.46 -30.48
C SER B 494 -13.96 13.44 -29.18
N LYS B 495 -14.74 14.50 -28.95
CA LYS B 495 -15.61 14.61 -27.78
C LYS B 495 -16.79 13.63 -27.84
N ASP B 496 -17.02 13.02 -29.01
CA ASP B 496 -17.95 11.88 -29.15
C ASP B 496 -17.50 10.60 -28.46
N THR B 497 -16.20 10.41 -28.29
CA THR B 497 -15.68 9.21 -27.62
C THR B 497 -16.11 9.19 -26.15
N VAL B 498 -16.69 8.05 -25.74
CA VAL B 498 -17.12 7.85 -24.37
C VAL B 498 -15.92 7.42 -23.53
N ILE B 499 -15.69 8.12 -22.42
CA ILE B 499 -14.54 7.91 -21.56
C ILE B 499 -14.93 7.09 -20.33
N TYR B 500 -14.26 5.96 -20.14
CA TYR B 500 -14.48 5.10 -18.96
C TYR B 500 -13.46 5.49 -17.89
N SER B 501 -13.91 6.29 -16.94
CA SER B 501 -13.03 6.90 -15.97
C SER B 501 -12.79 5.92 -14.83
N TRP B 502 -11.54 5.48 -14.68
CA TRP B 502 -11.13 4.60 -13.59
C TRP B 502 -10.35 5.31 -12.48
N LEU B 503 -9.91 6.55 -12.73
CA LEU B 503 -8.93 7.20 -11.86
C LEU B 503 -9.56 7.65 -10.55
N SER B 504 -10.57 8.48 -10.65
CA SER B 504 -11.30 9.04 -9.49
C SER B 504 -12.56 9.76 -9.98
N GLU B 505 -13.47 10.04 -9.05
CA GLU B 505 -14.71 10.74 -9.40
C GLU B 505 -14.48 12.17 -9.86
N GLU B 506 -13.59 12.89 -9.18
CA GLU B 506 -13.35 14.28 -9.52
C GLU B 506 -12.66 14.41 -10.89
N ALA B 507 -11.76 13.47 -11.20
CA ALA B 507 -11.19 13.40 -12.55
C ALA B 507 -12.24 13.08 -13.64
N ALA B 508 -13.23 12.22 -13.29
CA ALA B 508 -14.35 11.89 -14.19
C ALA B 508 -15.26 13.09 -14.51
N LEU B 509 -15.61 13.84 -13.47
CA LEU B 509 -16.45 15.03 -13.64
C LEU B 509 -15.70 16.09 -14.40
N ASN B 510 -14.41 16.24 -14.12
CA ASN B 510 -13.54 17.09 -14.89
C ASN B 510 -13.57 16.71 -16.37
N CYS B 511 -13.53 15.42 -16.65
CA CYS B 511 -13.66 14.91 -18.02
C CYS B 511 -15.01 15.30 -18.67
N ALA B 512 -16.10 15.14 -17.91
CA ALA B 512 -17.44 15.53 -18.36
C ALA B 512 -17.59 17.02 -18.64
N ARG B 513 -17.03 17.86 -17.77
CA ARG B 513 -16.98 19.30 -17.97
C ARG B 513 -16.17 19.76 -19.19
N GLN B 514 -15.44 18.84 -19.83
CA GLN B 514 -14.73 19.10 -21.08
C GLN B 514 -15.49 18.62 -22.32
N GLY B 515 -16.71 18.08 -22.13
CA GLY B 515 -17.57 17.70 -23.25
C GLY B 515 -17.75 16.21 -23.53
N PHE B 516 -16.96 15.37 -22.84
CA PHE B 516 -17.08 13.92 -23.02
C PHE B 516 -18.24 13.37 -22.20
N ASP B 517 -18.99 12.43 -22.74
CA ASP B 517 -19.84 11.58 -21.90
C ASP B 517 -18.90 10.58 -21.22
N VAL B 518 -19.17 10.28 -19.94
CA VAL B 518 -18.27 9.41 -19.18
C VAL B 518 -19.02 8.27 -18.53
N VAL B 519 -18.31 7.17 -18.33
CA VAL B 519 -18.75 6.03 -17.51
C VAL B 519 -17.86 5.96 -16.27
N LEU B 520 -18.49 5.82 -15.11
CA LEU B 520 -17.75 5.73 -13.86
C LEU B 520 -17.39 4.27 -13.54
N GLN B 521 -16.09 3.98 -13.54
CA GLN B 521 -15.57 2.69 -13.13
C GLN B 521 -14.30 2.90 -12.30
N PRO B 522 -14.43 3.54 -11.12
CA PRO B 522 -13.25 3.86 -10.34
C PRO B 522 -12.58 2.63 -9.71
N ALA B 523 -11.27 2.50 -9.92
CA ALA B 523 -10.46 1.41 -9.39
C ALA B 523 -10.56 1.24 -7.86
N GLN B 524 -10.63 2.37 -7.16
CA GLN B 524 -10.71 2.39 -5.70
C GLN B 524 -11.91 1.61 -5.14
N THR B 525 -12.98 1.46 -5.92
CA THR B 525 -14.18 0.82 -5.39
C THR B 525 -15.03 -0.07 -6.33
N THR B 526 -14.66 -0.21 -7.59
CA THR B 526 -15.46 -1.02 -8.54
C THR B 526 -14.75 -2.27 -9.09
N TYR B 527 -13.52 -2.53 -8.63
CA TYR B 527 -12.65 -3.59 -9.19
C TYR B 527 -12.76 -4.88 -8.37
N LEU B 528 -13.59 -5.80 -8.87
CA LEU B 528 -13.92 -7.03 -8.12
C LEU B 528 -12.77 -8.03 -8.04
N ASP B 529 -11.67 -7.78 -8.75
CA ASP B 529 -10.43 -8.52 -8.52
C ASP B 529 -9.75 -8.19 -7.19
N MET B 530 -10.10 -7.04 -6.61
CA MET B 530 -9.55 -6.65 -5.31
C MET B 530 -9.99 -7.62 -4.22
N THR B 531 -9.09 -7.90 -3.28
CA THR B 531 -9.39 -8.83 -2.17
C THR B 531 -10.55 -8.32 -1.34
N GLN B 532 -11.27 -9.24 -0.71
CA GLN B 532 -12.48 -8.92 0.05
C GLN B 532 -12.27 -8.79 1.56
N ASP B 533 -11.06 -9.01 2.05
CA ASP B 533 -10.77 -8.90 3.47
C ASP B 533 -9.26 -8.74 3.64
N TYR B 534 -8.83 -8.46 4.87
CA TYR B 534 -7.42 -8.21 5.18
C TYR B 534 -6.64 -9.49 5.53
N ALA B 535 -7.35 -10.59 5.74
CA ALA B 535 -6.69 -11.87 6.00
C ALA B 535 -5.78 -12.24 4.84
N PRO B 536 -4.54 -12.68 5.10
CA PRO B 536 -3.62 -12.98 4.00
C PRO B 536 -4.06 -14.15 3.10
N GLU B 537 -4.88 -15.04 3.63
CA GLU B 537 -5.40 -16.20 2.87
C GLU B 537 -6.50 -15.84 1.86
N GLU B 538 -7.10 -14.65 1.96
CA GLU B 538 -8.08 -14.17 0.93
C GLU B 538 -7.48 -14.10 -0.47
N PRO B 539 -8.16 -14.69 -1.47
CA PRO B 539 -7.69 -14.56 -2.85
C PRO B 539 -7.98 -13.18 -3.44
N GLY B 540 -7.08 -12.71 -4.29
CA GLY B 540 -7.23 -11.43 -4.96
C GLY B 540 -5.94 -10.64 -5.06
N VAL B 541 -6.10 -9.42 -5.53
CA VAL B 541 -5.02 -8.44 -5.62
C VAL B 541 -5.46 -7.25 -4.78
N ASP B 542 -4.53 -6.34 -4.49
CA ASP B 542 -4.82 -5.18 -3.63
C ASP B 542 -4.12 -3.89 -4.06
N TRP B 543 -3.73 -3.80 -5.33
CA TRP B 543 -2.93 -2.66 -5.80
C TRP B 543 -3.68 -1.33 -5.63
N ALA B 544 -4.97 -1.32 -5.91
CA ALA B 544 -5.82 -0.16 -5.60
C ALA B 544 -6.02 -0.10 -4.10
N ASN B 545 -6.53 -1.20 -3.56
CA ASN B 545 -6.68 -1.44 -2.12
C ASN B 545 -7.58 -2.66 -1.95
N PRO B 546 -7.60 -3.25 -0.75
CA PRO B 546 -8.62 -4.23 -0.45
C PRO B 546 -10.01 -3.60 -0.58
N LEU B 547 -10.97 -4.40 -1.03
CA LEU B 547 -12.33 -3.94 -1.20
C LEU B 547 -13.29 -4.85 -0.45
N PRO B 548 -13.32 -4.73 0.88
CA PRO B 548 -14.37 -5.45 1.62
C PRO B 548 -15.76 -4.94 1.25
N LEU B 549 -16.74 -5.80 1.45
CA LEU B 549 -18.14 -5.50 1.10
C LEU B 549 -18.62 -4.12 1.59
N GLU B 550 -18.25 -3.75 2.82
CA GLU B 550 -18.67 -2.47 3.39
C GLU B 550 -18.11 -1.27 2.61
N LYS B 551 -16.86 -1.36 2.17
CA LYS B 551 -16.25 -0.31 1.38
C LYS B 551 -16.96 -0.21 0.02
N ALA B 552 -17.32 -1.39 -0.50
CA ALA B 552 -18.04 -1.49 -1.76
C ALA B 552 -19.42 -0.86 -1.67
N TYR B 553 -20.16 -1.22 -0.62
CA TYR B 553 -21.49 -0.64 -0.43
C TYR B 553 -21.45 0.87 -0.16
N ASN B 554 -20.40 1.37 0.49
CA ASN B 554 -20.27 2.80 0.76
C ASN B 554 -19.97 3.65 -0.45
N TYR B 555 -19.62 3.05 -1.57
CA TYR B 555 -19.44 3.79 -2.82
C TYR B 555 -20.77 4.41 -3.24
N GLU B 556 -20.81 5.74 -3.27
CA GLU B 556 -21.99 6.51 -3.62
C GLU B 556 -21.65 7.47 -4.76
N PRO B 557 -21.96 7.10 -6.01
CA PRO B 557 -21.59 7.96 -7.14
C PRO B 557 -22.31 9.30 -7.10
N LEU B 558 -21.54 10.37 -7.30
CA LEU B 558 -22.04 11.74 -7.38
C LEU B 558 -22.76 12.23 -6.10
N ALA B 559 -22.25 11.82 -4.94
CA ALA B 559 -22.87 12.16 -3.65
C ALA B 559 -22.88 13.67 -3.38
N GLU B 560 -21.80 14.38 -3.75
CA GLU B 560 -21.70 15.85 -3.58
C GLU B 560 -22.21 16.68 -4.76
N VAL B 561 -22.86 16.05 -5.75
CA VAL B 561 -23.41 16.76 -6.89
C VAL B 561 -24.88 17.07 -6.58
N PRO B 562 -25.33 18.34 -6.78
CA PRO B 562 -26.77 18.64 -6.63
C PRO B 562 -27.59 18.06 -7.79
N ALA B 563 -28.86 17.74 -7.54
CA ALA B 563 -29.69 17.01 -8.54
C ALA B 563 -29.95 17.79 -9.84
N ASP B 564 -30.05 19.12 -9.73
CA ASP B 564 -30.25 19.99 -10.90
C ASP B 564 -28.97 20.32 -11.68
N ASP B 565 -27.82 19.81 -11.22
CA ASP B 565 -26.55 20.00 -11.94
C ASP B 565 -26.68 19.45 -13.36
N PRO B 566 -26.32 20.26 -14.38
CA PRO B 566 -26.44 19.82 -15.78
C PRO B 566 -25.37 18.82 -16.19
N ILE B 567 -24.35 18.63 -15.36
CA ILE B 567 -23.26 17.69 -15.62
C ILE B 567 -23.70 16.23 -15.56
N ARG B 568 -24.80 15.95 -14.84
CA ARG B 568 -25.39 14.61 -14.79
C ARG B 568 -25.83 14.05 -16.15
N LYS B 569 -26.07 14.92 -17.13
CA LYS B 569 -26.34 14.51 -18.52
C LYS B 569 -25.14 13.86 -19.21
N ARG B 570 -23.94 14.19 -18.72
CA ARG B 570 -22.69 13.57 -19.19
C ARG B 570 -22.36 12.20 -18.61
N ILE B 571 -23.00 11.83 -17.51
CA ILE B 571 -22.71 10.59 -16.81
C ILE B 571 -23.65 9.50 -17.32
N TRP B 572 -23.18 8.71 -18.29
CA TRP B 572 -23.91 7.52 -18.75
C TRP B 572 -24.37 6.66 -17.59
N GLY B 573 -23.46 6.46 -16.66
CA GLY B 573 -23.70 5.63 -15.50
C GLY B 573 -22.42 4.97 -15.02
N ILE B 574 -22.57 3.76 -14.48
CA ILE B 574 -21.55 3.11 -13.67
C ILE B 574 -21.26 1.71 -14.15
N GLN B 575 -20.00 1.29 -13.99
CA GLN B 575 -19.58 -0.06 -14.31
C GLN B 575 -18.73 -0.66 -13.19
N THR B 576 -18.77 -1.99 -13.10
CA THR B 576 -17.90 -2.74 -12.20
C THR B 576 -17.12 -3.78 -13.03
N ALA B 577 -15.84 -3.94 -12.73
CA ALA B 577 -14.96 -4.71 -13.60
C ALA B 577 -14.37 -5.91 -12.88
N LEU B 578 -14.24 -7.03 -13.59
CA LEU B 578 -13.52 -8.20 -13.09
C LEU B 578 -12.31 -8.48 -13.98
N TRP B 579 -11.14 -8.05 -13.51
CA TRP B 579 -9.88 -8.36 -14.18
C TRP B 579 -9.45 -9.75 -13.73
N CYS B 580 -8.88 -10.54 -14.65
CA CYS B 580 -8.72 -11.98 -14.40
C CYS B 580 -7.29 -12.51 -14.50
N GLU B 581 -6.32 -11.69 -14.07
CA GLU B 581 -4.91 -12.11 -13.97
C GLU B 581 -4.71 -13.34 -13.08
N ILE B 582 -5.54 -13.50 -12.05
CA ILE B 582 -5.45 -14.67 -11.15
C ILE B 582 -6.79 -15.41 -11.00
N ILE B 583 -7.70 -15.21 -11.94
CA ILE B 583 -9.01 -15.86 -11.91
C ILE B 583 -9.13 -16.67 -13.20
N ASN B 584 -9.01 -18.00 -13.08
CA ASN B 584 -9.02 -18.91 -14.23
C ASN B 584 -10.06 -20.02 -14.17
N ASN B 585 -11.04 -19.90 -13.27
CA ASN B 585 -12.08 -20.90 -13.11
C ASN B 585 -13.35 -20.33 -12.45
N PRO B 586 -14.51 -20.99 -12.64
CA PRO B 586 -15.81 -20.45 -12.21
C PRO B 586 -15.98 -20.30 -10.72
N SER B 587 -15.43 -21.26 -9.97
CA SER B 587 -15.58 -21.25 -8.52
C SER B 587 -14.95 -19.98 -7.92
N ARG B 588 -13.73 -19.69 -8.36
CA ARG B 588 -13.02 -18.47 -7.96
C ARG B 588 -13.73 -17.22 -8.45
N MET B 589 -14.17 -17.23 -9.70
CA MET B 589 -14.89 -16.10 -10.28
C MET B 589 -16.12 -15.73 -9.47
N ASP B 590 -16.93 -16.73 -9.14
CA ASP B 590 -18.12 -16.53 -8.27
C ASP B 590 -17.75 -15.92 -6.92
N TYR B 591 -16.66 -16.40 -6.35
CA TYR B 591 -16.21 -15.95 -5.04
C TYR B 591 -15.84 -14.46 -5.08
N MET B 592 -15.13 -14.05 -6.13
CA MET B 592 -14.70 -12.67 -6.26
C MET B 592 -15.84 -11.75 -6.69
N ILE B 593 -16.73 -12.23 -7.56
CA ILE B 593 -17.86 -11.41 -8.06
C ILE B 593 -18.93 -11.19 -6.99
N PHE B 594 -19.33 -12.26 -6.31
CA PHE B 594 -20.42 -12.21 -5.33
C PHE B 594 -19.87 -12.31 -3.92
N PRO B 595 -20.42 -11.55 -2.96
CA PRO B 595 -21.65 -10.76 -3.09
C PRO B 595 -21.51 -9.30 -3.55
N ARG B 596 -20.29 -8.81 -3.78
CA ARG B 596 -20.09 -7.39 -4.05
C ARG B 596 -20.81 -6.85 -5.29
N LEU B 597 -21.14 -7.71 -6.25
CA LEU B 597 -21.96 -7.29 -7.38
C LEU B 597 -23.30 -6.69 -6.94
N THR B 598 -23.92 -7.29 -5.92
CA THR B 598 -25.22 -6.82 -5.44
C THR B 598 -25.14 -5.40 -4.87
N ALA B 599 -24.00 -5.07 -4.26
CA ALA B 599 -23.71 -3.69 -3.84
C ALA B 599 -23.53 -2.74 -5.01
N MET B 600 -22.79 -3.19 -6.03
CA MET B 600 -22.54 -2.40 -7.24
C MET B 600 -23.85 -2.10 -7.98
N ALA B 601 -24.71 -3.12 -8.09
CA ALA B 601 -26.03 -2.99 -8.70
C ALA B 601 -26.92 -1.99 -7.96
N GLU B 602 -26.79 -1.96 -6.64
CA GLU B 602 -27.54 -1.01 -5.82
C GLU B 602 -27.07 0.42 -6.04
N ALA B 603 -25.75 0.62 -6.16
CA ALA B 603 -25.22 1.93 -6.53
C ALA B 603 -25.67 2.38 -7.93
N CYS B 604 -25.80 1.41 -8.82
CA CYS B 604 -26.30 1.63 -10.18
C CYS B 604 -27.77 2.03 -10.27
N TRP B 605 -28.61 1.41 -9.44
CA TRP B 605 -30.07 1.50 -9.57
C TRP B 605 -30.74 2.34 -8.47
N THR B 606 -30.40 2.09 -7.22
CA THR B 606 -31.08 2.69 -6.08
C THR B 606 -30.58 4.10 -5.77
N GLU B 607 -31.53 5.02 -5.58
CA GLU B 607 -31.26 6.41 -5.22
C GLU B 607 -30.63 6.46 -3.82
N LYS B 608 -29.66 7.34 -3.65
CA LYS B 608 -28.90 7.54 -2.41
C LYS B 608 -29.74 7.46 -1.13
N GLN B 609 -30.85 8.19 -1.10
CA GLN B 609 -31.77 8.28 0.06
C GLN B 609 -32.43 6.97 0.55
N HIS B 610 -32.46 5.93 -0.28
CA HIS B 610 -32.98 4.62 0.13
C HIS B 610 -31.91 3.57 0.40
N ARG B 611 -30.64 4.01 0.38
CA ARG B 611 -29.49 3.16 0.64
C ARG B 611 -29.14 3.18 2.12
N ASP B 612 -28.99 2.00 2.71
CA ASP B 612 -28.58 1.88 4.10
C ASP B 612 -27.86 0.55 4.30
N TRP B 613 -26.66 0.63 4.87
CA TRP B 613 -25.78 -0.53 5.02
C TRP B 613 -26.44 -1.66 5.83
N THR B 614 -27.12 -1.31 6.92
CA THR B 614 -27.81 -2.29 7.76
C THR B 614 -29.00 -2.93 7.03
N ASP B 615 -29.81 -2.10 6.38
CA ASP B 615 -30.93 -2.57 5.55
C ASP B 615 -30.45 -3.45 4.38
N TYR B 616 -29.40 -2.99 3.71
CA TYR B 616 -28.76 -3.76 2.63
C TYR B 616 -28.32 -5.13 3.13
N LEU B 617 -27.67 -5.19 4.28
CA LEU B 617 -27.20 -6.46 4.81
C LEU B 617 -28.32 -7.44 5.14
N SER B 618 -29.45 -6.93 5.63
CA SER B 618 -30.60 -7.80 5.93
C SER B 618 -31.20 -8.36 4.64
N ARG B 619 -31.33 -7.51 3.63
CA ARG B 619 -31.79 -7.93 2.30
C ARG B 619 -30.83 -8.92 1.66
N LEU B 620 -29.53 -8.66 1.75
CA LEU B 620 -28.53 -9.61 1.25
C LEU B 620 -28.63 -10.96 1.95
N LYS B 621 -28.82 -10.95 3.26
CA LYS B 621 -28.93 -12.19 4.04
C LYS B 621 -30.10 -13.06 3.57
N GLY B 622 -31.23 -12.43 3.29
CA GLY B 622 -32.40 -13.12 2.76
C GLY B 622 -32.27 -13.55 1.32
N HIS B 623 -31.41 -12.87 0.55
CA HIS B 623 -31.08 -13.26 -0.82
C HIS B 623 -30.18 -14.49 -0.92
N LEU B 624 -29.37 -14.76 0.11
CA LEU B 624 -28.36 -15.84 0.03
C LEU B 624 -28.90 -17.25 -0.26
N PRO B 625 -30.08 -17.61 0.28
CA PRO B 625 -30.67 -18.90 -0.09
C PRO B 625 -30.96 -19.07 -1.58
N LEU B 626 -31.31 -17.96 -2.25
CA LEU B 626 -31.53 -17.96 -3.70
C LEU B 626 -30.22 -18.19 -4.46
N LEU B 627 -29.12 -17.58 -4.00
CA LEU B 627 -27.80 -17.87 -4.57
C LEU B 627 -27.34 -19.31 -4.31
N ASP B 628 -27.75 -19.89 -3.19
CA ASP B 628 -27.45 -21.30 -2.86
C ASP B 628 -28.16 -22.27 -3.81
N LEU B 629 -29.43 -22.02 -4.13
CA LEU B 629 -30.17 -22.83 -5.11
C LEU B 629 -29.49 -22.82 -6.49
N GLN B 630 -28.97 -21.67 -6.89
CA GLN B 630 -28.27 -21.53 -8.17
C GLN B 630 -26.84 -22.09 -8.18
N GLY B 631 -26.33 -22.49 -7.00
CA GLY B 631 -25.00 -23.06 -6.89
C GLY B 631 -23.89 -22.04 -7.10
N VAL B 632 -24.18 -20.77 -6.83
CA VAL B 632 -23.20 -19.70 -6.97
C VAL B 632 -22.26 -19.75 -5.77
N ASN B 633 -20.96 -19.92 -6.02
CA ASN B 633 -19.95 -19.99 -4.97
C ASN B 633 -19.50 -18.61 -4.48
N TYR B 634 -20.41 -17.90 -3.85
CA TYR B 634 -20.14 -16.56 -3.30
C TYR B 634 -19.34 -16.64 -2.01
N ARG B 635 -18.77 -15.51 -1.61
CA ARG B 635 -18.03 -15.43 -0.36
C ARG B 635 -19.02 -15.20 0.78
N LYS B 636 -19.02 -16.12 1.75
CA LYS B 636 -19.97 -16.07 2.86
C LYS B 636 -19.68 -14.86 3.76
N PRO B 637 -20.62 -13.89 3.82
CA PRO B 637 -20.35 -12.71 4.66
C PRO B 637 -20.45 -12.97 6.17
N TRP B 638 -21.19 -14.00 6.58
CA TRP B 638 -21.34 -14.37 8.00
C TRP B 638 -20.69 -15.71 8.25
N LYS B 639 -19.49 -15.66 8.85
CA LYS B 639 -18.64 -16.84 9.00
C LYS B 639 -18.04 -16.89 10.41
O1 PG4 C . -5.84 17.08 9.69
C1 PG4 C . -4.57 16.98 10.34
C2 PG4 C . -4.07 18.38 10.67
O2 PG4 C . -2.65 18.44 10.50
C3 PG4 C . -2.05 19.56 11.16
C4 PG4 C . -1.51 19.13 12.53
O3 PG4 C . -0.09 19.30 12.58
C5 PG4 C . 0.39 19.89 13.78
C6 PG4 C . 1.87 19.54 13.94
O4 PG4 C . 2.68 20.12 12.91
C7 PG4 C . 2.79 21.55 12.98
C8 PG4 C . 4.24 21.99 13.16
O5 PG4 C . 4.86 22.40 11.92
C1 PEG D . 13.58 22.12 35.83
O1 PEG D . 14.76 22.16 35.02
C2 PEG D . 13.81 22.73 37.21
O2 PEG D . 12.76 23.68 37.49
C3 PEG D . 13.18 25.02 37.69
C4 PEG D . 12.18 25.99 37.08
O4 PEG D . 12.59 27.35 37.28
C1 PEG E . -32.93 0.46 -18.88
O1 PEG E . -31.91 -0.43 -19.37
C2 PEG E . -32.38 1.76 -18.31
O2 PEG E . -33.15 2.91 -18.66
C3 PEG E . -32.66 4.13 -18.07
C4 PEG E . -33.64 5.30 -18.27
O4 PEG E . -33.90 6.05 -17.07
O1 PG4 F . -11.57 -22.49 -6.64
C1 PG4 F . -12.51 -22.05 -5.65
C2 PG4 F . -11.80 -21.50 -4.43
O2 PG4 F . -12.20 -20.14 -4.20
C3 PG4 F . -13.40 -20.04 -3.43
C4 PG4 F . -13.17 -20.39 -1.96
O3 PG4 F . -11.88 -19.89 -1.57
C5 PG4 F . -11.39 -20.43 -0.35
C6 PG4 F . -11.56 -19.39 0.76
O4 PG4 F . -10.39 -18.57 0.83
C7 PG4 F . -9.82 -18.44 2.13
C8 PG4 F . -10.72 -17.59 3.04
O5 PG4 F . -10.06 -17.26 4.27
#